data_3BRI
# 
_entry.id   3BRI 
# 
_audit_conform.dict_name       mmcif_pdbx.dic 
_audit_conform.dict_version    5.387 
_audit_conform.dict_location   http://mmcif.pdb.org/dictionaries/ascii/mmcif_pdbx.dic 
# 
loop_
_database_2.database_id 
_database_2.database_code 
_database_2.pdbx_database_accession 
_database_2.pdbx_DOI 
PDB   3BRI         pdb_00003bri 10.2210/pdb3bri/pdb 
RCSB  RCSB045877   ?            ?                   
WWPDB D_1000045877 ?            ?                   
# 
loop_
_pdbx_audit_revision_history.ordinal 
_pdbx_audit_revision_history.data_content_type 
_pdbx_audit_revision_history.major_revision 
_pdbx_audit_revision_history.minor_revision 
_pdbx_audit_revision_history.revision_date 
1 'Structure model' 1 0 2008-12-02 
2 'Structure model' 1 1 2011-07-13 
3 'Structure model' 1 2 2017-10-25 
4 'Structure model' 1 3 2024-02-21 
# 
_pdbx_audit_revision_details.ordinal             1 
_pdbx_audit_revision_details.revision_ordinal    1 
_pdbx_audit_revision_details.data_content_type   'Structure model' 
_pdbx_audit_revision_details.provider            repository 
_pdbx_audit_revision_details.type                'Initial release' 
_pdbx_audit_revision_details.description         ? 
_pdbx_audit_revision_details.details             ? 
# 
loop_
_pdbx_audit_revision_group.ordinal 
_pdbx_audit_revision_group.revision_ordinal 
_pdbx_audit_revision_group.data_content_type 
_pdbx_audit_revision_group.group 
1 2 'Structure model' 'Version format compliance' 
2 3 'Structure model' 'Refinement description'    
3 4 'Structure model' 'Data collection'           
4 4 'Structure model' 'Database references'       
5 4 'Structure model' 'Derived calculations'      
# 
loop_
_pdbx_audit_revision_category.ordinal 
_pdbx_audit_revision_category.revision_ordinal 
_pdbx_audit_revision_category.data_content_type 
_pdbx_audit_revision_category.category 
1 3 'Structure model' software       
2 4 'Structure model' chem_comp_atom 
3 4 'Structure model' chem_comp_bond 
4 4 'Structure model' database_2     
5 4 'Structure model' struct_site    
# 
loop_
_pdbx_audit_revision_item.ordinal 
_pdbx_audit_revision_item.revision_ordinal 
_pdbx_audit_revision_item.data_content_type 
_pdbx_audit_revision_item.item 
1 4 'Structure model' '_database_2.pdbx_DOI'                
2 4 'Structure model' '_database_2.pdbx_database_accession' 
3 4 'Structure model' '_struct_site.pdbx_auth_asym_id'      
4 4 'Structure model' '_struct_site.pdbx_auth_comp_id'      
5 4 'Structure model' '_struct_site.pdbx_auth_seq_id'       
# 
_pdbx_database_status.entry_id                        3BRI 
_pdbx_database_status.deposit_site                    RCSB 
_pdbx_database_status.process_site                    RCSB 
_pdbx_database_status.recvd_initial_deposition_date   2007-12-21 
_pdbx_database_status.status_code                     REL 
_pdbx_database_status.status_code_sf                  REL 
_pdbx_database_status.status_code_mr                  ? 
_pdbx_database_status.SG_entry                        ? 
_pdbx_database_status.pdb_format_compatible           Y 
_pdbx_database_status.status_code_cs                  ? 
_pdbx_database_status.methods_development_category    ? 
_pdbx_database_status.status_code_nmr_data            ? 
# 
_pdbx_database_related.db_name        PDB 
_pdbx_database_related.db_id          3BRL 
_pdbx_database_related.details        . 
_pdbx_database_related.content_type   unspecified 
# 
loop_
_audit_author.name 
_audit_author.pdbx_ordinal 
'Benison, G.'   1 
'Karplus, P.A.' 2 
'Barbar, E.'    3 
'Chiodo, M.'    4 
# 
_citation.id                        primary 
_citation.title                     
'The Interplay of Ligand Binding and Quaternary Structure in the Diverse Interactions of Dynein Light Chain LC8.' 
_citation.journal_abbrev            J.Mol.Biol. 
_citation.journal_volume            384 
_citation.page_first                954 
_citation.page_last                 966 
_citation.year                      2008 
_citation.journal_id_ASTM           JMOBAK 
_citation.country                   UK 
_citation.journal_id_ISSN           0022-2836 
_citation.journal_id_CSD            0070 
_citation.book_publisher            ? 
_citation.pdbx_database_id_PubMed   18948118 
_citation.pdbx_database_id_DOI      10.1016/j.jmb.2008.09.083 
# 
loop_
_citation_author.citation_id 
_citation_author.name 
_citation_author.ordinal 
_citation_author.identifier_ORCID 
primary 'Benison, G.'   1 ? 
primary 'Karplus, P.A.' 2 ? 
primary 'Barbar, E.'    3 ? 
# 
loop_
_entity.id 
_entity.type 
_entity.src_method 
_entity.pdbx_description 
_entity.formula_weight 
_entity.pdbx_number_of_molecules 
_entity.pdbx_ec 
_entity.pdbx_mutation 
_entity.pdbx_fragment 
_entity.details 
1 polymer     man 'Dynein light chain 1, cytoplasmic' 10388.849 1   ? ? ? ? 
2 non-polymer syn 'ACETATE ION'                       59.044    1   ? ? ? ? 
3 non-polymer syn 'SULFATE ION'                       96.063    1   ? ? ? ? 
4 water       nat water                               18.015    109 ? ? ? ? 
# 
_entity_name_com.entity_id   1 
_entity_name_com.name        '8 kDa dynein light chain, Cut up protein' 
# 
_entity_poly.entity_id                      1 
_entity_poly.type                           'polypeptide(L)' 
_entity_poly.nstd_linkage                   no 
_entity_poly.nstd_monomer                   no 
_entity_poly.pdbx_seq_one_letter_code       
;MSDRKAVIKNADMSEEMQQDAVDCATQALEKYNIEKDIAAYIKKEFDKKYNPTWHCIVGRNFGSYVTHETRHFIYFYLGQ
VAILLFKSG
;
_entity_poly.pdbx_seq_one_letter_code_can   
;MSDRKAVIKNADMSEEMQQDAVDCATQALEKYNIEKDIAAYIKKEFDKKYNPTWHCIVGRNFGSYVTHETRHFIYFYLGQ
VAILLFKSG
;
_entity_poly.pdbx_strand_id                 A 
_entity_poly.pdbx_target_identifier         ? 
# 
loop_
_pdbx_entity_nonpoly.entity_id 
_pdbx_entity_nonpoly.name 
_pdbx_entity_nonpoly.comp_id 
2 'ACETATE ION' ACT 
3 'SULFATE ION' SO4 
4 water         HOH 
# 
loop_
_entity_poly_seq.entity_id 
_entity_poly_seq.num 
_entity_poly_seq.mon_id 
_entity_poly_seq.hetero 
1 1  MET n 
1 2  SER n 
1 3  ASP n 
1 4  ARG n 
1 5  LYS n 
1 6  ALA n 
1 7  VAL n 
1 8  ILE n 
1 9  LYS n 
1 10 ASN n 
1 11 ALA n 
1 12 ASP n 
1 13 MET n 
1 14 SER n 
1 15 GLU n 
1 16 GLU n 
1 17 MET n 
1 18 GLN n 
1 19 GLN n 
1 20 ASP n 
1 21 ALA n 
1 22 VAL n 
1 23 ASP n 
1 24 CYS n 
1 25 ALA n 
1 26 THR n 
1 27 GLN n 
1 28 ALA n 
1 29 LEU n 
1 30 GLU n 
1 31 LYS n 
1 32 TYR n 
1 33 ASN n 
1 34 ILE n 
1 35 GLU n 
1 36 LYS n 
1 37 ASP n 
1 38 ILE n 
1 39 ALA n 
1 40 ALA n 
1 41 TYR n 
1 42 ILE n 
1 43 LYS n 
1 44 LYS n 
1 45 GLU n 
1 46 PHE n 
1 47 ASP n 
1 48 LYS n 
1 49 LYS n 
1 50 TYR n 
1 51 ASN n 
1 52 PRO n 
1 53 THR n 
1 54 TRP n 
1 55 HIS n 
1 56 CYS n 
1 57 ILE n 
1 58 VAL n 
1 59 GLY n 
1 60 ARG n 
1 61 ASN n 
1 62 PHE n 
1 63 GLY n 
1 64 SER n 
1 65 TYR n 
1 66 VAL n 
1 67 THR n 
1 68 HIS n 
1 69 GLU n 
1 70 THR n 
1 71 ARG n 
1 72 HIS n 
1 73 PHE n 
1 74 ILE n 
1 75 TYR n 
1 76 PHE n 
1 77 TYR n 
1 78 LEU n 
1 79 GLY n 
1 80 GLN n 
1 81 VAL n 
1 82 ALA n 
1 83 ILE n 
1 84 LEU n 
1 85 LEU n 
1 86 PHE n 
1 87 LYS n 
1 88 SER n 
1 89 GLY n 
# 
_entity_src_gen.entity_id                          1 
_entity_src_gen.pdbx_src_id                        1 
_entity_src_gen.pdbx_alt_source_flag               sample 
_entity_src_gen.pdbx_seq_type                      ? 
_entity_src_gen.pdbx_beg_seq_num                   ? 
_entity_src_gen.pdbx_end_seq_num                   ? 
_entity_src_gen.gene_src_common_name               'Fruit fly' 
_entity_src_gen.gene_src_genus                     ? 
_entity_src_gen.pdbx_gene_src_gene                 'ctp, Cdlc1, ddlc1' 
_entity_src_gen.gene_src_species                   ? 
_entity_src_gen.gene_src_strain                    ? 
_entity_src_gen.gene_src_tissue                    ? 
_entity_src_gen.gene_src_tissue_fraction           ? 
_entity_src_gen.gene_src_details                   ? 
_entity_src_gen.pdbx_gene_src_fragment             ? 
_entity_src_gen.pdbx_gene_src_scientific_name      'Drosophila melanogaster' 
_entity_src_gen.pdbx_gene_src_ncbi_taxonomy_id     ? 
_entity_src_gen.pdbx_gene_src_variant              ? 
_entity_src_gen.pdbx_gene_src_cell_line            ? 
_entity_src_gen.pdbx_gene_src_atcc                 ? 
_entity_src_gen.pdbx_gene_src_organ                ? 
_entity_src_gen.pdbx_gene_src_organelle            ? 
_entity_src_gen.pdbx_gene_src_cell                 ? 
_entity_src_gen.pdbx_gene_src_cellular_location    ? 
_entity_src_gen.host_org_common_name               ? 
_entity_src_gen.pdbx_host_org_scientific_name      'Escherichia coli' 
_entity_src_gen.pdbx_host_org_ncbi_taxonomy_id     ? 
_entity_src_gen.host_org_genus                     ? 
_entity_src_gen.pdbx_host_org_gene                 ? 
_entity_src_gen.pdbx_host_org_organ                ? 
_entity_src_gen.host_org_species                   ? 
_entity_src_gen.pdbx_host_org_tissue               ? 
_entity_src_gen.pdbx_host_org_tissue_fraction      ? 
_entity_src_gen.pdbx_host_org_strain               'BL21(DE3)' 
_entity_src_gen.pdbx_host_org_variant              ? 
_entity_src_gen.pdbx_host_org_cell_line            ? 
_entity_src_gen.pdbx_host_org_atcc                 ? 
_entity_src_gen.pdbx_host_org_culture_collection   ? 
_entity_src_gen.pdbx_host_org_cell                 ? 
_entity_src_gen.pdbx_host_org_organelle            ? 
_entity_src_gen.pdbx_host_org_cellular_location    ? 
_entity_src_gen.pdbx_host_org_vector_type          plasmid 
_entity_src_gen.pdbx_host_org_vector               ? 
_entity_src_gen.host_org_details                   ? 
_entity_src_gen.expression_system_id               ? 
_entity_src_gen.plasmid_name                       pET15b 
_entity_src_gen.plasmid_details                    ? 
_entity_src_gen.pdbx_description                   ? 
# 
loop_
_chem_comp.id 
_chem_comp.type 
_chem_comp.mon_nstd_flag 
_chem_comp.name 
_chem_comp.pdbx_synonyms 
_chem_comp.formula 
_chem_comp.formula_weight 
ACT non-polymer         . 'ACETATE ION'   ? 'C2 H3 O2 -1'    59.044  
ALA 'L-peptide linking' y ALANINE         ? 'C3 H7 N O2'     89.093  
ARG 'L-peptide linking' y ARGININE        ? 'C6 H15 N4 O2 1' 175.209 
ASN 'L-peptide linking' y ASPARAGINE      ? 'C4 H8 N2 O3'    132.118 
ASP 'L-peptide linking' y 'ASPARTIC ACID' ? 'C4 H7 N O4'     133.103 
CYS 'L-peptide linking' y CYSTEINE        ? 'C3 H7 N O2 S'   121.158 
GLN 'L-peptide linking' y GLUTAMINE       ? 'C5 H10 N2 O3'   146.144 
GLU 'L-peptide linking' y 'GLUTAMIC ACID' ? 'C5 H9 N O4'     147.129 
GLY 'peptide linking'   y GLYCINE         ? 'C2 H5 N O2'     75.067  
HIS 'L-peptide linking' y HISTIDINE       ? 'C6 H10 N3 O2 1' 156.162 
HOH non-polymer         . WATER           ? 'H2 O'           18.015  
ILE 'L-peptide linking' y ISOLEUCINE      ? 'C6 H13 N O2'    131.173 
LEU 'L-peptide linking' y LEUCINE         ? 'C6 H13 N O2'    131.173 
LYS 'L-peptide linking' y LYSINE          ? 'C6 H15 N2 O2 1' 147.195 
MET 'L-peptide linking' y METHIONINE      ? 'C5 H11 N O2 S'  149.211 
PHE 'L-peptide linking' y PHENYLALANINE   ? 'C9 H11 N O2'    165.189 
PRO 'L-peptide linking' y PROLINE         ? 'C5 H9 N O2'     115.130 
SER 'L-peptide linking' y SERINE          ? 'C3 H7 N O3'     105.093 
SO4 non-polymer         . 'SULFATE ION'   ? 'O4 S -2'        96.063  
THR 'L-peptide linking' y THREONINE       ? 'C4 H9 N O3'     119.119 
TRP 'L-peptide linking' y TRYPTOPHAN      ? 'C11 H12 N2 O2'  204.225 
TYR 'L-peptide linking' y TYROSINE        ? 'C9 H11 N O3'    181.189 
VAL 'L-peptide linking' y VALINE          ? 'C5 H11 N O2'    117.146 
# 
loop_
_pdbx_poly_seq_scheme.asym_id 
_pdbx_poly_seq_scheme.entity_id 
_pdbx_poly_seq_scheme.seq_id 
_pdbx_poly_seq_scheme.mon_id 
_pdbx_poly_seq_scheme.ndb_seq_num 
_pdbx_poly_seq_scheme.pdb_seq_num 
_pdbx_poly_seq_scheme.auth_seq_num 
_pdbx_poly_seq_scheme.pdb_mon_id 
_pdbx_poly_seq_scheme.auth_mon_id 
_pdbx_poly_seq_scheme.pdb_strand_id 
_pdbx_poly_seq_scheme.pdb_ins_code 
_pdbx_poly_seq_scheme.hetero 
A 1 1  MET 1  1  ?  ?   ?   A . n 
A 1 2  SER 2  2  ?  ?   ?   A . n 
A 1 3  ASP 3  3  3  ASP ASP A . n 
A 1 4  ARG 4  4  4  ARG ARG A . n 
A 1 5  LYS 5  5  5  LYS LYS A . n 
A 1 6  ALA 6  6  6  ALA ALA A . n 
A 1 7  VAL 7  7  7  VAL VAL A . n 
A 1 8  ILE 8  8  8  ILE ILE A . n 
A 1 9  LYS 9  9  9  LYS LYS A . n 
A 1 10 ASN 10 10 10 ASN ASN A . n 
A 1 11 ALA 11 11 11 ALA ALA A . n 
A 1 12 ASP 12 12 12 ASP ASP A . n 
A 1 13 MET 13 13 13 MET MET A . n 
A 1 14 SER 14 14 14 SER SER A . n 
A 1 15 GLU 15 15 15 GLU GLU A . n 
A 1 16 GLU 16 16 16 GLU GLU A . n 
A 1 17 MET 17 17 17 MET MET A . n 
A 1 18 GLN 18 18 18 GLN GLN A . n 
A 1 19 GLN 19 19 19 GLN GLN A . n 
A 1 20 ASP 20 20 20 ASP ASP A . n 
A 1 21 ALA 21 21 21 ALA ALA A . n 
A 1 22 VAL 22 22 22 VAL VAL A . n 
A 1 23 ASP 23 23 23 ASP ASP A . n 
A 1 24 CYS 24 24 24 CYS CYS A . n 
A 1 25 ALA 25 25 25 ALA ALA A . n 
A 1 26 THR 26 26 26 THR THR A . n 
A 1 27 GLN 27 27 27 GLN GLN A . n 
A 1 28 ALA 28 28 28 ALA ALA A . n 
A 1 29 LEU 29 29 29 LEU LEU A . n 
A 1 30 GLU 30 30 30 GLU GLU A . n 
A 1 31 LYS 31 31 31 LYS LYS A . n 
A 1 32 TYR 32 32 32 TYR TYR A . n 
A 1 33 ASN 33 33 33 ASN ASN A . n 
A 1 34 ILE 34 34 34 ILE ILE A . n 
A 1 35 GLU 35 35 35 GLU GLU A . n 
A 1 36 LYS 36 36 36 LYS LYS A . n 
A 1 37 ASP 37 37 37 ASP ASP A . n 
A 1 38 ILE 38 38 38 ILE ILE A . n 
A 1 39 ALA 39 39 39 ALA ALA A . n 
A 1 40 ALA 40 40 40 ALA ALA A . n 
A 1 41 TYR 41 41 41 TYR TYR A . n 
A 1 42 ILE 42 42 42 ILE ILE A . n 
A 1 43 LYS 43 43 43 LYS LYS A . n 
A 1 44 LYS 44 44 44 LYS LYS A . n 
A 1 45 GLU 45 45 45 GLU GLU A . n 
A 1 46 PHE 46 46 46 PHE PHE A . n 
A 1 47 ASP 47 47 47 ASP ASP A . n 
A 1 48 LYS 48 48 48 LYS LYS A . n 
A 1 49 LYS 49 49 49 LYS LYS A . n 
A 1 50 TYR 50 50 50 TYR TYR A . n 
A 1 51 ASN 51 51 51 ASN ASN A . n 
A 1 52 PRO 52 52 52 PRO PRO A . n 
A 1 53 THR 53 53 53 THR THR A . n 
A 1 54 TRP 54 54 54 TRP TRP A . n 
A 1 55 HIS 55 55 55 HIS HIS A . n 
A 1 56 CYS 56 56 56 CYS CYS A . n 
A 1 57 ILE 57 57 57 ILE ILE A . n 
A 1 58 VAL 58 58 58 VAL VAL A . n 
A 1 59 GLY 59 59 59 GLY GLY A . n 
A 1 60 ARG 60 60 60 ARG ARG A . n 
A 1 61 ASN 61 61 61 ASN ASN A . n 
A 1 62 PHE 62 62 62 PHE PHE A . n 
A 1 63 GLY 63 63 63 GLY GLY A . n 
A 1 64 SER 64 64 64 SER SER A . n 
A 1 65 TYR 65 65 65 TYR TYR A . n 
A 1 66 VAL 66 66 66 VAL VAL A . n 
A 1 67 THR 67 67 67 THR THR A . n 
A 1 68 HIS 68 68 68 HIS HIS A . n 
A 1 69 GLU 69 69 69 GLU GLU A . n 
A 1 70 THR 70 70 70 THR THR A . n 
A 1 71 ARG 71 71 71 ARG ARG A . n 
A 1 72 HIS 72 72 72 HIS HIS A . n 
A 1 73 PHE 73 73 73 PHE PHE A . n 
A 1 74 ILE 74 74 74 ILE ILE A . n 
A 1 75 TYR 75 75 75 TYR TYR A . n 
A 1 76 PHE 76 76 76 PHE PHE A . n 
A 1 77 TYR 77 77 77 TYR TYR A . n 
A 1 78 LEU 78 78 78 LEU LEU A . n 
A 1 79 GLY 79 79 79 GLY GLY A . n 
A 1 80 GLN 80 80 80 GLN GLN A . n 
A 1 81 VAL 81 81 81 VAL VAL A . n 
A 1 82 ALA 82 82 82 ALA ALA A . n 
A 1 83 ILE 83 83 83 ILE ILE A . n 
A 1 84 LEU 84 84 84 LEU LEU A . n 
A 1 85 LEU 85 85 85 LEU LEU A . n 
A 1 86 PHE 86 86 86 PHE PHE A . n 
A 1 87 LYS 87 87 87 LYS LYS A . n 
A 1 88 SER 88 88 88 SER SER A . n 
A 1 89 GLY 89 89 89 GLY GLY A . n 
# 
loop_
_pdbx_nonpoly_scheme.asym_id 
_pdbx_nonpoly_scheme.entity_id 
_pdbx_nonpoly_scheme.mon_id 
_pdbx_nonpoly_scheme.ndb_seq_num 
_pdbx_nonpoly_scheme.pdb_seq_num 
_pdbx_nonpoly_scheme.auth_seq_num 
_pdbx_nonpoly_scheme.pdb_mon_id 
_pdbx_nonpoly_scheme.auth_mon_id 
_pdbx_nonpoly_scheme.pdb_strand_id 
_pdbx_nonpoly_scheme.pdb_ins_code 
B 2 ACT 1   91  91  ACT ACT A . 
C 3 SO4 1   92  1   SO4 SO4 A . 
D 4 HOH 1   93  1   HOH HOH A . 
D 4 HOH 2   94  2   HOH HOH A . 
D 4 HOH 3   95  3   HOH HOH A . 
D 4 HOH 4   96  4   HOH HOH A . 
D 4 HOH 5   97  5   HOH HOH A . 
D 4 HOH 6   98  6   HOH HOH A . 
D 4 HOH 7   99  7   HOH HOH A . 
D 4 HOH 8   100 8   HOH HOH A . 
D 4 HOH 9   101 9   HOH HOH A . 
D 4 HOH 10  102 10  HOH HOH A . 
D 4 HOH 11  103 11  HOH HOH A . 
D 4 HOH 12  104 12  HOH HOH A . 
D 4 HOH 13  105 13  HOH HOH A . 
D 4 HOH 14  106 14  HOH HOH A . 
D 4 HOH 15  107 15  HOH HOH A . 
D 4 HOH 16  108 16  HOH HOH A . 
D 4 HOH 17  109 17  HOH HOH A . 
D 4 HOH 18  110 18  HOH HOH A . 
D 4 HOH 19  111 19  HOH HOH A . 
D 4 HOH 20  112 20  HOH HOH A . 
D 4 HOH 21  113 21  HOH HOH A . 
D 4 HOH 22  114 22  HOH HOH A . 
D 4 HOH 23  115 23  HOH HOH A . 
D 4 HOH 24  116 24  HOH HOH A . 
D 4 HOH 25  117 25  HOH HOH A . 
D 4 HOH 26  118 26  HOH HOH A . 
D 4 HOH 27  119 27  HOH HOH A . 
D 4 HOH 28  120 28  HOH HOH A . 
D 4 HOH 29  121 29  HOH HOH A . 
D 4 HOH 30  122 30  HOH HOH A . 
D 4 HOH 31  123 31  HOH HOH A . 
D 4 HOH 32  124 32  HOH HOH A . 
D 4 HOH 33  125 33  HOH HOH A . 
D 4 HOH 34  126 34  HOH HOH A . 
D 4 HOH 35  127 35  HOH HOH A . 
D 4 HOH 36  128 36  HOH HOH A . 
D 4 HOH 37  129 37  HOH HOH A . 
D 4 HOH 38  130 38  HOH HOH A . 
D 4 HOH 39  131 39  HOH HOH A . 
D 4 HOH 40  132 40  HOH HOH A . 
D 4 HOH 41  133 41  HOH HOH A . 
D 4 HOH 42  134 42  HOH HOH A . 
D 4 HOH 43  135 43  HOH HOH A . 
D 4 HOH 44  136 44  HOH HOH A . 
D 4 HOH 45  137 45  HOH HOH A . 
D 4 HOH 46  138 46  HOH HOH A . 
D 4 HOH 47  139 47  HOH HOH A . 
D 4 HOH 48  140 48  HOH HOH A . 
D 4 HOH 49  141 49  HOH HOH A . 
D 4 HOH 50  142 50  HOH HOH A . 
D 4 HOH 51  143 51  HOH HOH A . 
D 4 HOH 52  144 52  HOH HOH A . 
D 4 HOH 53  145 53  HOH HOH A . 
D 4 HOH 54  146 54  HOH HOH A . 
D 4 HOH 55  147 55  HOH HOH A . 
D 4 HOH 56  148 56  HOH HOH A . 
D 4 HOH 57  149 57  HOH HOH A . 
D 4 HOH 58  150 58  HOH HOH A . 
D 4 HOH 59  151 59  HOH HOH A . 
D 4 HOH 60  152 60  HOH HOH A . 
D 4 HOH 61  153 61  HOH HOH A . 
D 4 HOH 62  154 62  HOH HOH A . 
D 4 HOH 63  155 63  HOH HOH A . 
D 4 HOH 64  156 64  HOH HOH A . 
D 4 HOH 65  157 65  HOH HOH A . 
D 4 HOH 66  158 66  HOH HOH A . 
D 4 HOH 67  159 67  HOH HOH A . 
D 4 HOH 68  160 68  HOH HOH A . 
D 4 HOH 69  161 69  HOH HOH A . 
D 4 HOH 70  162 70  HOH HOH A . 
D 4 HOH 71  163 71  HOH HOH A . 
D 4 HOH 72  164 72  HOH HOH A . 
D 4 HOH 73  165 73  HOH HOH A . 
D 4 HOH 74  166 74  HOH HOH A . 
D 4 HOH 75  167 75  HOH HOH A . 
D 4 HOH 76  168 76  HOH HOH A . 
D 4 HOH 77  169 77  HOH HOH A . 
D 4 HOH 78  170 78  HOH HOH A . 
D 4 HOH 79  171 79  HOH HOH A . 
D 4 HOH 80  172 80  HOH HOH A . 
D 4 HOH 81  173 81  HOH HOH A . 
D 4 HOH 82  174 82  HOH HOH A . 
D 4 HOH 83  175 83  HOH HOH A . 
D 4 HOH 84  176 84  HOH HOH A . 
D 4 HOH 85  177 85  HOH HOH A . 
D 4 HOH 86  178 86  HOH HOH A . 
D 4 HOH 87  179 87  HOH HOH A . 
D 4 HOH 88  180 88  HOH HOH A . 
D 4 HOH 89  181 89  HOH HOH A . 
D 4 HOH 90  182 90  HOH HOH A . 
D 4 HOH 91  183 91  HOH HOH A . 
D 4 HOH 92  184 92  HOH HOH A . 
D 4 HOH 93  185 93  HOH HOH A . 
D 4 HOH 94  186 94  HOH HOH A . 
D 4 HOH 95  187 95  HOH HOH A . 
D 4 HOH 96  188 96  HOH HOH A . 
D 4 HOH 97  189 97  HOH HOH A . 
D 4 HOH 98  190 98  HOH HOH A . 
D 4 HOH 99  191 99  HOH HOH A . 
D 4 HOH 100 192 100 HOH HOH A . 
D 4 HOH 101 193 101 HOH HOH A . 
D 4 HOH 102 194 102 HOH HOH A . 
D 4 HOH 103 195 103 HOH HOH A . 
D 4 HOH 104 196 104 HOH HOH A . 
D 4 HOH 105 197 105 HOH HOH A . 
D 4 HOH 106 198 106 HOH HOH A . 
D 4 HOH 107 199 107 HOH HOH A . 
D 4 HOH 108 200 108 HOH HOH A . 
D 4 HOH 109 201 109 HOH HOH A . 
# 
loop_
_software.name 
_software.version 
_software.date 
_software.type 
_software.contact_author 
_software.contact_author_email 
_software.classification 
_software.location 
_software.language 
_software.citation_id 
_software.pdbx_ordinal 
DENZO       .     ?                    package 'Zbyszek Otwinowski' zbyszek@mix.swmed.edu    'data reduction'  
http://www.lnls.br/infra/linhasluz/denzo-hkl.htm ?          ? 1 
SCALEPACK   .     ?                    package 'Zbyszek Otwinowski' zbyszek@mix.swmed.edu    'data scaling'    
http://www.lnls.br/infra/linhasluz/denzo-hkl.htm ?          ? 2 
MOLREP      .     ?                    other   'A. Vagin'           alexei@ysbl.york.ac.uk   phasing           
http://www.ccp4.ac.uk/dist/html/molrep.html      Fortran_77 ? 3 
REFMAC      .     ?                    program 'Murshudov, G.N.'    ccp4@dl.ac.uk            refinement        
http://www.ccp4.ac.uk/main.html                  Fortran_77 ? 4 
PDB_EXTRACT 3.004 'September 10, 2007' package PDB                  sw-help@rcsb.rutgers.edu 'data extraction' 
http://pdb.rutgers.edu/software/                 C++        ? 5 
# 
_cell.length_a           44.972 
_cell.length_b           44.972 
_cell.length_c           202.110 
_cell.angle_alpha        90.000 
_cell.angle_beta         90.000 
_cell.angle_gamma        120.000 
_cell.entry_id           3BRI 
_cell.pdbx_unique_axis   ? 
_cell.Z_PDB              12 
_cell.length_a_esd       ? 
_cell.length_b_esd       ? 
_cell.length_c_esd       ? 
_cell.angle_alpha_esd    ? 
_cell.angle_beta_esd     ? 
_cell.angle_gamma_esd    ? 
# 
_symmetry.space_group_name_H-M             'P 61 2 2' 
_symmetry.entry_id                         3BRI 
_symmetry.Int_Tables_number                178 
_symmetry.pdbx_full_space_group_name_H-M   ? 
_symmetry.cell_setting                     ? 
_symmetry.space_group_name_Hall            ? 
# 
_exptl.entry_id          3BRI 
_exptl.method            'X-RAY DIFFRACTION' 
_exptl.crystals_number   1 
# 
_exptl_crystal.id                    1 
_exptl_crystal.density_Matthews      2.84 
_exptl_crystal.density_meas          ? 
_exptl_crystal.density_percent_sol   56.68 
_exptl_crystal.description           ? 
_exptl_crystal.F_000                 ? 
_exptl_crystal.preparation           ? 
# 
_exptl_crystal_grow.crystal_id      1 
_exptl_crystal_grow.method          'VAPOR DIFFUSION, HANGING DROP' 
_exptl_crystal_grow.pH              5.5 
_exptl_crystal_grow.temp            298 
_exptl_crystal_grow.pdbx_details    
'Potassium tartrate 0.2M, sodium citrate 0.1M, ammonium sulfate 2.0M, pH 5.5, VAPOR DIFFUSION, HANGING DROP, temperature 298K' 
_exptl_crystal_grow.temp_details    ? 
_exptl_crystal_grow.pdbx_pH_range   ? 
# 
_diffrn.id                     1 
_diffrn.ambient_temp           100 
_diffrn.ambient_temp_details   ? 
_diffrn.crystal_id             1 
# 
_diffrn_detector.diffrn_id              1 
_diffrn_detector.detector               CCD 
_diffrn_detector.type                   ? 
_diffrn_detector.pdbx_collection_date   2007-02-11 
_diffrn_detector.details                ? 
# 
_diffrn_radiation.diffrn_id                        1 
_diffrn_radiation.pdbx_diffrn_protocol             'SINGLE WAVELENGTH' 
_diffrn_radiation.monochromator                    ? 
_diffrn_radiation.wavelength_id                    1 
_diffrn_radiation.pdbx_monochromatic_or_laue_m_l   ? 
_diffrn_radiation.pdbx_scattering_type             x-ray 
# 
_diffrn_radiation_wavelength.id           1 
_diffrn_radiation_wavelength.wavelength   1.0 
_diffrn_radiation_wavelength.wt           1.0 
# 
_diffrn_source.diffrn_id                   1 
_diffrn_source.source                      SYNCHROTRON 
_diffrn_source.type                        'ALS BEAMLINE 5.0.3' 
_diffrn_source.pdbx_wavelength_list        1.0 
_diffrn_source.pdbx_wavelength             ? 
_diffrn_source.pdbx_synchrotron_site       ALS 
_diffrn_source.pdbx_synchrotron_beamline   5.0.3 
# 
_reflns.entry_id                     3BRI 
_reflns.d_resolution_high            1.700 
_reflns.d_resolution_low             100.000 
_reflns.number_obs                   13961 
_reflns.pdbx_Rmerge_I_obs            0.058 
_reflns.pdbx_netI_over_sigmaI        31.800 
_reflns.pdbx_chi_squared             1.218 
_reflns.percent_possible_obs         96.600 
_reflns.observed_criterion_sigma_F   ? 
_reflns.observed_criterion_sigma_I   ? 
_reflns.number_all                   ? 
_reflns.pdbx_Rsym_value              ? 
_reflns.B_iso_Wilson_estimate        ? 
_reflns.pdbx_redundancy              ? 
_reflns.R_free_details               ? 
_reflns.limit_h_max                  ? 
_reflns.limit_h_min                  ? 
_reflns.limit_k_max                  ? 
_reflns.limit_k_min                  ? 
_reflns.limit_l_max                  ? 
_reflns.limit_l_min                  ? 
_reflns.observed_criterion_F_max     ? 
_reflns.observed_criterion_F_min     ? 
_reflns.pdbx_scaling_rejects         ? 
_reflns.pdbx_diffrn_id               1 
_reflns.pdbx_ordinal                 1 
# 
loop_
_reflns_shell.d_res_high 
_reflns_shell.d_res_low 
_reflns_shell.number_measured_obs 
_reflns_shell.number_measured_all 
_reflns_shell.number_unique_obs 
_reflns_shell.Rmerge_I_obs 
_reflns_shell.meanI_over_sigI_obs 
_reflns_shell.pdbx_Rsym_value 
_reflns_shell.pdbx_chi_squared 
_reflns_shell.pdbx_redundancy 
_reflns_shell.percent_possible_obs 
_reflns_shell.number_unique_all 
_reflns_shell.percent_possible_all 
_reflns_shell.pdbx_diffrn_id 
_reflns_shell.pdbx_ordinal 
1.70 1.76   ? ? ? 0.363 ? ? 1.507 ? ? 1205 87.00  ? 1  
1.76 1.83   ? ? ? 0.248 ? ? 1.399 ? ? 1248 90.00  ? 2  
1.83 1.91   ? ? ? 0.187 ? ? 1.500 ? ? 1302 93.40  ? 3  
1.91 2.02   ? ? ? 0.163 ? ? 1.444 ? ? 1355 96.90  ? 4  
2.02 2.14   ? ? ? 0.133 ? ? 1.258 ? ? 1414 99.40  ? 5  
2.14 2.31   ? ? ? 0.100 ? ? 1.146 ? ? 1406 99.60  ? 6  
2.31 2.54   ? ? ? 0.092 ? ? 1.209 ? ? 1447 100.00 ? 7  
2.54 2.91   ? ? ? 0.075 ? ? 1.149 ? ? 1446 99.80  ? 8  
2.91 3.66   ? ? ? 0.048 ? ? 1.055 ? ? 1485 99.80  ? 9  
3.66 100.00 ? ? ? 0.040 ? ? 1.178 ? ? 1653 98.80  ? 10 
# 
_refine.entry_id                                 3BRI 
_refine.ls_d_res_high                            1.700 
_refine.ls_d_res_low                             38.950 
_refine.pdbx_ls_sigma_F                          0.00 
_refine.ls_percent_reflns_obs                    96.680 
_refine.ls_number_reflns_obs                     13891 
_refine.pdbx_ls_cross_valid_method               THROUGHOUT 
_refine.pdbx_R_Free_selection_details            RANDOM 
_refine.details                                  'HYDROGENS HAVE BEEN ADDED IN THE RIDING POSITIONS' 
_refine.ls_R_factor_obs                          0.182 
_refine.ls_R_factor_R_work                       0.179 
_refine.ls_R_factor_R_free                       0.212 
_refine.ls_percent_reflns_R_free                 10.000 
_refine.ls_number_reflns_R_free                  1394 
_refine.B_iso_mean                               35.315 
_refine.aniso_B[1][1]                            1.520 
_refine.aniso_B[2][2]                            1.520 
_refine.aniso_B[3][3]                            -2.280 
_refine.aniso_B[1][2]                            0.760 
_refine.aniso_B[1][3]                            0.000 
_refine.aniso_B[2][3]                            0.000 
_refine.correlation_coeff_Fo_to_Fc               0.962 
_refine.correlation_coeff_Fo_to_Fc_free          0.950 
_refine.pdbx_overall_ESU_R                       0.100 
_refine.pdbx_overall_ESU_R_Free                  0.100 
_refine.overall_SU_ML                            0.054 
_refine.overall_SU_B                             3.225 
_refine.solvent_model_details                    'BABINET MODEL WITH MASK' 
_refine.pdbx_solvent_vdw_probe_radii             1.400 
_refine.pdbx_solvent_ion_probe_radii             0.800 
_refine.pdbx_solvent_shrinkage_radii             0.800 
_refine.pdbx_method_to_determine_struct          'MOLECULAR REPLACEMENT' 
_refine.pdbx_stereochemistry_target_values       'MAXIMUM LIKELIHOOD' 
_refine.pdbx_ls_sigma_I                          ? 
_refine.ls_number_reflns_all                     ? 
_refine.ls_R_factor_all                          ? 
_refine.ls_redundancy_reflns_obs                 ? 
_refine.pdbx_data_cutoff_high_absF               ? 
_refine.pdbx_data_cutoff_low_absF                ? 
_refine.ls_number_parameters                     ? 
_refine.ls_number_restraints                     ? 
_refine.ls_R_factor_R_free_error                 ? 
_refine.ls_R_factor_R_free_error_details         ? 
_refine.pdbx_starting_model                      ? 
_refine.pdbx_stereochem_target_val_spec_case     ? 
_refine.solvent_model_param_bsol                 ? 
_refine.solvent_model_param_ksol                 ? 
_refine.occupancy_max                            ? 
_refine.occupancy_min                            ? 
_refine.pdbx_isotropic_thermal_model             ? 
_refine.B_iso_min                                ? 
_refine.B_iso_max                                ? 
_refine.overall_SU_R_Cruickshank_DPI             ? 
_refine.overall_SU_R_free                        ? 
_refine.pdbx_data_cutoff_high_rms_absF           ? 
_refine.ls_wR_factor_R_free                      ? 
_refine.ls_wR_factor_R_work                      ? 
_refine.overall_FOM_free_R_set                   ? 
_refine.overall_FOM_work_R_set                   ? 
_refine.pdbx_overall_phase_error                 ? 
_refine.pdbx_refine_id                           'X-RAY DIFFRACTION' 
_refine.pdbx_diffrn_id                           1 
_refine.pdbx_TLS_residual_ADP_flag               ? 
_refine.pdbx_overall_SU_R_free_Cruickshank_DPI   ? 
_refine.pdbx_overall_SU_R_Blow_DPI               ? 
_refine.pdbx_overall_SU_R_free_Blow_DPI          ? 
# 
_refine_hist.pdbx_refine_id                   'X-RAY DIFFRACTION' 
_refine_hist.cycle_id                         LAST 
_refine_hist.pdbx_number_atoms_protein        761 
_refine_hist.pdbx_number_atoms_nucleic_acid   0 
_refine_hist.pdbx_number_atoms_ligand         9 
_refine_hist.number_atoms_solvent             109 
_refine_hist.number_atoms_total               879 
_refine_hist.d_res_high                       1.700 
_refine_hist.d_res_low                        38.950 
# 
loop_
_refine_ls_restr.type 
_refine_ls_restr.number 
_refine_ls_restr.dev_ideal 
_refine_ls_restr.dev_ideal_target 
_refine_ls_restr.weight 
_refine_ls_restr.pdbx_refine_id 
_refine_ls_restr.pdbx_restraint_function 
r_bond_refined_d         791  0.011  0.022  ? 'X-RAY DIFFRACTION' ? 
r_angle_refined_deg      1075 1.301  1.947  ? 'X-RAY DIFFRACTION' ? 
r_dihedral_angle_1_deg   100  6.595  5.000  ? 'X-RAY DIFFRACTION' ? 
r_dihedral_angle_2_deg   41   33.210 24.390 ? 'X-RAY DIFFRACTION' ? 
r_dihedral_angle_3_deg   147  12.810 15.000 ? 'X-RAY DIFFRACTION' ? 
r_dihedral_angle_4_deg   4    5.779  15.000 ? 'X-RAY DIFFRACTION' ? 
r_chiral_restr           113  0.107  0.200  ? 'X-RAY DIFFRACTION' ? 
r_gen_planes_refined     611  0.005  0.020  ? 'X-RAY DIFFRACTION' ? 
r_nbd_refined            346  0.194  0.200  ? 'X-RAY DIFFRACTION' ? 
r_nbtor_refined          526  0.306  0.200  ? 'X-RAY DIFFRACTION' ? 
r_xyhbond_nbd_refined    89   0.138  0.200  ? 'X-RAY DIFFRACTION' ? 
r_symmetry_vdw_refined   33   0.211  0.200  ? 'X-RAY DIFFRACTION' ? 
r_symmetry_hbond_refined 19   0.105  0.200  ? 'X-RAY DIFFRACTION' ? 
r_mcbond_it              485  4.930  2.000  ? 'X-RAY DIFFRACTION' ? 
r_mcangle_it             751  4.917  3.000  ? 'X-RAY DIFFRACTION' ? 
r_scbond_it              357  7.539  2.000  ? 'X-RAY DIFFRACTION' ? 
r_scangle_it             318  11.647 3.000  ? 'X-RAY DIFFRACTION' ? 
# 
_refine_ls_shell.d_res_high                       1.697 
_refine_ls_shell.d_res_low                        1.741 
_refine_ls_shell.pdbx_total_number_of_bins_used   20 
_refine_ls_shell.percent_reflns_obs               86.330 
_refine_ls_shell.number_reflns_R_work             789 
_refine_ls_shell.R_factor_all                     ? 
_refine_ls_shell.R_factor_R_work                  0.196 
_refine_ls_shell.R_factor_R_free                  0.257 
_refine_ls_shell.percent_reflns_R_free            ? 
_refine_ls_shell.number_reflns_R_free             95 
_refine_ls_shell.R_factor_R_free_error            ? 
_refine_ls_shell.number_reflns_all                884 
_refine_ls_shell.number_reflns_obs                ? 
_refine_ls_shell.redundancy_reflns_obs            ? 
_refine_ls_shell.pdbx_refine_id                   'X-RAY DIFFRACTION' 
# 
_struct.entry_id                  3BRI 
_struct.title                     'Crystal Structure of apo-LC8' 
_struct.pdbx_model_details        ? 
_struct.pdbx_CASP_flag            ? 
_struct.pdbx_model_type_details   ? 
# 
_struct_keywords.entry_id        3BRI 
_struct_keywords.text            'dimer, Cytoplasm, Dynein, Microtubule, Motor protein' 
_struct_keywords.pdbx_keywords   'MOTOR PROTEIN' 
# 
loop_
_struct_asym.id 
_struct_asym.pdbx_blank_PDB_chainid_flag 
_struct_asym.pdbx_modified 
_struct_asym.entity_id 
_struct_asym.details 
A N N 1 ? 
B N N 2 ? 
C N N 3 ? 
D N N 4 ? 
# 
_struct_ref.id                         1 
_struct_ref.db_name                    UNP 
_struct_ref.db_code                    DYL1_DROME 
_struct_ref.pdbx_db_accession          Q24117 
_struct_ref.entity_id                  1 
_struct_ref.pdbx_seq_one_letter_code   
;MSDRKAVIKNADMSEEMQQDAVDCATQALEKYNIEKDIAAYIKKEFDKKYNPTWHCIVGRNFGSYVTHETRHFIYFYLGQ
VAILLFKSG
;
_struct_ref.pdbx_align_begin           1 
_struct_ref.pdbx_db_isoform            ? 
# 
_struct_ref_seq.align_id                      1 
_struct_ref_seq.ref_id                        1 
_struct_ref_seq.pdbx_PDB_id_code              3BRI 
_struct_ref_seq.pdbx_strand_id                A 
_struct_ref_seq.seq_align_beg                 1 
_struct_ref_seq.pdbx_seq_align_beg_ins_code   ? 
_struct_ref_seq.seq_align_end                 89 
_struct_ref_seq.pdbx_seq_align_end_ins_code   ? 
_struct_ref_seq.pdbx_db_accession             Q24117 
_struct_ref_seq.db_align_beg                  1 
_struct_ref_seq.pdbx_db_align_beg_ins_code    ? 
_struct_ref_seq.db_align_end                  89 
_struct_ref_seq.pdbx_db_align_end_ins_code    ? 
_struct_ref_seq.pdbx_auth_seq_align_beg       1 
_struct_ref_seq.pdbx_auth_seq_align_end       89 
# 
_pdbx_struct_assembly.id                   1 
_pdbx_struct_assembly.details              author_and_software_defined_assembly 
_pdbx_struct_assembly.method_details       PISA 
_pdbx_struct_assembly.oligomeric_details   dimeric 
_pdbx_struct_assembly.oligomeric_count     2 
# 
loop_
_pdbx_struct_assembly_prop.biol_id 
_pdbx_struct_assembly_prop.type 
_pdbx_struct_assembly_prop.value 
_pdbx_struct_assembly_prop.details 
1 'ABSA (A^2)' 2500 ? 
1 MORE         -52  ? 
1 'SSA (A^2)'  9080 ? 
# 
_pdbx_struct_assembly_gen.assembly_id       1 
_pdbx_struct_assembly_gen.oper_expression   1,2 
_pdbx_struct_assembly_gen.asym_id_list      A,B,C,D 
# 
loop_
_pdbx_struct_oper_list.id 
_pdbx_struct_oper_list.type 
_pdbx_struct_oper_list.name 
_pdbx_struct_oper_list.symmetry_operation 
_pdbx_struct_oper_list.matrix[1][1] 
_pdbx_struct_oper_list.matrix[1][2] 
_pdbx_struct_oper_list.matrix[1][3] 
_pdbx_struct_oper_list.vector[1] 
_pdbx_struct_oper_list.matrix[2][1] 
_pdbx_struct_oper_list.matrix[2][2] 
_pdbx_struct_oper_list.matrix[2][3] 
_pdbx_struct_oper_list.vector[2] 
_pdbx_struct_oper_list.matrix[3][1] 
_pdbx_struct_oper_list.matrix[3][2] 
_pdbx_struct_oper_list.matrix[3][3] 
_pdbx_struct_oper_list.vector[3] 
1 'identity operation'         1_555  x,y,z        1.0000000000  0.0000000000  0.0000000000 0.0000000000  0.0000000000  1.0000000000  0.0000000000  0.0000000000  0.0000000000 0.0000000000  1.0000000000  0.0000000000 
2 'crystal symmetry operation' 10_554 -y,-x,-z-1/6 -0.4235745071 -0.7565704471 0.4981824922 12.1611907110 -0.7565704471 -0.0069855541 -0.6538748815 14.4193470802 0.4981824922 -0.6538748815 -0.5694399388 7.8269139895 
# 
_struct_biol.id        1 
_struct_biol.details   ? 
# 
loop_
_struct_conf.conf_type_id 
_struct_conf.id 
_struct_conf.pdbx_PDB_helix_id 
_struct_conf.beg_label_comp_id 
_struct_conf.beg_label_asym_id 
_struct_conf.beg_label_seq_id 
_struct_conf.pdbx_beg_PDB_ins_code 
_struct_conf.end_label_comp_id 
_struct_conf.end_label_asym_id 
_struct_conf.end_label_seq_id 
_struct_conf.pdbx_end_PDB_ins_code 
_struct_conf.beg_auth_comp_id 
_struct_conf.beg_auth_asym_id 
_struct_conf.beg_auth_seq_id 
_struct_conf.end_auth_comp_id 
_struct_conf.end_auth_asym_id 
_struct_conf.end_auth_seq_id 
_struct_conf.pdbx_PDB_helix_class 
_struct_conf.details 
_struct_conf.pdbx_PDB_helix_length 
HELX_P HELX_P1 1 SER A 14 ? TYR A 32 ? SER A 14 TYR A 32 1 ? 19 
HELX_P HELX_P2 2 ILE A 34 ? ASN A 51 ? ILE A 34 ASN A 51 1 ? 18 
# 
_struct_conf_type.id          HELX_P 
_struct_conf_type.criteria    ? 
_struct_conf_type.reference   ? 
# 
_struct_mon_prot_cis.pdbx_id                1 
_struct_mon_prot_cis.label_comp_id          PRO 
_struct_mon_prot_cis.label_seq_id           52 
_struct_mon_prot_cis.label_asym_id          A 
_struct_mon_prot_cis.label_alt_id           . 
_struct_mon_prot_cis.pdbx_PDB_ins_code      ? 
_struct_mon_prot_cis.auth_comp_id           PRO 
_struct_mon_prot_cis.auth_seq_id            52 
_struct_mon_prot_cis.auth_asym_id           A 
_struct_mon_prot_cis.pdbx_label_comp_id_2   THR 
_struct_mon_prot_cis.pdbx_label_seq_id_2    53 
_struct_mon_prot_cis.pdbx_label_asym_id_2   A 
_struct_mon_prot_cis.pdbx_PDB_ins_code_2    ? 
_struct_mon_prot_cis.pdbx_auth_comp_id_2    THR 
_struct_mon_prot_cis.pdbx_auth_seq_id_2     53 
_struct_mon_prot_cis.pdbx_auth_asym_id_2    A 
_struct_mon_prot_cis.pdbx_PDB_model_num     1 
_struct_mon_prot_cis.pdbx_omega_angle       7.38 
# 
_struct_sheet.id               A 
_struct_sheet.type             ? 
_struct_sheet.number_strands   4 
_struct_sheet.details          ? 
# 
loop_
_struct_sheet_order.sheet_id 
_struct_sheet_order.range_id_1 
_struct_sheet_order.range_id_2 
_struct_sheet_order.offset 
_struct_sheet_order.sense 
A 1 2 ? anti-parallel 
A 2 3 ? anti-parallel 
A 3 4 ? anti-parallel 
# 
loop_
_struct_sheet_range.sheet_id 
_struct_sheet_range.id 
_struct_sheet_range.beg_label_comp_id 
_struct_sheet_range.beg_label_asym_id 
_struct_sheet_range.beg_label_seq_id 
_struct_sheet_range.pdbx_beg_PDB_ins_code 
_struct_sheet_range.end_label_comp_id 
_struct_sheet_range.end_label_asym_id 
_struct_sheet_range.end_label_seq_id 
_struct_sheet_range.pdbx_end_PDB_ins_code 
_struct_sheet_range.beg_auth_comp_id 
_struct_sheet_range.beg_auth_asym_id 
_struct_sheet_range.beg_auth_seq_id 
_struct_sheet_range.end_auth_comp_id 
_struct_sheet_range.end_auth_asym_id 
_struct_sheet_range.end_auth_seq_id 
A 1 ALA A 6  ? ASP A 12 ? ALA A 6  ASP A 12 
A 2 HIS A 68 ? LEU A 78 ? HIS A 68 LEU A 78 
A 3 VAL A 81 ? SER A 88 ? VAL A 81 SER A 88 
A 4 TRP A 54 ? GLY A 59 ? TRP A 54 GLY A 59 
# 
loop_
_pdbx_struct_sheet_hbond.sheet_id 
_pdbx_struct_sheet_hbond.range_id_1 
_pdbx_struct_sheet_hbond.range_id_2 
_pdbx_struct_sheet_hbond.range_1_label_atom_id 
_pdbx_struct_sheet_hbond.range_1_label_comp_id 
_pdbx_struct_sheet_hbond.range_1_label_asym_id 
_pdbx_struct_sheet_hbond.range_1_label_seq_id 
_pdbx_struct_sheet_hbond.range_1_PDB_ins_code 
_pdbx_struct_sheet_hbond.range_1_auth_atom_id 
_pdbx_struct_sheet_hbond.range_1_auth_comp_id 
_pdbx_struct_sheet_hbond.range_1_auth_asym_id 
_pdbx_struct_sheet_hbond.range_1_auth_seq_id 
_pdbx_struct_sheet_hbond.range_2_label_atom_id 
_pdbx_struct_sheet_hbond.range_2_label_comp_id 
_pdbx_struct_sheet_hbond.range_2_label_asym_id 
_pdbx_struct_sheet_hbond.range_2_label_seq_id 
_pdbx_struct_sheet_hbond.range_2_PDB_ins_code 
_pdbx_struct_sheet_hbond.range_2_auth_atom_id 
_pdbx_struct_sheet_hbond.range_2_auth_comp_id 
_pdbx_struct_sheet_hbond.range_2_auth_asym_id 
_pdbx_struct_sheet_hbond.range_2_auth_seq_id 
A 1 2 N VAL A 7  ? N VAL A 7  O TYR A 77 ? O TYR A 77 
A 2 3 N PHE A 76 ? N PHE A 76 O ILE A 83 ? O ILE A 83 
A 3 4 O ALA A 82 ? O ALA A 82 N GLY A 59 ? N GLY A 59 
# 
loop_
_struct_site.id 
_struct_site.pdbx_evidence_code 
_struct_site.pdbx_auth_asym_id 
_struct_site.pdbx_auth_comp_id 
_struct_site.pdbx_auth_seq_id 
_struct_site.pdbx_auth_ins_code 
_struct_site.pdbx_num_residues 
_struct_site.details 
AC1 Software A ACT 91 ? 4 'BINDING SITE FOR RESIDUE ACT A 91' 
AC2 Software A SO4 92 ? 5 'BINDING SITE FOR RESIDUE SO4 A 92' 
# 
loop_
_struct_site_gen.id 
_struct_site_gen.site_id 
_struct_site_gen.pdbx_num_res 
_struct_site_gen.label_comp_id 
_struct_site_gen.label_asym_id 
_struct_site_gen.label_seq_id 
_struct_site_gen.pdbx_auth_ins_code 
_struct_site_gen.auth_comp_id 
_struct_site_gen.auth_asym_id 
_struct_site_gen.auth_seq_id 
_struct_site_gen.label_atom_id 
_struct_site_gen.label_alt_id 
_struct_site_gen.symmetry 
_struct_site_gen.details 
1 AC1 4 GLU A 15 ? GLU A 15  . ? 1_555 ? 
2 AC1 4 ARG A 71 ? ARG A 71  . ? 1_555 ? 
3 AC1 4 HOH D .  ? HOH A 168 . ? 1_555 ? 
4 AC1 4 HOH D .  ? HOH A 200 . ? 1_555 ? 
5 AC2 5 GLY A 59 ? GLY A 59  . ? 1_555 ? 
6 AC2 5 ARG A 60 ? ARG A 60  . ? 1_555 ? 
7 AC2 5 ASN A 61 ? ASN A 61  . ? 1_555 ? 
8 AC2 5 PHE A 62 ? PHE A 62  . ? 1_555 ? 
9 AC2 5 HOH D .  ? HOH A 114 . ? 1_555 ? 
# 
loop_
_pdbx_validate_torsion.id 
_pdbx_validate_torsion.PDB_model_num 
_pdbx_validate_torsion.auth_comp_id 
_pdbx_validate_torsion.auth_asym_id 
_pdbx_validate_torsion.auth_seq_id 
_pdbx_validate_torsion.PDB_ins_code 
_pdbx_validate_torsion.label_alt_id 
_pdbx_validate_torsion.phi 
_pdbx_validate_torsion.psi 
1 1 MET A 13 ? ? -172.73 143.38 
2 1 ASN A 51 ? ? 71.55   149.24 
3 1 ARG A 60 ? A -144.70 -59.17 
4 1 ASN A 61 ? B 174.55  3.65   
# 
_pdbx_refine_tls.id               1 
_pdbx_refine_tls.details          ? 
_pdbx_refine_tls.method           refined 
_pdbx_refine_tls.origin_x         -0.4595 
_pdbx_refine_tls.origin_y         0.2885 
_pdbx_refine_tls.origin_z         -0.3713 
_pdbx_refine_tls.T[1][1]          -0.2563 
_pdbx_refine_tls.T[2][2]          -0.1528 
_pdbx_refine_tls.T[3][3]          -0.1595 
_pdbx_refine_tls.T[1][2]          0.0093 
_pdbx_refine_tls.T[1][3]          0.0237 
_pdbx_refine_tls.T[2][3]          0.0227 
_pdbx_refine_tls.L[1][1]          2.9479 
_pdbx_refine_tls.L[2][2]          2.7924 
_pdbx_refine_tls.L[3][3]          1.4205 
_pdbx_refine_tls.L[1][2]          0.4150 
_pdbx_refine_tls.L[1][3]          0.3361 
_pdbx_refine_tls.L[2][3]          0.0460 
_pdbx_refine_tls.S[1][1]          -0.0112 
_pdbx_refine_tls.S[2][2]          0.0059 
_pdbx_refine_tls.S[3][3]          0.0054 
_pdbx_refine_tls.S[1][2]          0.1919 
_pdbx_refine_tls.S[1][3]          -0.1639 
_pdbx_refine_tls.S[2][3]          0.2580 
_pdbx_refine_tls.S[2][1]          -0.0792 
_pdbx_refine_tls.S[3][1]          0.0299 
_pdbx_refine_tls.S[3][2]          -0.1326 
_pdbx_refine_tls.pdbx_refine_id   'X-RAY DIFFRACTION' 
# 
_pdbx_refine_tls_group.id                  1 
_pdbx_refine_tls_group.refine_tls_id       1 
_pdbx_refine_tls_group.beg_auth_asym_id    A 
_pdbx_refine_tls_group.end_auth_asym_id    A 
_pdbx_refine_tls_group.end_auth_seq_id     89 
_pdbx_refine_tls_group.selection           ? 
_pdbx_refine_tls_group.beg_auth_seq_id     3 
_pdbx_refine_tls_group.beg_label_asym_id   A 
_pdbx_refine_tls_group.beg_label_seq_id    3 
_pdbx_refine_tls_group.end_label_asym_id   A 
_pdbx_refine_tls_group.end_label_seq_id    89 
_pdbx_refine_tls_group.pdbx_refine_id      'X-RAY DIFFRACTION' 
_pdbx_refine_tls_group.selection_details   ? 
# 
_pdbx_phasing_MR.entry_id                     3BRI 
_pdbx_phasing_MR.method_rotation              ? 
_pdbx_phasing_MR.method_translation           ? 
_pdbx_phasing_MR.model_details                ? 
_pdbx_phasing_MR.R_factor                     ? 
_pdbx_phasing_MR.R_rigid_body                 ? 
_pdbx_phasing_MR.correlation_coeff_Fo_to_Fc   ? 
_pdbx_phasing_MR.correlation_coeff_Io_to_Ic   ? 
_pdbx_phasing_MR.d_res_high_rotation          3.500 
_pdbx_phasing_MR.d_res_low_rotation           38.950 
_pdbx_phasing_MR.d_res_high_translation       3.500 
_pdbx_phasing_MR.d_res_low_translation        38.950 
_pdbx_phasing_MR.packing                      ? 
_pdbx_phasing_MR.reflns_percent_rotation      ? 
_pdbx_phasing_MR.reflns_percent_translation   ? 
_pdbx_phasing_MR.sigma_F_rotation             ? 
_pdbx_phasing_MR.sigma_F_translation          ? 
_pdbx_phasing_MR.sigma_I_rotation             ? 
_pdbx_phasing_MR.sigma_I_translation          ? 
# 
_phasing.method   MR 
# 
loop_
_pdbx_unobs_or_zero_occ_residues.id 
_pdbx_unobs_or_zero_occ_residues.PDB_model_num 
_pdbx_unobs_or_zero_occ_residues.polymer_flag 
_pdbx_unobs_or_zero_occ_residues.occupancy_flag 
_pdbx_unobs_or_zero_occ_residues.auth_asym_id 
_pdbx_unobs_or_zero_occ_residues.auth_comp_id 
_pdbx_unobs_or_zero_occ_residues.auth_seq_id 
_pdbx_unobs_or_zero_occ_residues.PDB_ins_code 
_pdbx_unobs_or_zero_occ_residues.label_asym_id 
_pdbx_unobs_or_zero_occ_residues.label_comp_id 
_pdbx_unobs_or_zero_occ_residues.label_seq_id 
1 1 Y 1 A MET 1 ? A MET 1 
2 1 Y 1 A SER 2 ? A SER 2 
# 
loop_
_chem_comp_atom.comp_id 
_chem_comp_atom.atom_id 
_chem_comp_atom.type_symbol 
_chem_comp_atom.pdbx_aromatic_flag 
_chem_comp_atom.pdbx_stereo_config 
_chem_comp_atom.pdbx_ordinal 
ACT C    C N N 1   
ACT O    O N N 2   
ACT OXT  O N N 3   
ACT CH3  C N N 4   
ACT H1   H N N 5   
ACT H2   H N N 6   
ACT H3   H N N 7   
ALA N    N N N 8   
ALA CA   C N S 9   
ALA C    C N N 10  
ALA O    O N N 11  
ALA CB   C N N 12  
ALA OXT  O N N 13  
ALA H    H N N 14  
ALA H2   H N N 15  
ALA HA   H N N 16  
ALA HB1  H N N 17  
ALA HB2  H N N 18  
ALA HB3  H N N 19  
ALA HXT  H N N 20  
ARG N    N N N 21  
ARG CA   C N S 22  
ARG C    C N N 23  
ARG O    O N N 24  
ARG CB   C N N 25  
ARG CG   C N N 26  
ARG CD   C N N 27  
ARG NE   N N N 28  
ARG CZ   C N N 29  
ARG NH1  N N N 30  
ARG NH2  N N N 31  
ARG OXT  O N N 32  
ARG H    H N N 33  
ARG H2   H N N 34  
ARG HA   H N N 35  
ARG HB2  H N N 36  
ARG HB3  H N N 37  
ARG HG2  H N N 38  
ARG HG3  H N N 39  
ARG HD2  H N N 40  
ARG HD3  H N N 41  
ARG HE   H N N 42  
ARG HH11 H N N 43  
ARG HH12 H N N 44  
ARG HH21 H N N 45  
ARG HH22 H N N 46  
ARG HXT  H N N 47  
ASN N    N N N 48  
ASN CA   C N S 49  
ASN C    C N N 50  
ASN O    O N N 51  
ASN CB   C N N 52  
ASN CG   C N N 53  
ASN OD1  O N N 54  
ASN ND2  N N N 55  
ASN OXT  O N N 56  
ASN H    H N N 57  
ASN H2   H N N 58  
ASN HA   H N N 59  
ASN HB2  H N N 60  
ASN HB3  H N N 61  
ASN HD21 H N N 62  
ASN HD22 H N N 63  
ASN HXT  H N N 64  
ASP N    N N N 65  
ASP CA   C N S 66  
ASP C    C N N 67  
ASP O    O N N 68  
ASP CB   C N N 69  
ASP CG   C N N 70  
ASP OD1  O N N 71  
ASP OD2  O N N 72  
ASP OXT  O N N 73  
ASP H    H N N 74  
ASP H2   H N N 75  
ASP HA   H N N 76  
ASP HB2  H N N 77  
ASP HB3  H N N 78  
ASP HD2  H N N 79  
ASP HXT  H N N 80  
CYS N    N N N 81  
CYS CA   C N R 82  
CYS C    C N N 83  
CYS O    O N N 84  
CYS CB   C N N 85  
CYS SG   S N N 86  
CYS OXT  O N N 87  
CYS H    H N N 88  
CYS H2   H N N 89  
CYS HA   H N N 90  
CYS HB2  H N N 91  
CYS HB3  H N N 92  
CYS HG   H N N 93  
CYS HXT  H N N 94  
GLN N    N N N 95  
GLN CA   C N S 96  
GLN C    C N N 97  
GLN O    O N N 98  
GLN CB   C N N 99  
GLN CG   C N N 100 
GLN CD   C N N 101 
GLN OE1  O N N 102 
GLN NE2  N N N 103 
GLN OXT  O N N 104 
GLN H    H N N 105 
GLN H2   H N N 106 
GLN HA   H N N 107 
GLN HB2  H N N 108 
GLN HB3  H N N 109 
GLN HG2  H N N 110 
GLN HG3  H N N 111 
GLN HE21 H N N 112 
GLN HE22 H N N 113 
GLN HXT  H N N 114 
GLU N    N N N 115 
GLU CA   C N S 116 
GLU C    C N N 117 
GLU O    O N N 118 
GLU CB   C N N 119 
GLU CG   C N N 120 
GLU CD   C N N 121 
GLU OE1  O N N 122 
GLU OE2  O N N 123 
GLU OXT  O N N 124 
GLU H    H N N 125 
GLU H2   H N N 126 
GLU HA   H N N 127 
GLU HB2  H N N 128 
GLU HB3  H N N 129 
GLU HG2  H N N 130 
GLU HG3  H N N 131 
GLU HE2  H N N 132 
GLU HXT  H N N 133 
GLY N    N N N 134 
GLY CA   C N N 135 
GLY C    C N N 136 
GLY O    O N N 137 
GLY OXT  O N N 138 
GLY H    H N N 139 
GLY H2   H N N 140 
GLY HA2  H N N 141 
GLY HA3  H N N 142 
GLY HXT  H N N 143 
HIS N    N N N 144 
HIS CA   C N S 145 
HIS C    C N N 146 
HIS O    O N N 147 
HIS CB   C N N 148 
HIS CG   C Y N 149 
HIS ND1  N Y N 150 
HIS CD2  C Y N 151 
HIS CE1  C Y N 152 
HIS NE2  N Y N 153 
HIS OXT  O N N 154 
HIS H    H N N 155 
HIS H2   H N N 156 
HIS HA   H N N 157 
HIS HB2  H N N 158 
HIS HB3  H N N 159 
HIS HD1  H N N 160 
HIS HD2  H N N 161 
HIS HE1  H N N 162 
HIS HE2  H N N 163 
HIS HXT  H N N 164 
HOH O    O N N 165 
HOH H1   H N N 166 
HOH H2   H N N 167 
ILE N    N N N 168 
ILE CA   C N S 169 
ILE C    C N N 170 
ILE O    O N N 171 
ILE CB   C N S 172 
ILE CG1  C N N 173 
ILE CG2  C N N 174 
ILE CD1  C N N 175 
ILE OXT  O N N 176 
ILE H    H N N 177 
ILE H2   H N N 178 
ILE HA   H N N 179 
ILE HB   H N N 180 
ILE HG12 H N N 181 
ILE HG13 H N N 182 
ILE HG21 H N N 183 
ILE HG22 H N N 184 
ILE HG23 H N N 185 
ILE HD11 H N N 186 
ILE HD12 H N N 187 
ILE HD13 H N N 188 
ILE HXT  H N N 189 
LEU N    N N N 190 
LEU CA   C N S 191 
LEU C    C N N 192 
LEU O    O N N 193 
LEU CB   C N N 194 
LEU CG   C N N 195 
LEU CD1  C N N 196 
LEU CD2  C N N 197 
LEU OXT  O N N 198 
LEU H    H N N 199 
LEU H2   H N N 200 
LEU HA   H N N 201 
LEU HB2  H N N 202 
LEU HB3  H N N 203 
LEU HG   H N N 204 
LEU HD11 H N N 205 
LEU HD12 H N N 206 
LEU HD13 H N N 207 
LEU HD21 H N N 208 
LEU HD22 H N N 209 
LEU HD23 H N N 210 
LEU HXT  H N N 211 
LYS N    N N N 212 
LYS CA   C N S 213 
LYS C    C N N 214 
LYS O    O N N 215 
LYS CB   C N N 216 
LYS CG   C N N 217 
LYS CD   C N N 218 
LYS CE   C N N 219 
LYS NZ   N N N 220 
LYS OXT  O N N 221 
LYS H    H N N 222 
LYS H2   H N N 223 
LYS HA   H N N 224 
LYS HB2  H N N 225 
LYS HB3  H N N 226 
LYS HG2  H N N 227 
LYS HG3  H N N 228 
LYS HD2  H N N 229 
LYS HD3  H N N 230 
LYS HE2  H N N 231 
LYS HE3  H N N 232 
LYS HZ1  H N N 233 
LYS HZ2  H N N 234 
LYS HZ3  H N N 235 
LYS HXT  H N N 236 
MET N    N N N 237 
MET CA   C N S 238 
MET C    C N N 239 
MET O    O N N 240 
MET CB   C N N 241 
MET CG   C N N 242 
MET SD   S N N 243 
MET CE   C N N 244 
MET OXT  O N N 245 
MET H    H N N 246 
MET H2   H N N 247 
MET HA   H N N 248 
MET HB2  H N N 249 
MET HB3  H N N 250 
MET HG2  H N N 251 
MET HG3  H N N 252 
MET HE1  H N N 253 
MET HE2  H N N 254 
MET HE3  H N N 255 
MET HXT  H N N 256 
PHE N    N N N 257 
PHE CA   C N S 258 
PHE C    C N N 259 
PHE O    O N N 260 
PHE CB   C N N 261 
PHE CG   C Y N 262 
PHE CD1  C Y N 263 
PHE CD2  C Y N 264 
PHE CE1  C Y N 265 
PHE CE2  C Y N 266 
PHE CZ   C Y N 267 
PHE OXT  O N N 268 
PHE H    H N N 269 
PHE H2   H N N 270 
PHE HA   H N N 271 
PHE HB2  H N N 272 
PHE HB3  H N N 273 
PHE HD1  H N N 274 
PHE HD2  H N N 275 
PHE HE1  H N N 276 
PHE HE2  H N N 277 
PHE HZ   H N N 278 
PHE HXT  H N N 279 
PRO N    N N N 280 
PRO CA   C N S 281 
PRO C    C N N 282 
PRO O    O N N 283 
PRO CB   C N N 284 
PRO CG   C N N 285 
PRO CD   C N N 286 
PRO OXT  O N N 287 
PRO H    H N N 288 
PRO HA   H N N 289 
PRO HB2  H N N 290 
PRO HB3  H N N 291 
PRO HG2  H N N 292 
PRO HG3  H N N 293 
PRO HD2  H N N 294 
PRO HD3  H N N 295 
PRO HXT  H N N 296 
SER N    N N N 297 
SER CA   C N S 298 
SER C    C N N 299 
SER O    O N N 300 
SER CB   C N N 301 
SER OG   O N N 302 
SER OXT  O N N 303 
SER H    H N N 304 
SER H2   H N N 305 
SER HA   H N N 306 
SER HB2  H N N 307 
SER HB3  H N N 308 
SER HG   H N N 309 
SER HXT  H N N 310 
SO4 S    S N N 311 
SO4 O1   O N N 312 
SO4 O2   O N N 313 
SO4 O3   O N N 314 
SO4 O4   O N N 315 
THR N    N N N 316 
THR CA   C N S 317 
THR C    C N N 318 
THR O    O N N 319 
THR CB   C N R 320 
THR OG1  O N N 321 
THR CG2  C N N 322 
THR OXT  O N N 323 
THR H    H N N 324 
THR H2   H N N 325 
THR HA   H N N 326 
THR HB   H N N 327 
THR HG1  H N N 328 
THR HG21 H N N 329 
THR HG22 H N N 330 
THR HG23 H N N 331 
THR HXT  H N N 332 
TRP N    N N N 333 
TRP CA   C N S 334 
TRP C    C N N 335 
TRP O    O N N 336 
TRP CB   C N N 337 
TRP CG   C Y N 338 
TRP CD1  C Y N 339 
TRP CD2  C Y N 340 
TRP NE1  N Y N 341 
TRP CE2  C Y N 342 
TRP CE3  C Y N 343 
TRP CZ2  C Y N 344 
TRP CZ3  C Y N 345 
TRP CH2  C Y N 346 
TRP OXT  O N N 347 
TRP H    H N N 348 
TRP H2   H N N 349 
TRP HA   H N N 350 
TRP HB2  H N N 351 
TRP HB3  H N N 352 
TRP HD1  H N N 353 
TRP HE1  H N N 354 
TRP HE3  H N N 355 
TRP HZ2  H N N 356 
TRP HZ3  H N N 357 
TRP HH2  H N N 358 
TRP HXT  H N N 359 
TYR N    N N N 360 
TYR CA   C N S 361 
TYR C    C N N 362 
TYR O    O N N 363 
TYR CB   C N N 364 
TYR CG   C Y N 365 
TYR CD1  C Y N 366 
TYR CD2  C Y N 367 
TYR CE1  C Y N 368 
TYR CE2  C Y N 369 
TYR CZ   C Y N 370 
TYR OH   O N N 371 
TYR OXT  O N N 372 
TYR H    H N N 373 
TYR H2   H N N 374 
TYR HA   H N N 375 
TYR HB2  H N N 376 
TYR HB3  H N N 377 
TYR HD1  H N N 378 
TYR HD2  H N N 379 
TYR HE1  H N N 380 
TYR HE2  H N N 381 
TYR HH   H N N 382 
TYR HXT  H N N 383 
VAL N    N N N 384 
VAL CA   C N S 385 
VAL C    C N N 386 
VAL O    O N N 387 
VAL CB   C N N 388 
VAL CG1  C N N 389 
VAL CG2  C N N 390 
VAL OXT  O N N 391 
VAL H    H N N 392 
VAL H2   H N N 393 
VAL HA   H N N 394 
VAL HB   H N N 395 
VAL HG11 H N N 396 
VAL HG12 H N N 397 
VAL HG13 H N N 398 
VAL HG21 H N N 399 
VAL HG22 H N N 400 
VAL HG23 H N N 401 
VAL HXT  H N N 402 
# 
loop_
_chem_comp_bond.comp_id 
_chem_comp_bond.atom_id_1 
_chem_comp_bond.atom_id_2 
_chem_comp_bond.value_order 
_chem_comp_bond.pdbx_aromatic_flag 
_chem_comp_bond.pdbx_stereo_config 
_chem_comp_bond.pdbx_ordinal 
ACT C   O    doub N N 1   
ACT C   OXT  sing N N 2   
ACT C   CH3  sing N N 3   
ACT CH3 H1   sing N N 4   
ACT CH3 H2   sing N N 5   
ACT CH3 H3   sing N N 6   
ALA N   CA   sing N N 7   
ALA N   H    sing N N 8   
ALA N   H2   sing N N 9   
ALA CA  C    sing N N 10  
ALA CA  CB   sing N N 11  
ALA CA  HA   sing N N 12  
ALA C   O    doub N N 13  
ALA C   OXT  sing N N 14  
ALA CB  HB1  sing N N 15  
ALA CB  HB2  sing N N 16  
ALA CB  HB3  sing N N 17  
ALA OXT HXT  sing N N 18  
ARG N   CA   sing N N 19  
ARG N   H    sing N N 20  
ARG N   H2   sing N N 21  
ARG CA  C    sing N N 22  
ARG CA  CB   sing N N 23  
ARG CA  HA   sing N N 24  
ARG C   O    doub N N 25  
ARG C   OXT  sing N N 26  
ARG CB  CG   sing N N 27  
ARG CB  HB2  sing N N 28  
ARG CB  HB3  sing N N 29  
ARG CG  CD   sing N N 30  
ARG CG  HG2  sing N N 31  
ARG CG  HG3  sing N N 32  
ARG CD  NE   sing N N 33  
ARG CD  HD2  sing N N 34  
ARG CD  HD3  sing N N 35  
ARG NE  CZ   sing N N 36  
ARG NE  HE   sing N N 37  
ARG CZ  NH1  sing N N 38  
ARG CZ  NH2  doub N N 39  
ARG NH1 HH11 sing N N 40  
ARG NH1 HH12 sing N N 41  
ARG NH2 HH21 sing N N 42  
ARG NH2 HH22 sing N N 43  
ARG OXT HXT  sing N N 44  
ASN N   CA   sing N N 45  
ASN N   H    sing N N 46  
ASN N   H2   sing N N 47  
ASN CA  C    sing N N 48  
ASN CA  CB   sing N N 49  
ASN CA  HA   sing N N 50  
ASN C   O    doub N N 51  
ASN C   OXT  sing N N 52  
ASN CB  CG   sing N N 53  
ASN CB  HB2  sing N N 54  
ASN CB  HB3  sing N N 55  
ASN CG  OD1  doub N N 56  
ASN CG  ND2  sing N N 57  
ASN ND2 HD21 sing N N 58  
ASN ND2 HD22 sing N N 59  
ASN OXT HXT  sing N N 60  
ASP N   CA   sing N N 61  
ASP N   H    sing N N 62  
ASP N   H2   sing N N 63  
ASP CA  C    sing N N 64  
ASP CA  CB   sing N N 65  
ASP CA  HA   sing N N 66  
ASP C   O    doub N N 67  
ASP C   OXT  sing N N 68  
ASP CB  CG   sing N N 69  
ASP CB  HB2  sing N N 70  
ASP CB  HB3  sing N N 71  
ASP CG  OD1  doub N N 72  
ASP CG  OD2  sing N N 73  
ASP OD2 HD2  sing N N 74  
ASP OXT HXT  sing N N 75  
CYS N   CA   sing N N 76  
CYS N   H    sing N N 77  
CYS N   H2   sing N N 78  
CYS CA  C    sing N N 79  
CYS CA  CB   sing N N 80  
CYS CA  HA   sing N N 81  
CYS C   O    doub N N 82  
CYS C   OXT  sing N N 83  
CYS CB  SG   sing N N 84  
CYS CB  HB2  sing N N 85  
CYS CB  HB3  sing N N 86  
CYS SG  HG   sing N N 87  
CYS OXT HXT  sing N N 88  
GLN N   CA   sing N N 89  
GLN N   H    sing N N 90  
GLN N   H2   sing N N 91  
GLN CA  C    sing N N 92  
GLN CA  CB   sing N N 93  
GLN CA  HA   sing N N 94  
GLN C   O    doub N N 95  
GLN C   OXT  sing N N 96  
GLN CB  CG   sing N N 97  
GLN CB  HB2  sing N N 98  
GLN CB  HB3  sing N N 99  
GLN CG  CD   sing N N 100 
GLN CG  HG2  sing N N 101 
GLN CG  HG3  sing N N 102 
GLN CD  OE1  doub N N 103 
GLN CD  NE2  sing N N 104 
GLN NE2 HE21 sing N N 105 
GLN NE2 HE22 sing N N 106 
GLN OXT HXT  sing N N 107 
GLU N   CA   sing N N 108 
GLU N   H    sing N N 109 
GLU N   H2   sing N N 110 
GLU CA  C    sing N N 111 
GLU CA  CB   sing N N 112 
GLU CA  HA   sing N N 113 
GLU C   O    doub N N 114 
GLU C   OXT  sing N N 115 
GLU CB  CG   sing N N 116 
GLU CB  HB2  sing N N 117 
GLU CB  HB3  sing N N 118 
GLU CG  CD   sing N N 119 
GLU CG  HG2  sing N N 120 
GLU CG  HG3  sing N N 121 
GLU CD  OE1  doub N N 122 
GLU CD  OE2  sing N N 123 
GLU OE2 HE2  sing N N 124 
GLU OXT HXT  sing N N 125 
GLY N   CA   sing N N 126 
GLY N   H    sing N N 127 
GLY N   H2   sing N N 128 
GLY CA  C    sing N N 129 
GLY CA  HA2  sing N N 130 
GLY CA  HA3  sing N N 131 
GLY C   O    doub N N 132 
GLY C   OXT  sing N N 133 
GLY OXT HXT  sing N N 134 
HIS N   CA   sing N N 135 
HIS N   H    sing N N 136 
HIS N   H2   sing N N 137 
HIS CA  C    sing N N 138 
HIS CA  CB   sing N N 139 
HIS CA  HA   sing N N 140 
HIS C   O    doub N N 141 
HIS C   OXT  sing N N 142 
HIS CB  CG   sing N N 143 
HIS CB  HB2  sing N N 144 
HIS CB  HB3  sing N N 145 
HIS CG  ND1  sing Y N 146 
HIS CG  CD2  doub Y N 147 
HIS ND1 CE1  doub Y N 148 
HIS ND1 HD1  sing N N 149 
HIS CD2 NE2  sing Y N 150 
HIS CD2 HD2  sing N N 151 
HIS CE1 NE2  sing Y N 152 
HIS CE1 HE1  sing N N 153 
HIS NE2 HE2  sing N N 154 
HIS OXT HXT  sing N N 155 
HOH O   H1   sing N N 156 
HOH O   H2   sing N N 157 
ILE N   CA   sing N N 158 
ILE N   H    sing N N 159 
ILE N   H2   sing N N 160 
ILE CA  C    sing N N 161 
ILE CA  CB   sing N N 162 
ILE CA  HA   sing N N 163 
ILE C   O    doub N N 164 
ILE C   OXT  sing N N 165 
ILE CB  CG1  sing N N 166 
ILE CB  CG2  sing N N 167 
ILE CB  HB   sing N N 168 
ILE CG1 CD1  sing N N 169 
ILE CG1 HG12 sing N N 170 
ILE CG1 HG13 sing N N 171 
ILE CG2 HG21 sing N N 172 
ILE CG2 HG22 sing N N 173 
ILE CG2 HG23 sing N N 174 
ILE CD1 HD11 sing N N 175 
ILE CD1 HD12 sing N N 176 
ILE CD1 HD13 sing N N 177 
ILE OXT HXT  sing N N 178 
LEU N   CA   sing N N 179 
LEU N   H    sing N N 180 
LEU N   H2   sing N N 181 
LEU CA  C    sing N N 182 
LEU CA  CB   sing N N 183 
LEU CA  HA   sing N N 184 
LEU C   O    doub N N 185 
LEU C   OXT  sing N N 186 
LEU CB  CG   sing N N 187 
LEU CB  HB2  sing N N 188 
LEU CB  HB3  sing N N 189 
LEU CG  CD1  sing N N 190 
LEU CG  CD2  sing N N 191 
LEU CG  HG   sing N N 192 
LEU CD1 HD11 sing N N 193 
LEU CD1 HD12 sing N N 194 
LEU CD1 HD13 sing N N 195 
LEU CD2 HD21 sing N N 196 
LEU CD2 HD22 sing N N 197 
LEU CD2 HD23 sing N N 198 
LEU OXT HXT  sing N N 199 
LYS N   CA   sing N N 200 
LYS N   H    sing N N 201 
LYS N   H2   sing N N 202 
LYS CA  C    sing N N 203 
LYS CA  CB   sing N N 204 
LYS CA  HA   sing N N 205 
LYS C   O    doub N N 206 
LYS C   OXT  sing N N 207 
LYS CB  CG   sing N N 208 
LYS CB  HB2  sing N N 209 
LYS CB  HB3  sing N N 210 
LYS CG  CD   sing N N 211 
LYS CG  HG2  sing N N 212 
LYS CG  HG3  sing N N 213 
LYS CD  CE   sing N N 214 
LYS CD  HD2  sing N N 215 
LYS CD  HD3  sing N N 216 
LYS CE  NZ   sing N N 217 
LYS CE  HE2  sing N N 218 
LYS CE  HE3  sing N N 219 
LYS NZ  HZ1  sing N N 220 
LYS NZ  HZ2  sing N N 221 
LYS NZ  HZ3  sing N N 222 
LYS OXT HXT  sing N N 223 
MET N   CA   sing N N 224 
MET N   H    sing N N 225 
MET N   H2   sing N N 226 
MET CA  C    sing N N 227 
MET CA  CB   sing N N 228 
MET CA  HA   sing N N 229 
MET C   O    doub N N 230 
MET C   OXT  sing N N 231 
MET CB  CG   sing N N 232 
MET CB  HB2  sing N N 233 
MET CB  HB3  sing N N 234 
MET CG  SD   sing N N 235 
MET CG  HG2  sing N N 236 
MET CG  HG3  sing N N 237 
MET SD  CE   sing N N 238 
MET CE  HE1  sing N N 239 
MET CE  HE2  sing N N 240 
MET CE  HE3  sing N N 241 
MET OXT HXT  sing N N 242 
PHE N   CA   sing N N 243 
PHE N   H    sing N N 244 
PHE N   H2   sing N N 245 
PHE CA  C    sing N N 246 
PHE CA  CB   sing N N 247 
PHE CA  HA   sing N N 248 
PHE C   O    doub N N 249 
PHE C   OXT  sing N N 250 
PHE CB  CG   sing N N 251 
PHE CB  HB2  sing N N 252 
PHE CB  HB3  sing N N 253 
PHE CG  CD1  doub Y N 254 
PHE CG  CD2  sing Y N 255 
PHE CD1 CE1  sing Y N 256 
PHE CD1 HD1  sing N N 257 
PHE CD2 CE2  doub Y N 258 
PHE CD2 HD2  sing N N 259 
PHE CE1 CZ   doub Y N 260 
PHE CE1 HE1  sing N N 261 
PHE CE2 CZ   sing Y N 262 
PHE CE2 HE2  sing N N 263 
PHE CZ  HZ   sing N N 264 
PHE OXT HXT  sing N N 265 
PRO N   CA   sing N N 266 
PRO N   CD   sing N N 267 
PRO N   H    sing N N 268 
PRO CA  C    sing N N 269 
PRO CA  CB   sing N N 270 
PRO CA  HA   sing N N 271 
PRO C   O    doub N N 272 
PRO C   OXT  sing N N 273 
PRO CB  CG   sing N N 274 
PRO CB  HB2  sing N N 275 
PRO CB  HB3  sing N N 276 
PRO CG  CD   sing N N 277 
PRO CG  HG2  sing N N 278 
PRO CG  HG3  sing N N 279 
PRO CD  HD2  sing N N 280 
PRO CD  HD3  sing N N 281 
PRO OXT HXT  sing N N 282 
SER N   CA   sing N N 283 
SER N   H    sing N N 284 
SER N   H2   sing N N 285 
SER CA  C    sing N N 286 
SER CA  CB   sing N N 287 
SER CA  HA   sing N N 288 
SER C   O    doub N N 289 
SER C   OXT  sing N N 290 
SER CB  OG   sing N N 291 
SER CB  HB2  sing N N 292 
SER CB  HB3  sing N N 293 
SER OG  HG   sing N N 294 
SER OXT HXT  sing N N 295 
SO4 S   O1   doub N N 296 
SO4 S   O2   doub N N 297 
SO4 S   O3   sing N N 298 
SO4 S   O4   sing N N 299 
THR N   CA   sing N N 300 
THR N   H    sing N N 301 
THR N   H2   sing N N 302 
THR CA  C    sing N N 303 
THR CA  CB   sing N N 304 
THR CA  HA   sing N N 305 
THR C   O    doub N N 306 
THR C   OXT  sing N N 307 
THR CB  OG1  sing N N 308 
THR CB  CG2  sing N N 309 
THR CB  HB   sing N N 310 
THR OG1 HG1  sing N N 311 
THR CG2 HG21 sing N N 312 
THR CG2 HG22 sing N N 313 
THR CG2 HG23 sing N N 314 
THR OXT HXT  sing N N 315 
TRP N   CA   sing N N 316 
TRP N   H    sing N N 317 
TRP N   H2   sing N N 318 
TRP CA  C    sing N N 319 
TRP CA  CB   sing N N 320 
TRP CA  HA   sing N N 321 
TRP C   O    doub N N 322 
TRP C   OXT  sing N N 323 
TRP CB  CG   sing N N 324 
TRP CB  HB2  sing N N 325 
TRP CB  HB3  sing N N 326 
TRP CG  CD1  doub Y N 327 
TRP CG  CD2  sing Y N 328 
TRP CD1 NE1  sing Y N 329 
TRP CD1 HD1  sing N N 330 
TRP CD2 CE2  doub Y N 331 
TRP CD2 CE3  sing Y N 332 
TRP NE1 CE2  sing Y N 333 
TRP NE1 HE1  sing N N 334 
TRP CE2 CZ2  sing Y N 335 
TRP CE3 CZ3  doub Y N 336 
TRP CE3 HE3  sing N N 337 
TRP CZ2 CH2  doub Y N 338 
TRP CZ2 HZ2  sing N N 339 
TRP CZ3 CH2  sing Y N 340 
TRP CZ3 HZ3  sing N N 341 
TRP CH2 HH2  sing N N 342 
TRP OXT HXT  sing N N 343 
TYR N   CA   sing N N 344 
TYR N   H    sing N N 345 
TYR N   H2   sing N N 346 
TYR CA  C    sing N N 347 
TYR CA  CB   sing N N 348 
TYR CA  HA   sing N N 349 
TYR C   O    doub N N 350 
TYR C   OXT  sing N N 351 
TYR CB  CG   sing N N 352 
TYR CB  HB2  sing N N 353 
TYR CB  HB3  sing N N 354 
TYR CG  CD1  doub Y N 355 
TYR CG  CD2  sing Y N 356 
TYR CD1 CE1  sing Y N 357 
TYR CD1 HD1  sing N N 358 
TYR CD2 CE2  doub Y N 359 
TYR CD2 HD2  sing N N 360 
TYR CE1 CZ   doub Y N 361 
TYR CE1 HE1  sing N N 362 
TYR CE2 CZ   sing Y N 363 
TYR CE2 HE2  sing N N 364 
TYR CZ  OH   sing N N 365 
TYR OH  HH   sing N N 366 
TYR OXT HXT  sing N N 367 
VAL N   CA   sing N N 368 
VAL N   H    sing N N 369 
VAL N   H2   sing N N 370 
VAL CA  C    sing N N 371 
VAL CA  CB   sing N N 372 
VAL CA  HA   sing N N 373 
VAL C   O    doub N N 374 
VAL C   OXT  sing N N 375 
VAL CB  CG1  sing N N 376 
VAL CB  CG2  sing N N 377 
VAL CB  HB   sing N N 378 
VAL CG1 HG11 sing N N 379 
VAL CG1 HG12 sing N N 380 
VAL CG1 HG13 sing N N 381 
VAL CG2 HG21 sing N N 382 
VAL CG2 HG22 sing N N 383 
VAL CG2 HG23 sing N N 384 
VAL OXT HXT  sing N N 385 
# 
_atom_sites.entry_id                    3BRI 
_atom_sites.fract_transf_matrix[1][1]   -0.01068275 
_atom_sites.fract_transf_matrix[1][2]   -0.01410878 
_atom_sites.fract_transf_matrix[1][3]   0.01860309 
_atom_sites.fract_transf_matrix[2][1]   -0.02446702 
_atom_sites.fract_transf_matrix[2][2]   0.00398332 
_atom_sites.fract_transf_matrix[2][3]   0.00668992 
_atom_sites.fract_transf_matrix[3][1]   -0.00146021 
_atom_sites.fract_transf_matrix[3][2]   -0.00332531 
_atom_sites.fract_transf_matrix[3][3]   -0.00336047 
_atom_sites.fract_transf_vector[1]      -0.193668 
_atom_sites.fract_transf_vector[2]      0.381419 
_atom_sites.fract_transf_vector[3]      -0.037332 
# 
loop_
_atom_type.symbol 
C 
N 
O 
S 
# 
loop_
_atom_site.group_PDB 
_atom_site.id 
_atom_site.type_symbol 
_atom_site.label_atom_id 
_atom_site.label_alt_id 
_atom_site.label_comp_id 
_atom_site.label_asym_id 
_atom_site.label_entity_id 
_atom_site.label_seq_id 
_atom_site.pdbx_PDB_ins_code 
_atom_site.Cartn_x 
_atom_site.Cartn_y 
_atom_site.Cartn_z 
_atom_site.occupancy 
_atom_site.B_iso_or_equiv 
_atom_site.pdbx_formal_charge 
_atom_site.auth_seq_id 
_atom_site.auth_comp_id 
_atom_site.auth_asym_id 
_atom_site.auth_atom_id 
_atom_site.pdbx_PDB_model_num 
ATOM   1   N N   . ASP A 1 3  ? 2.345   -18.292 1.116   1.00 50.22 ? 3   ASP A N   1 
ATOM   2   C CA  . ASP A 1 3  ? 1.763   -16.943 0.820   1.00 58.96 ? 3   ASP A CA  1 
ATOM   3   C C   . ASP A 1 3  ? 1.275   -16.182 2.063   1.00 48.80 ? 3   ASP A C   1 
ATOM   4   O O   . ASP A 1 3  ? 1.044   -16.765 3.124   1.00 52.20 ? 3   ASP A O   1 
ATOM   5   C CB  . ASP A 1 3  ? 0.693   -16.992 -0.285  1.00 52.88 ? 3   ASP A CB  1 
ATOM   6   C CG  . ASP A 1 3  ? -0.052  -18.303 -0.338  1.00 68.42 ? 3   ASP A CG  1 
ATOM   7   O OD1 . ASP A 1 3  ? 0.554   -19.331 -0.713  1.00 74.40 ? 3   ASP A OD1 1 
ATOM   8   O OD2 . ASP A 1 3  ? -1.257  -18.296 -0.033  1.00 83.22 ? 3   ASP A OD2 1 
ATOM   9   N N   . ARG A 1 4  ? 1.098   -14.875 1.899   1.00 30.01 ? 4   ARG A N   1 
ATOM   10  C CA  . ARG A 1 4  ? 1.183   -13.945 3.011   1.00 25.19 ? 4   ARG A CA  1 
ATOM   11  C C   . ARG A 1 4  ? -0.171  -13.575 3.579   1.00 24.95 ? 4   ARG A C   1 
ATOM   12  O O   . ARG A 1 4  ? -1.167  -13.497 2.849   1.00 28.05 ? 4   ARG A O   1 
ATOM   13  C CB  . ARG A 1 4  ? 1.908   -12.669 2.587   1.00 25.39 ? 4   ARG A CB  1 
ATOM   14  C CG  . ARG A 1 4  ? 3.420   -12.810 2.506   1.00 31.56 ? 4   ARG A CG  1 
ATOM   15  C CD  . ARG A 1 4  ? 4.046   -11.445 2.186   1.00 35.96 ? 4   ARG A CD  1 
ATOM   16  N NE  . ARG A 1 4  ? 5.508   -11.486 2.148   1.00 48.44 ? 4   ARG A NE  1 
ATOM   17  C CZ  . ARG A 1 4  ? 6.226   -11.826 1.079   1.00 46.26 ? 4   ARG A CZ  1 
ATOM   18  N NH1 . ARG A 1 4  ? 5.625   -12.162 -0.058  1.00 41.78 ? 4   ARG A NH1 1 
ATOM   19  N NH2 . ARG A 1 4  ? 7.551   -11.833 1.148   1.00 49.20 ? 4   ARG A NH2 1 
ATOM   20  N N   . LYS A 1 5  ? -0.184  -13.349 4.890   1.00 24.27 ? 5   LYS A N   1 
ATOM   21  C CA  . LYS A 1 5  ? -1.408  -12.975 5.607   1.00 20.70 ? 5   LYS A CA  1 
ATOM   22  C C   . LYS A 1 5  ? -1.581  -11.467 5.565   1.00 26.81 ? 5   LYS A C   1 
ATOM   23  O O   . LYS A 1 5  ? -0.674  -10.734 5.955   1.00 22.35 ? 5   LYS A O   1 
ATOM   24  C CB  . LYS A 1 5  ? -1.311  -13.436 7.059   1.00 22.39 ? 5   LYS A CB  1 
ATOM   25  C CG  . LYS A 1 5  ? -2.568  -13.194 7.881   1.00 26.65 ? 5   LYS A CG  1 
ATOM   26  C CD  . LYS A 1 5  ? -2.251  -13.526 9.327   1.00 30.09 ? 5   LYS A CD  1 
ATOM   27  C CE  . LYS A 1 5  ? -3.437  -13.398 10.238  1.00 44.65 ? 5   LYS A CE  1 
ATOM   28  N NZ  . LYS A 1 5  ? -3.033  -13.931 11.565  1.00 47.49 ? 5   LYS A NZ  1 
ATOM   29  N N   . ALA A 1 6  ? -2.746  -11.008 5.098   1.00 18.91 ? 6   ALA A N   1 
ATOM   30  C CA  . ALA A 1 6  ? -3.069  -9.592  5.061   1.00 17.72 ? 6   ALA A CA  1 
ATOM   31  C C   . ALA A 1 6  ? -3.702  -9.162  6.380   1.00 16.60 ? 6   ALA A C   1 
ATOM   32  O O   . ALA A 1 6  ? -4.689  -9.760  6.834   1.00 23.28 ? 6   ALA A O   1 
ATOM   33  C CB  . ALA A 1 6  ? -4.028  -9.310  3.931   1.00 19.81 ? 6   ALA A CB  1 
ATOM   34  N N   . VAL A 1 7  ? -3.154  -8.113  6.978   1.00 15.43 ? 7   VAL A N   1 
ATOM   35  C CA  . VAL A 1 7  ? -3.719  -7.523  8.189   1.00 20.84 ? 7   VAL A CA  1 
ATOM   36  C C   . VAL A 1 7  ? -3.839  -6.027  7.987   1.00 18.46 ? 7   VAL A C   1 
ATOM   37  O O   . VAL A 1 7  ? -2.827  -5.317  7.865   1.00 18.00 ? 7   VAL A O   1 
ATOM   38  C CB  . VAL A 1 7  ? -2.873  -7.816  9.454   1.00 25.51 ? 7   VAL A CB  1 
ATOM   39  C CG1 . VAL A 1 7  ? -3.506  -7.131  10.678  1.00 27.11 ? 7   VAL A CG1 1 
ATOM   40  C CG2 . VAL A 1 7  ? -2.752  -9.330  9.699   1.00 24.99 ? 7   VAL A CG2 1 
ATOM   41  N N   . ILE A 1 8  ? -5.086  -5.549  7.935   1.00 20.70 ? 8   ILE A N   1 
ATOM   42  C CA  . ILE A 1 8  ? -5.317  -4.120  7.727   1.00 19.52 ? 8   ILE A CA  1 
ATOM   43  C C   . ILE A 1 8  ? -5.327  -3.421  9.087   1.00 23.34 ? 8   ILE A C   1 
ATOM   44  O O   . ILE A 1 8  ? -6.104  -3.797  9.973   1.00 26.61 ? 8   ILE A O   1 
ATOM   45  C CB  . ILE A 1 8  ? -6.595  -3.870  6.887   1.00 22.97 ? 8   ILE A CB  1 
ATOM   46  C CG1 . ILE A 1 8  ? -6.367  -4.423  5.466   1.00 27.63 ? 8   ILE A CG1 1 
ATOM   47  C CG2 . ILE A 1 8  ? -6.898  -2.370  6.806   1.00 23.68 ? 8   ILE A CG2 1 
ATOM   48  C CD1 . ILE A 1 8  ? -7.630  -4.514  4.611   1.00 30.37 ? 8   ILE A CD1 1 
ATOM   49  N N   . LYS A 1 9  ? -4.435  -2.446  9.258   1.00 21.14 ? 9   LYS A N   1 
ATOM   50  C CA  . LYS A 1 9  ? -4.245  -1.759  10.546  1.00 20.08 ? 9   LYS A CA  1 
ATOM   51  C C   . LYS A 1 9  ? -5.133  -0.531  10.670  1.00 22.54 ? 9   LYS A C   1 
ATOM   52  O O   . LYS A 1 9  ? -5.807  -0.322  11.690  1.00 26.89 ? 9   LYS A O   1 
ATOM   53  C CB  . LYS A 1 9  ? -2.777  -1.372  10.742  1.00 25.41 ? 9   LYS A CB  1 
ATOM   54  C CG  . LYS A 1 9  ? -1.837  -2.576  10.880  1.00 29.19 ? 9   LYS A CG  1 
ATOM   55  C CD  . LYS A 1 9  ? -2.120  -3.354  12.165  1.00 38.52 ? 9   LYS A CD  1 
ATOM   56  C CE  . LYS A 1 9  ? -1.073  -4.426  12.413  1.00 41.80 ? 9   LYS A CE  1 
ATOM   57  N NZ  . LYS A 1 9  ? -1.494  -5.369  13.501  1.00 47.94 ? 9   LYS A NZ  1 
ATOM   58  N N   . ASN A 1 10 ? -5.132  0.274   9.620   1.00 20.42 ? 10  ASN A N   1 
ATOM   59  C CA  A ASN A 1 10 ? -5.978  1.463   9.547   0.50 22.13 ? 10  ASN A CA  1 
ATOM   60  C CA  B ASN A 1 10 ? -5.956  1.484   9.542   0.50 21.21 ? 10  ASN A CA  1 
ATOM   61  C C   . ASN A 1 10 ? -6.387  1.694   8.103   1.00 21.67 ? 10  ASN A C   1 
ATOM   62  O O   . ASN A 1 10 ? -5.584  1.552   7.197   1.00 20.66 ? 10  ASN A O   1 
ATOM   63  C CB  A ASN A 1 10 ? -5.237  2.687   10.095  0.50 24.50 ? 10  ASN A CB  1 
ATOM   64  C CB  B ASN A 1 10 ? -5.163  2.705   10.008  0.50 21.37 ? 10  ASN A CB  1 
ATOM   65  C CG  A ASN A 1 10 ? -6.183  3.796   10.557  0.50 24.00 ? 10  ASN A CG  1 
ATOM   66  C CG  B ASN A 1 10 ? -4.730  2.605   11.454  0.50 25.05 ? 10  ASN A CG  1 
ATOM   67  O OD1 A ASN A 1 10 ? -7.277  3.535   11.063  0.50 43.09 ? 10  ASN A OD1 1 
ATOM   68  O OD1 B ASN A 1 10 ? -5.491  2.928   12.373  0.50 35.47 ? 10  ASN A OD1 1 
ATOM   69  N ND2 A ASN A 1 10 ? -5.750  5.040   10.399  0.50 40.47 ? 10  ASN A ND2 1 
ATOM   70  N ND2 B ASN A 1 10 ? -3.504  2.163   11.665  0.50 22.68 ? 10  ASN A ND2 1 
ATOM   71  N N   . ALA A 1 11 ? -7.643  2.038   7.885   1.00 22.38 ? 11  ALA A N   1 
ATOM   72  C CA  . ALA A 1 11 ? -8.099  2.277   6.529   1.00 21.56 ? 11  ALA A CA  1 
ATOM   73  C C   . ALA A 1 11 ? -9.192  3.319   6.512   1.00 26.22 ? 11  ALA A C   1 
ATOM   74  O O   . ALA A 1 11 ? -10.059 3.348   7.405   1.00 26.62 ? 11  ALA A O   1 
ATOM   75  C CB  . ALA A 1 11 ? -8.593  0.976   5.891   1.00 23.79 ? 11  ALA A CB  1 
ATOM   76  N N   . ASP A 1 12 ? -9.138  4.180   5.503   1.00 22.15 ? 12  ASP A N   1 
ATOM   77  C CA  . ASP A 1 12 ? -10.239 5.086   5.172   1.00 24.70 ? 12  ASP A CA  1 
ATOM   78  C C   . ASP A 1 12 ? -10.351 4.945   3.667   1.00 26.48 ? 12  ASP A C   1 
ATOM   79  O O   . ASP A 1 12 ? -9.699  5.672   2.923   1.00 23.45 ? 12  ASP A O   1 
ATOM   80  C CB  . ASP A 1 12 ? -9.900  6.527   5.566   1.00 24.35 ? 12  ASP A CB  1 
ATOM   81  C CG  . ASP A 1 12 ? -10.983 7.530   5.156   1.00 36.87 ? 12  ASP A CG  1 
ATOM   82  O OD1 . ASP A 1 12 ? -12.128 7.123   4.840   1.00 35.79 ? 12  ASP A OD1 1 
ATOM   83  O OD2 . ASP A 1 12 ? -10.676 8.743   5.148   1.00 32.66 ? 12  ASP A OD2 1 
ATOM   84  N N   . MET A 1 13 ? -11.123 3.953   3.228   1.00 22.06 ? 13  MET A N   1 
ATOM   85  C CA  . MET A 1 13 ? -11.072 3.455   1.846   1.00 21.38 ? 13  MET A CA  1 
ATOM   86  C C   . MET A 1 13 ? -12.202 2.447   1.626   1.00 23.10 ? 13  MET A C   1 
ATOM   87  O O   . MET A 1 13 ? -12.517 1.672   2.535   1.00 25.75 ? 13  MET A O   1 
ATOM   88  C CB  . MET A 1 13 ? -9.713  2.765   1.626   1.00 25.26 ? 13  MET A CB  1 
ATOM   89  C CG  . MET A 1 13 ? -9.491  2.161   0.255   1.00 25.42 ? 13  MET A CG  1 
ATOM   90  S SD  . MET A 1 13 ? -7.803  1.568   -0.031  1.00 19.35 ? 13  MET A SD  1 
ATOM   91  C CE  . MET A 1 13 ? -6.909  3.110   -0.078  1.00 21.24 ? 13  MET A CE  1 
ATOM   92  N N   . SER A 1 14 ? -12.801 2.447   0.429   1.00 23.09 ? 14  SER A N   1 
ATOM   93  C CA  . SER A 1 14 ? -13.855 1.475   0.085   1.00 22.72 ? 14  SER A CA  1 
ATOM   94  C C   . SER A 1 14 ? -13.323 0.053   0.214   1.00 24.24 ? 14  SER A C   1 
ATOM   95  O O   . SER A 1 14 ? -12.116 -0.196  0.056   1.00 22.56 ? 14  SER A O   1 
ATOM   96  C CB  . SER A 1 14 ? -14.387 1.692   -1.336  1.00 28.55 ? 14  SER A CB  1 
ATOM   97  O OG  . SER A 1 14 ? -13.432 1.250   -2.301  1.00 27.88 ? 14  SER A OG  1 
ATOM   98  N N   . GLU A 1 15 ? -14.221 -0.890  0.499   1.00 27.77 ? 15  GLU A N   1 
ATOM   99  C CA  . GLU A 1 15 ? -13.802 -2.290  0.611   1.00 27.39 ? 15  GLU A CA  1 
ATOM   100 C C   . GLU A 1 15 ? -13.168 -2.826  -0.675  1.00 29.02 ? 15  GLU A C   1 
ATOM   101 O O   . GLU A 1 15 ? -12.181 -3.563  -0.620  1.00 27.21 ? 15  GLU A O   1 
ATOM   102 C CB  . GLU A 1 15 ? -14.965 -3.174  1.080   1.00 32.31 ? 15  GLU A CB  1 
ATOM   103 C CG  . GLU A 1 15 ? -15.410 -2.872  2.512   1.00 48.14 ? 15  GLU A CG  1 
ATOM   104 C CD  . GLU A 1 15 ? -14.322 -3.143  3.544   1.00 63.89 ? 15  GLU A CD  1 
ATOM   105 O OE1 . GLU A 1 15 ? -13.669 -4.204  3.459   1.00 67.02 ? 15  GLU A OE1 1 
ATOM   106 O OE2 . GLU A 1 15 ? -14.127 -2.299  4.444   1.00 68.20 ? 15  GLU A OE2 1 
ATOM   107 N N   . GLU A 1 16 ? -13.709 -2.426  -1.825  1.00 28.95 ? 16  GLU A N   1 
ATOM   108 C CA  . GLU A 1 16 ? -13.187 -2.889  -3.104  1.00 26.16 ? 16  GLU A CA  1 
ATOM   109 C C   . GLU A 1 16 ? -11.778 -2.355  -3.327  1.00 25.14 ? 16  GLU A C   1 
ATOM   110 O O   . GLU A 1 16 ? -10.901 -3.082  -3.786  1.00 23.72 ? 16  GLU A O   1 
ATOM   111 C CB  . GLU A 1 16 ? -14.105 -2.493  -4.267  1.00 31.13 ? 16  GLU A CB  1 
ATOM   112 C CG  . GLU A 1 16 ? -13.669 -3.122  -5.596  1.00 43.47 ? 16  GLU A CG  1 
ATOM   113 C CD  . GLU A 1 16 ? -14.708 -3.027  -6.703  1.00 65.95 ? 16  GLU A CD  1 
ATOM   114 O OE1 . GLU A 1 16 ? -15.902 -2.759  -6.416  1.00 60.35 ? 16  GLU A OE1 1 
ATOM   115 O OE2 . GLU A 1 16 ? -14.317 -3.235  -7.872  1.00 57.49 ? 16  GLU A OE2 1 
ATOM   116 N N   . MET A 1 17 ? -11.549 -1.096  -2.971  1.00 23.46 ? 17  MET A N   1 
ATOM   117 C CA  A MET A 1 17 ? -10.226 -0.494  -3.144  0.50 22.31 ? 17  MET A CA  1 
ATOM   118 C CA  B MET A 1 17 ? -10.231 -0.496  -3.166  0.50 20.35 ? 17  MET A CA  1 
ATOM   119 C C   . MET A 1 17 ? -9.205  -1.101  -2.198  1.00 18.06 ? 17  MET A C   1 
ATOM   120 O O   . MET A 1 17 ? -8.039  -1.279  -2.559  1.00 18.30 ? 17  MET A O   1 
ATOM   121 C CB  A MET A 1 17 ? -10.293 1.013   -2.944  0.50 26.21 ? 17  MET A CB  1 
ATOM   122 C CB  B MET A 1 17 ? -10.311 1.030   -3.038  0.50 21.82 ? 17  MET A CB  1 
ATOM   123 C CG  A MET A 1 17 ? -10.812 1.732   -4.141  0.50 22.11 ? 17  MET A CG  1 
ATOM   124 C CG  B MET A 1 17 ? -9.073  1.767   -3.537  0.50 21.36 ? 17  MET A CG  1 
ATOM   125 S SD  A MET A 1 17 ? -10.961 3.511   -3.934  0.50 29.23 ? 17  MET A SD  1 
ATOM   126 S SD  B MET A 1 17 ? -9.067  3.527   -3.149  0.50 21.01 ? 17  MET A SD  1 
ATOM   127 C CE  A MET A 1 17 ? -9.254  4.029   -3.966  0.50 26.40 ? 17  MET A CE  1 
ATOM   128 C CE  B MET A 1 17 ? -10.344 4.129   -4.228  0.50 26.92 ? 17  MET A CE  1 
ATOM   129 N N   . GLN A 1 18 ? -9.638  -1.438  -0.979  1.00 19.21 ? 18  GLN A N   1 
ATOM   130 C CA  . GLN A 1 18 ? -8.741  -2.108  -0.033  1.00 20.77 ? 18  GLN A CA  1 
ATOM   131 C C   . GLN A 1 18 ? -8.304  -3.445  -0.628  1.00 23.44 ? 18  GLN A C   1 
ATOM   132 O O   . GLN A 1 18 ? -7.149  -3.805  -0.538  1.00 19.90 ? 18  GLN A O   1 
ATOM   133 C CB  . GLN A 1 18 ? -9.412  -2.346  1.338   1.00 17.40 ? 18  GLN A CB  1 
ATOM   134 C CG  . GLN A 1 18 ? -9.742  -1.053  2.125   1.00 20.72 ? 18  GLN A CG  1 
ATOM   135 C CD  . GLN A 1 18 ? -10.331 -1.343  3.486   1.00 26.61 ? 18  GLN A CD  1 
ATOM   136 O OE1 . GLN A 1 18 ? -9.874  -2.248  4.186   1.00 26.10 ? 18  GLN A OE1 1 
ATOM   137 N NE2 . GLN A 1 18 ? -11.360 -0.586  3.867   1.00 30.15 ? 18  GLN A NE2 1 
ATOM   138 N N   . GLN A 1 19 ? -9.231  -4.171  -1.251  1.00 20.71 ? 19  GLN A N   1 
ATOM   139 C CA  . GLN A 1 19 ? -8.889  -5.457  -1.863  1.00 20.94 ? 19  GLN A CA  1 
ATOM   140 C C   . GLN A 1 19 ? -7.897  -5.293  -3.012  1.00 23.31 ? 19  GLN A C   1 
ATOM   141 O O   . GLN A 1 19 ? -6.979  -6.088  -3.157  1.00 23.25 ? 19  GLN A O   1 
ATOM   142 C CB  . GLN A 1 19 ? -10.154 -6.189  -2.341  1.00 25.47 ? 19  GLN A CB  1 
ATOM   143 C CG  . GLN A 1 19 ? -9.837  -7.550  -2.964  1.00 31.74 ? 19  GLN A CG  1 
ATOM   144 C CD  . GLN A 1 19 ? -9.215  -8.506  -1.954  1.00 43.74 ? 19  GLN A CD  1 
ATOM   145 O OE1 . GLN A 1 19 ? -9.887  -8.944  -1.022  1.00 50.44 ? 19  GLN A OE1 1 
ATOM   146 N NE2 . GLN A 1 19 ? -7.926  -8.831  -2.132  1.00 28.56 ? 19  GLN A NE2 1 
ATOM   147 N N   . ASP A 1 20 ? -8.089  -4.252  -3.818  1.00 20.76 ? 20  ASP A N   1 
ATOM   148 C CA  . ASP A 1 20 ? -7.153  -3.934  -4.900  1.00 22.79 ? 20  ASP A CA  1 
ATOM   149 C C   . ASP A 1 20 ? -5.792  -3.568  -4.353  1.00 21.04 ? 20  ASP A C   1 
ATOM   150 O O   . ASP A 1 20 ? -4.772  -3.918  -4.955  1.00 19.58 ? 20  ASP A O   1 
ATOM   151 C CB  . ASP A 1 20 ? -7.692  -2.818  -5.809  1.00 24.26 ? 20  ASP A CB  1 
ATOM   152 C CG  . ASP A 1 20 ? -8.639  -3.338  -6.876  1.00 42.43 ? 20  ASP A CG  1 
ATOM   153 O OD1 . ASP A 1 20 ? -8.346  -4.393  -7.476  1.00 57.28 ? 20  ASP A OD1 1 
ATOM   154 O OD2 . ASP A 1 20 ? -9.677  -2.687  -7.125  1.00 40.25 ? 20  ASP A OD2 1 
ATOM   155 N N   . ALA A 1 21 ? -5.755  -2.853  -3.225  1.00 16.91 ? 21  ALA A N   1 
ATOM   156 C CA  . ALA A 1 21 ? -4.467  -2.516  -2.596  1.00 16.00 ? 21  ALA A CA  1 
ATOM   157 C C   . ALA A 1 21 ? -3.731  -3.787  -2.182  1.00 15.96 ? 21  ALA A C   1 
ATOM   158 O O   . ALA A 1 21 ? -2.543  -3.935  -2.430  1.00 17.08 ? 21  ALA A O   1 
ATOM   159 C CB  . ALA A 1 21 ? -4.676  -1.594  -1.385  1.00 16.67 ? 21  ALA A CB  1 
ATOM   160 N N   . VAL A 1 22 ? -4.438  -4.704  -1.534  1.00 15.51 ? 22  VAL A N   1 
ATOM   161 C CA  . VAL A 1 22 ? -3.829  -5.984  -1.127  1.00 17.95 ? 22  VAL A CA  1 
ATOM   162 C C   . VAL A 1 22 ? -3.373  -6.790  -2.351  1.00 21.57 ? 22  VAL A C   1 
ATOM   163 O O   . VAL A 1 22 ? -2.268  -7.339  -2.367  1.00 23.71 ? 22  VAL A O   1 
ATOM   164 C CB  . VAL A 1 22 ? -4.799  -6.790  -0.215  1.00 19.29 ? 22  VAL A CB  1 
ATOM   165 C CG1 . VAL A 1 22 ? -4.282  -8.200  0.056   1.00 24.63 ? 22  VAL A CG1 1 
ATOM   166 C CG2 . VAL A 1 22 ? -5.037  -6.037  1.107   1.00 20.67 ? 22  VAL A CG2 1 
ATOM   167 N N   . ASP A 1 23 ? -4.206  -6.838  -3.388  1.00 19.56 ? 23  ASP A N   1 
ATOM   168 C CA  . ASP A 1 23 ? -3.829  -7.508  -4.638  1.00 19.02 ? 23  ASP A CA  1 
ATOM   169 C C   . ASP A 1 23 ? -2.598  -6.912  -5.320  1.00 20.86 ? 23  ASP A C   1 
ATOM   170 O O   . ASP A 1 23 ? -1.702  -7.648  -5.755  1.00 21.14 ? 23  ASP A O   1 
ATOM   171 C CB  . ASP A 1 23 ? -5.020  -7.515  -5.607  1.00 21.17 ? 23  ASP A CB  1 
ATOM   172 C CG  . ASP A 1 23 ? -6.072  -8.519  -5.215  1.00 30.90 ? 23  ASP A CG  1 
ATOM   173 O OD1 . ASP A 1 23 ? -5.797  -9.346  -4.319  1.00 43.08 ? 23  ASP A OD1 1 
ATOM   174 O OD2 . ASP A 1 23 ? -7.170  -8.489  -5.811  1.00 39.60 ? 23  ASP A OD2 1 
ATOM   175 N N   . CYS A 1 24 ? -2.556  -5.584  -5.404  1.00 19.82 ? 24  CYS A N   1 
ATOM   176 C CA  A CYS A 1 24 ? -1.437  -4.871  -5.981  0.50 22.34 ? 24  CYS A CA  1 
ATOM   177 C CA  B CYS A 1 24 ? -1.408  -4.886  -6.004  0.50 16.57 ? 24  CYS A CA  1 
ATOM   178 C C   . CYS A 1 24 ? -0.136  -5.144  -5.229  1.00 20.85 ? 24  CYS A C   1 
ATOM   179 O O   . CYS A 1 24 ? 0.908   -5.401  -5.833  1.00 21.74 ? 24  CYS A O   1 
ATOM   180 C CB  A CYS A 1 24 ? -1.742  -3.387  -5.932  0.50 28.35 ? 24  CYS A CB  1 
ATOM   181 C CB  B CYS A 1 24 ? -1.629  -3.372  -6.091  0.50 16.05 ? 24  CYS A CB  1 
ATOM   182 S SG  A CYS A 1 24 ? -0.644  -2.462  -6.899  0.50 25.95 ? 24  CYS A SG  1 
ATOM   183 S SG  B CYS A 1 24 ? -2.749  -2.891  -7.401  0.50 23.80 ? 24  CYS A SG  1 
ATOM   184 N N   . ALA A 1 25 ? -0.214  -5.078  -3.899  1.00 17.73 ? 25  ALA A N   1 
ATOM   185 C CA  . ALA A 1 25 ? 0.958   -5.323  -3.061  1.00 19.32 ? 25  ALA A CA  1 
ATOM   186 C C   . ALA A 1 25 ? 1.418   -6.782  -3.182  1.00 17.19 ? 25  ALA A C   1 
ATOM   187 O O   . ALA A 1 25 ? 2.619   -7.076  -3.178  1.00 18.71 ? 25  ALA A O   1 
ATOM   188 C CB  . ALA A 1 25 ? 0.648   -4.953  -1.608  1.00 18.48 ? 25  ALA A CB  1 
ATOM   189 N N   . THR A 1 26 ? 0.464   -7.707  -3.277  1.00 19.65 ? 26  THR A N   1 
ATOM   190 C CA  . THR A 1 26 ? 0.800   -9.123  -3.488  1.00 21.16 ? 26  THR A CA  1 
ATOM   191 C C   . THR A 1 26 ? 1.569   -9.324  -4.800  1.00 28.88 ? 26  THR A C   1 
ATOM   192 O O   . THR A 1 26 ? 2.605   -10.006 -4.820  1.00 25.09 ? 26  THR A O   1 
ATOM   193 C CB  . THR A 1 26 ? -0.468  -10.003 -3.453  1.00 23.10 ? 26  THR A CB  1 
ATOM   194 O OG1 . THR A 1 26 ? -1.134  -9.827  -2.198  1.00 24.92 ? 26  THR A OG1 1 
ATOM   195 C CG2 . THR A 1 26 ? -0.119  -11.491 -3.636  1.00 27.31 ? 26  THR A CG2 1 
ATOM   196 N N   . GLN A 1 27 ? 1.076   -8.707  -5.876  1.00 21.94 ? 27  GLN A N   1 
ATOM   197 C CA  . GLN A 1 27 ? 1.756   -8.732  -7.184  1.00 26.88 ? 27  GLN A CA  1 
ATOM   198 C C   . GLN A 1 27 ? 3.152   -8.126  -7.100  1.00 26.88 ? 27  GLN A C   1 
ATOM   199 O O   . GLN A 1 27 ? 4.111   -8.665  -7.668  1.00 26.17 ? 27  GLN A O   1 
ATOM   200 C CB  . GLN A 1 27 ? 0.965   -7.936  -8.222  1.00 24.41 ? 27  GLN A CB  1 
ATOM   201 C CG  . GLN A 1 27 ? -0.316  -8.594  -8.721  1.00 35.85 ? 27  GLN A CG  1 
ATOM   202 C CD  . GLN A 1 27 ? -0.938  -7.820  -9.879  1.00 55.33 ? 27  GLN A CD  1 
ATOM   203 O OE1 . GLN A 1 27 ? -1.366  -8.416  -10.869 1.00 74.99 ? 27  GLN A OE1 1 
ATOM   204 N NE2 . GLN A 1 27 ? -0.979  -6.485  -9.765  1.00 38.64 ? 27  GLN A NE2 1 
ATOM   205 N N   . ALA A 1 28 ? 3.247   -6.991  -6.409  1.00 21.40 ? 28  ALA A N   1 
ATOM   206 C CA  . ALA A 1 28 ? 4.527   -6.283  -6.238  1.00 19.05 ? 28  ALA A CA  1 
ATOM   207 C C   . ALA A 1 28 ? 5.544   -7.149  -5.525  1.00 21.37 ? 28  ALA A C   1 
ATOM   208 O O   . ALA A 1 28 ? 6.697   -7.241  -5.959  1.00 22.07 ? 28  ALA A O   1 
ATOM   209 C CB  . ALA A 1 28 ? 4.294   -4.968  -5.464  1.00 18.90 ? 28  ALA A CB  1 
ATOM   210 N N   . LEU A 1 29 ? 5.135   -7.795  -4.433  1.00 18.45 ? 29  LEU A N   1 
ATOM   211 C CA  . LEU A 1 29 ? 6.051   -8.688  -3.708  1.00 19.81 ? 29  LEU A CA  1 
ATOM   212 C C   . LEU A 1 29 ? 6.452   -9.945  -4.489  1.00 28.56 ? 29  LEU A C   1 
ATOM   213 O O   . LEU A 1 29 ? 7.542   -10.488 -4.277  1.00 29.72 ? 29  LEU A O   1 
ATOM   214 C CB  . LEU A 1 29 ? 5.470   -9.087  -2.356  1.00 18.41 ? 29  LEU A CB  1 
ATOM   215 C CG  . LEU A 1 29 ? 5.401   -7.969  -1.311  1.00 24.61 ? 29  LEU A CG  1 
ATOM   216 C CD1 . LEU A 1 29 ? 4.539   -8.385  -0.136  1.00 25.06 ? 29  LEU A CD1 1 
ATOM   217 C CD2 . LEU A 1 29 ? 6.784   -7.620  -0.811  1.00 24.68 ? 29  LEU A CD2 1 
ATOM   218 N N   . GLU A 1 30 ? 5.575   -10.425 -5.369  1.00 21.64 ? 30  GLU A N   1 
ATOM   219 C CA  . GLU A 1 30 ? 5.950   -11.529 -6.272  1.00 24.17 ? 30  GLU A CA  1 
ATOM   220 C C   . GLU A 1 30 ? 7.045   -11.119 -7.268  1.00 31.46 ? 30  GLU A C   1 
ATOM   221 O O   . GLU A 1 30 ? 7.943   -11.913 -7.584  1.00 30.53 ? 30  GLU A O   1 
ATOM   222 C CB  . GLU A 1 30 ? 4.721   -12.062 -7.009  1.00 28.91 ? 30  GLU A CB  1 
ATOM   223 C CG  . GLU A 1 30 ? 3.736   -12.758 -6.085  1.00 35.16 ? 30  GLU A CG  1 
ATOM   224 C CD  . GLU A 1 30 ? 2.565   -13.412 -6.806  1.00 58.92 ? 30  GLU A CD  1 
ATOM   225 O OE1 . GLU A 1 30 ? 2.415   -13.220 -8.036  1.00 69.91 ? 30  GLU A OE1 1 
ATOM   226 O OE2 . GLU A 1 30 ? 1.790   -14.122 -6.127  1.00 61.05 ? 30  GLU A OE2 1 
ATOM   227 N N   . LYS A 1 31 ? 6.982   -9.877  -7.736  1.00 25.81 ? 31  LYS A N   1 
ATOM   228 C CA  . LYS A 1 31 ? 7.891   -9.379  -8.770  1.00 25.06 ? 31  LYS A CA  1 
ATOM   229 C C   . LYS A 1 31 ? 9.229   -8.865  -8.218  1.00 23.65 ? 31  LYS A C   1 
ATOM   230 O O   . LYS A 1 31 ? 10.271  -9.091  -8.825  1.00 24.18 ? 31  LYS A O   1 
ATOM   231 C CB  . LYS A 1 31 ? 7.193   -8.275  -9.581  1.00 26.93 ? 31  LYS A CB  1 
ATOM   232 C CG  . LYS A 1 31 ? 7.970   -7.696  -10.767 1.00 32.89 ? 31  LYS A CG  1 
ATOM   233 C CD  . LYS A 1 31 ? 7.025   -6.889  -11.664 1.00 42.64 ? 31  LYS A CD  1 
ATOM   234 C CE  . LYS A 1 31 ? 7.757   -5.927  -12.593 1.00 55.07 ? 31  LYS A CE  1 
ATOM   235 N NZ  . LYS A 1 31 ? 8.505   -6.585  -13.697 1.00 59.38 ? 31  LYS A NZ  1 
ATOM   236 N N   . TYR A 1 32 ? 9.179   -8.181  -7.076  1.00 20.62 ? 32  TYR A N   1 
ATOM   237 C CA  . TYR A 1 32 ? 10.316  -7.397  -6.583  1.00 18.70 ? 32  TYR A CA  1 
ATOM   238 C C   . TYR A 1 32 ? 10.686  -7.730  -5.140  1.00 20.66 ? 32  TYR A C   1 
ATOM   239 O O   . TYR A 1 32 ? 9.813   -8.069  -4.328  1.00 22.54 ? 32  TYR A O   1 
ATOM   240 C CB  . TYR A 1 32 ? 9.927   -5.923  -6.592  1.00 19.10 ? 32  TYR A CB  1 
ATOM   241 C CG  . TYR A 1 32 ? 9.728   -5.261  -7.934  1.00 26.61 ? 32  TYR A CG  1 
ATOM   242 C CD1 . TYR A 1 32 ? 10.823  -5.000  -8.769  1.00 31.12 ? 32  TYR A CD1 1 
ATOM   243 C CD2 . TYR A 1 32 ? 8.460   -4.831  -8.345  1.00 27.35 ? 32  TYR A CD2 1 
ATOM   244 C CE1 . TYR A 1 32 ? 10.662  -4.355  -9.992  1.00 30.16 ? 32  TYR A CE1 1 
ATOM   245 C CE2 . TYR A 1 32 ? 8.289   -4.182  -9.571  1.00 35.04 ? 32  TYR A CE2 1 
ATOM   246 C CZ  . TYR A 1 32 ? 9.401   -3.955  -10.388 1.00 39.22 ? 32  TYR A CZ  1 
ATOM   247 O OH  . TYR A 1 32 ? 9.267   -3.319  -11.601 1.00 50.64 ? 32  TYR A OH  1 
ATOM   248 N N   . ASN A 1 33 ? 11.969  -7.562  -4.812  1.00 19.46 ? 33  ASN A N   1 
ATOM   249 C CA  . ASN A 1 33 ? 12.461  -7.794  -3.447  1.00 21.98 ? 33  ASN A CA  1 
ATOM   250 C C   . ASN A 1 33 ? 12.894  -6.542  -2.688  1.00 24.45 ? 33  ASN A C   1 
ATOM   251 O O   . ASN A 1 33 ? 13.026  -6.577  -1.462  1.00 24.63 ? 33  ASN A O   1 
ATOM   252 C CB  . ASN A 1 33 ? 13.656  -8.754  -3.476  1.00 20.43 ? 33  ASN A CB  1 
ATOM   253 C CG  . ASN A 1 33 ? 13.324  -10.081 -4.086  1.00 27.20 ? 33  ASN A CG  1 
ATOM   254 O OD1 . ASN A 1 33 ? 14.052  -10.589 -4.962  1.00 29.31 ? 33  ASN A OD1 1 
ATOM   255 N ND2 . ASN A 1 33 ? 12.238  -10.676 -3.621  1.00 22.99 ? 33  ASN A ND2 1 
ATOM   256 N N   . ILE A 1 34 ? 13.179  -5.461  -3.415  1.00 19.05 ? 34  ILE A N   1 
ATOM   257 C CA  A ILE A 1 34 ? 13.681  -4.229  -2.799  0.50 18.39 ? 34  ILE A CA  1 
ATOM   258 C CA  B ILE A 1 34 ? 13.681  -4.230  -2.797  0.50 19.11 ? 34  ILE A CA  1 
ATOM   259 C C   . ILE A 1 34 ? 12.533  -3.269  -2.510  1.00 16.14 ? 34  ILE A C   1 
ATOM   260 O O   . ILE A 1 34 ? 11.675  -3.023  -3.368  1.00 19.18 ? 34  ILE A O   1 
ATOM   261 C CB  A ILE A 1 34 ? 14.730  -3.524  -3.689  0.50 17.84 ? 34  ILE A CB  1 
ATOM   262 C CB  B ILE A 1 34 ? 14.738  -3.537  -3.676  0.50 21.00 ? 34  ILE A CB  1 
ATOM   263 C CG1 A ILE A 1 34 ? 15.795  -4.516  -4.189  0.50 16.31 ? 34  ILE A CG1 1 
ATOM   264 C CG1 B ILE A 1 34 ? 16.004  -4.400  -3.757  0.50 25.01 ? 34  ILE A CG1 1 
ATOM   265 C CG2 A ILE A 1 34 ? 15.379  -2.349  -2.943  0.50 21.96 ? 34  ILE A CG2 1 
ATOM   266 C CG2 B ILE A 1 34 ? 15.063  -2.134  -3.138  0.50 22.44 ? 34  ILE A CG2 1 
ATOM   267 C CD1 A ILE A 1 34 ? 16.455  -5.338  -3.089  0.50 23.33 ? 34  ILE A CD1 1 
ATOM   268 C CD1 B ILE A 1 34 ? 16.995  -3.956  -4.804  0.50 21.77 ? 34  ILE A CD1 1 
ATOM   269 N N   . GLU A 1 35 ? 12.516  -2.721  -1.293  1.00 16.66 ? 35  GLU A N   1 
ATOM   270 C CA  A GLU A 1 35 ? 11.379  -1.936  -0.806  0.50 18.07 ? 35  GLU A CA  1 
ATOM   271 C CA  B GLU A 1 35 ? 11.339  -1.978  -0.844  0.50 19.06 ? 35  GLU A CA  1 
ATOM   272 C C   . GLU A 1 35 ? 10.959  -0.812  -1.748  1.00 13.71 ? 35  GLU A C   1 
ATOM   273 O O   . GLU A 1 35 ? 9.780   -0.639  -2.036  1.00 14.95 ? 35  GLU A O   1 
ATOM   274 C CB  A GLU A 1 35 ? 11.672  -1.384  0.593   0.50 12.56 ? 35  GLU A CB  1 
ATOM   275 C CB  B GLU A 1 35 ? 11.451  -1.563  0.626   0.50 17.73 ? 35  GLU A CB  1 
ATOM   276 C CG  A GLU A 1 35 ? 11.851  -2.479  1.655   0.50 14.16 ? 35  GLU A CG  1 
ATOM   277 C CG  B GLU A 1 35 ? 11.287  -2.757  1.587   0.50 22.91 ? 35  GLU A CG  1 
ATOM   278 C CD  A GLU A 1 35 ? 13.299  -2.932  1.870   0.50 22.31 ? 35  GLU A CD  1 
ATOM   279 C CD  B GLU A 1 35 ? 11.895  -2.517  2.953   0.50 30.52 ? 35  GLU A CD  1 
ATOM   280 O OE1 A GLU A 1 35 ? 14.119  -3.020  0.908   0.50 24.16 ? 35  GLU A OE1 1 
ATOM   281 O OE1 B GLU A 1 35 ? 12.500  -1.448  3.148   0.50 27.04 ? 35  GLU A OE1 1 
ATOM   282 O OE2 A GLU A 1 35 ? 13.614  -3.223  3.044   0.50 28.91 ? 35  GLU A OE2 1 
ATOM   283 O OE2 B GLU A 1 35 ? 11.785  -3.402  3.833   0.50 23.62 ? 35  GLU A OE2 1 
ATOM   284 N N   . LYS A 1 36 ? 11.926  -0.033  -2.220  1.00 15.48 ? 36  LYS A N   1 
ATOM   285 C CA  . LYS A 1 36 ? 11.552  1.103   -3.066  1.00 18.30 ? 36  LYS A CA  1 
ATOM   286 C C   . LYS A 1 36 ? 10.917  0.665   -4.402  1.00 17.79 ? 36  LYS A C   1 
ATOM   287 O O   . LYS A 1 36 ? 10.079  1.386   -4.947  1.00 17.71 ? 36  LYS A O   1 
ATOM   288 C CB  . LYS A 1 36 ? 12.756  2.045   -3.304  1.00 21.03 ? 36  LYS A CB  1 
ATOM   289 C CG  . LYS A 1 36 ? 13.876  1.444   -4.098  1.00 22.46 ? 36  LYS A CG  1 
ATOM   290 C CD  . LYS A 1 36 ? 14.942  2.496   -4.354  1.00 36.76 ? 36  LYS A CD  1 
ATOM   291 C CE  . LYS A 1 36 ? 15.943  2.046   -5.401  1.00 46.32 ? 36  LYS A CE  1 
ATOM   292 N NZ  . LYS A 1 36 ? 16.841  3.178   -5.789  1.00 51.71 ? 36  LYS A NZ  1 
ATOM   293 N N   . ASP A 1 37 ? 11.319  -0.503  -4.919  1.00 18.59 ? 37  ASP A N   1 
ATOM   294 C CA  . ASP A 1 37 ? 10.749  -1.060  -6.150  1.00 16.13 ? 37  ASP A CA  1 
ATOM   295 C C   . ASP A 1 37 ? 9.334   -1.572  -5.930  1.00 17.20 ? 37  ASP A C   1 
ATOM   296 O O   . ASP A 1 37 ? 8.450   -1.388  -6.778  1.00 18.99 ? 37  ASP A O   1 
ATOM   297 C CB  . ASP A 1 37 ? 11.638  -2.201  -6.703  1.00 16.09 ? 37  ASP A CB  1 
ATOM   298 C CG  . ASP A 1 37 ? 13.015  -1.711  -7.162  1.00 25.53 ? 37  ASP A CG  1 
ATOM   299 O OD1 . ASP A 1 37 ? 13.178  -0.508  -7.476  1.00 30.46 ? 37  ASP A OD1 1 
ATOM   300 O OD2 . ASP A 1 37 ? 13.949  -2.543  -7.204  1.00 27.21 ? 37  ASP A OD2 1 
ATOM   301 N N   . ILE A 1 38 ? 9.111   -2.207  -4.776  1.00 15.45 ? 38  ILE A N   1 
ATOM   302 C CA  . ILE A 1 38 ? 7.763   -2.660  -4.387  1.00 14.61 ? 38  ILE A CA  1 
ATOM   303 C C   . ILE A 1 38 ? 6.834   -1.450  -4.293  1.00 14.45 ? 38  ILE A C   1 
ATOM   304 O O   . ILE A 1 38 ? 5.728   -1.430  -4.868  1.00 16.23 ? 38  ILE A O   1 
ATOM   305 C CB  . ILE A 1 38 ? 7.832   -3.451  -3.051  1.00 14.90 ? 38  ILE A CB  1 
ATOM   306 C CG1 . ILE A 1 38 ? 8.697   -4.714  -3.246  1.00 18.30 ? 38  ILE A CG1 1 
ATOM   307 C CG2 . ILE A 1 38 ? 6.428   -3.820  -2.533  1.00 16.13 ? 38  ILE A CG2 1 
ATOM   308 C CD1 . ILE A 1 38 ? 9.237   -5.330  -1.934  1.00 19.42 ? 38  ILE A CD1 1 
ATOM   309 N N   . ALA A 1 39 ? 7.305   -0.425  -3.590  1.00 13.44 ? 39  ALA A N   1 
ATOM   310 C CA  . ALA A 1 39 ? 6.526   0.807   -3.392  1.00 13.53 ? 39  ALA A CA  1 
ATOM   311 C C   . ALA A 1 39 ? 6.199   1.472   -4.734  1.00 14.63 ? 39  ALA A C   1 
ATOM   312 O O   . ALA A 1 39 ? 5.069   1.912   -4.957  1.00 16.20 ? 39  ALA A O   1 
ATOM   313 C CB  . ALA A 1 39 ? 7.314   1.776   -2.469  1.00 13.30 ? 39  ALA A CB  1 
ATOM   314 N N   . ALA A 1 40 ? 7.175   1.517   -5.647  1.00 15.24 ? 40  ALA A N   1 
ATOM   315 C CA  . ALA A 1 40 ? 6.939   2.140   -6.948  1.00 15.62 ? 40  ALA A CA  1 
ATOM   316 C C   . ALA A 1 40 ? 5.890   1.394   -7.770  1.00 19.17 ? 40  ALA A C   1 
ATOM   317 O O   . ALA A 1 40 ? 5.044   2.017   -8.428  1.00 18.61 ? 40  ALA A O   1 
ATOM   318 C CB  . ALA A 1 40 ? 8.247   2.274   -7.727  1.00 19.35 ? 40  ALA A CB  1 
ATOM   319 N N   . TYR A 1 41 ? 5.909   0.069   -7.714  1.00 16.06 ? 41  TYR A N   1 
ATOM   320 C CA  . TYR A 1 41 ? 4.919   -0.733  -8.456  1.00 16.99 ? 41  TYR A CA  1 
ATOM   321 C C   . TYR A 1 41 ? 3.501   -0.423  -7.966  1.00 19.67 ? 41  TYR A C   1 
ATOM   322 O O   . TYR A 1 41 ? 2.583   -0.233  -8.765  1.00 20.00 ? 41  TYR A O   1 
ATOM   323 C CB  . TYR A 1 41 ? 5.215   -2.227  -8.279  1.00 20.49 ? 41  TYR A CB  1 
ATOM   324 C CG  . TYR A 1 41 ? 4.242   -3.151  -8.985  1.00 22.31 ? 41  TYR A CG  1 
ATOM   325 C CD1 . TYR A 1 41 ? 4.540   -3.672  -10.257 1.00 23.09 ? 41  TYR A CD1 1 
ATOM   326 C CD2 . TYR A 1 41 ? 3.036   -3.515  -8.385  1.00 22.98 ? 41  TYR A CD2 1 
ATOM   327 C CE1 . TYR A 1 41 ? 3.640   -4.521  -10.907 1.00 30.58 ? 41  TYR A CE1 1 
ATOM   328 C CE2 . TYR A 1 41 ? 2.128   -4.354  -9.034  1.00 25.87 ? 41  TYR A CE2 1 
ATOM   329 C CZ  . TYR A 1 41 ? 2.445   -4.852  -10.293 1.00 32.62 ? 41  TYR A CZ  1 
ATOM   330 O OH  . TYR A 1 41 ? 1.561   -5.689  -10.938 1.00 33.96 ? 41  TYR A OH  1 
ATOM   331 N N   . ILE A 1 42 ? 3.326   -0.422  -6.648  1.00 17.59 ? 42  ILE A N   1 
ATOM   332 C CA  . ILE A 1 42 ? 2.011   -0.188  -6.068  1.00 15.71 ? 42  ILE A CA  1 
ATOM   333 C C   . ILE A 1 42 ? 1.532   1.219   -6.399  1.00 17.58 ? 42  ILE A C   1 
ATOM   334 O O   . ILE A 1 42 ? 0.376   1.423   -6.819  1.00 17.04 ? 42  ILE A O   1 
ATOM   335 C CB  . ILE A 1 42 ? 2.039   -0.418  -4.544  1.00 13.89 ? 42  ILE A CB  1 
ATOM   336 C CG1 . ILE A 1 42 ? 2.432   -1.857  -4.231  1.00 15.98 ? 42  ILE A CG1 1 
ATOM   337 C CG2 . ILE A 1 42 ? 0.646   -0.131  -3.923  1.00 16.31 ? 42  ILE A CG2 1 
ATOM   338 C CD1 . ILE A 1 42 ? 2.809   -2.066  -2.775  1.00 15.55 ? 42  ILE A CD1 1 
ATOM   339 N N   . LYS A 1 43 ? 2.422   2.191   -6.219  1.00 15.50 ? 43  LYS A N   1 
ATOM   340 C CA  . LYS A 1 43 ? 2.074   3.589   -6.470  1.00 17.62 ? 43  LYS A CA  1 
ATOM   341 C C   . LYS A 1 43 ? 1.625   3.766   -7.928  1.00 16.39 ? 43  LYS A C   1 
ATOM   342 O O   . LYS A 1 43 ? 0.576   4.371   -8.212  1.00 16.15 ? 43  LYS A O   1 
ATOM   343 C CB  . LYS A 1 43 ? 3.285   4.494   -6.159  1.00 15.92 ? 43  LYS A CB  1 
ATOM   344 C CG  . LYS A 1 43 ? 3.043   6.002   -6.379  1.00 15.09 ? 43  LYS A CG  1 
ATOM   345 C CD  . LYS A 1 43 ? 3.259   6.414   -7.846  1.00 16.71 ? 43  LYS A CD  1 
ATOM   346 C CE  . LYS A 1 43 ? 3.641   7.899   -7.953  1.00 18.54 ? 43  LYS A CE  1 
ATOM   347 N NZ  . LYS A 1 43 ? 2.468   8.819   -7.740  1.00 19.86 ? 43  LYS A NZ  1 
ATOM   348 N N   . LYS A 1 44 ? 2.430   3.240   -8.855  1.00 16.93 ? 44  LYS A N   1 
ATOM   349 C CA  . LYS A 1 44 ? 2.105   3.350   -10.283 1.00 20.63 ? 44  LYS A CA  1 
ATOM   350 C C   . LYS A 1 44 ? 0.798   2.660   -10.656 1.00 22.56 ? 44  LYS A C   1 
ATOM   351 O O   . LYS A 1 44 ? 0.031   3.202   -11.445 1.00 23.87 ? 44  LYS A O   1 
ATOM   352 C CB  . LYS A 1 44 ? 3.263   2.818   -11.143 1.00 22.59 ? 44  LYS A CB  1 
ATOM   353 C CG  . LYS A 1 44 ? 4.504   3.710   -11.090 1.00 22.57 ? 44  LYS A CG  1 
ATOM   354 C CD  . LYS A 1 44 ? 5.730   2.959   -11.605 1.00 26.58 ? 44  LYS A CD  1 
ATOM   355 C CE  . LYS A 1 44 ? 6.978   3.831   -11.576 1.00 41.84 ? 44  LYS A CE  1 
ATOM   356 N NZ  . LYS A 1 44 ? 8.182   3.074   -12.042 1.00 48.39 ? 44  LYS A NZ  1 
ATOM   357 N N   . GLU A 1 45 ? 0.542   1.477   -10.094 1.00 21.06 ? 45  GLU A N   1 
ATOM   358 C CA  . GLU A 1 45 ? -0.709  0.763   -10.384 1.00 22.09 ? 45  GLU A CA  1 
ATOM   359 C C   . GLU A 1 45 ? -1.917  1.546   -9.877  1.00 24.99 ? 45  GLU A C   1 
ATOM   360 O O   . GLU A 1 45 ? -2.940  1.635   -10.566 1.00 24.33 ? 45  GLU A O   1 
ATOM   361 C CB  . GLU A 1 45 ? -0.695  -0.651  -9.790  1.00 24.52 ? 45  GLU A CB  1 
ATOM   362 C CG  . GLU A 1 45 ? 0.231   -1.638  -10.510 1.00 33.79 ? 45  GLU A CG  1 
ATOM   363 C CD  . GLU A 1 45 ? -0.175  -1.898  -11.957 1.00 46.90 ? 45  GLU A CD  1 
ATOM   364 O OE1 . GLU A 1 45 ? -1.373  -2.159  -12.206 1.00 50.15 ? 45  GLU A OE1 1 
ATOM   365 O OE2 . GLU A 1 45 ? 0.708   -1.844  -12.839 1.00 45.88 ? 45  GLU A OE2 1 
ATOM   366 N N   . PHE A 1 46 ? -1.807  2.124   -8.678  1.00 19.56 ? 46  PHE A N   1 
ATOM   367 C CA  . PHE A 1 46 ? -2.915  2.921   -8.130  1.00 17.18 ? 46  PHE A CA  1 
ATOM   368 C C   . PHE A 1 46 ? -3.140  4.240   -8.860  1.00 20.73 ? 46  PHE A C   1 
ATOM   369 O O   . PHE A 1 46 ? -4.282  4.657   -9.046  1.00 20.05 ? 46  PHE A O   1 
ATOM   370 C CB  . PHE A 1 46 ? -2.804  3.077   -6.594  1.00 18.36 ? 46  PHE A CB  1 
ATOM   371 C CG  . PHE A 1 46 ? -3.692  2.121   -5.838  1.00 16.33 ? 46  PHE A CG  1 
ATOM   372 C CD1 . PHE A 1 46 ? -3.628  0.744   -6.077  1.00 20.00 ? 46  PHE A CD1 1 
ATOM   373 C CD2 . PHE A 1 46 ? -4.632  2.604   -4.929  1.00 15.57 ? 46  PHE A CD2 1 
ATOM   374 C CE1 . PHE A 1 46 ? -4.492  -0.131  -5.395  1.00 21.40 ? 46  PHE A CE1 1 
ATOM   375 C CE2 . PHE A 1 46 ? -5.508  1.731   -4.230  1.00 20.37 ? 46  PHE A CE2 1 
ATOM   376 C CZ  . PHE A 1 46 ? -5.442  0.373   -4.467  1.00 18.02 ? 46  PHE A CZ  1 
ATOM   377 N N   . ASP A 1 47 ? -2.070  4.875   -9.330  1.00 20.71 ? 47  ASP A N   1 
ATOM   378 C CA  . ASP A 1 47 ? -2.240  6.021   -10.229 1.00 22.34 ? 47  ASP A CA  1 
ATOM   379 C C   . ASP A 1 47 ? -3.055  5.626   -11.471 1.00 24.45 ? 47  ASP A C   1 
ATOM   380 O O   . ASP A 1 47 ? -3.901  6.391   -11.926 1.00 24.58 ? 47  ASP A O   1 
ATOM   381 C CB  . ASP A 1 47 ? -0.881  6.576   -10.662 1.00 20.59 ? 47  ASP A CB  1 
ATOM   382 C CG  . ASP A 1 47 ? -0.261  7.531   -9.638  1.00 22.28 ? 47  ASP A CG  1 
ATOM   383 O OD1 . ASP A 1 47 ? -0.893  7.853   -8.599  1.00 20.71 ? 47  ASP A OD1 1 
ATOM   384 O OD2 . ASP A 1 47 ? 0.894   7.963   -9.884  1.00 23.43 ? 47  ASP A OD2 1 
ATOM   385 N N   . LYS A 1 48 ? -2.796  4.432   -12.009 1.00 20.00 ? 48  LYS A N   1 
ATOM   386 C CA  . LYS A 1 48 ? -3.525  3.942   -13.194 1.00 19.66 ? 48  LYS A CA  1 
ATOM   387 C C   . LYS A 1 48 ? -4.991  3.603   -12.917 1.00 24.93 ? 48  LYS A C   1 
ATOM   388 O O   . LYS A 1 48 ? -5.895  4.002   -13.684 1.00 30.11 ? 48  LYS A O   1 
ATOM   389 C CB  . LYS A 1 48 ? -2.832  2.703   -13.762 1.00 27.50 ? 48  LYS A CB  1 
ATOM   390 C CG  . LYS A 1 48 ? -1.613  2.991   -14.635 1.00 56.66 ? 48  LYS A CG  1 
ATOM   391 C CD  . LYS A 1 48 ? -0.928  1.692   -15.078 1.00 54.87 ? 48  LYS A CD  1 
ATOM   392 C CE  . LYS A 1 48 ? -1.756  0.926   -16.109 1.00 82.59 ? 48  LYS A CE  1 
ATOM   393 N NZ  . LYS A 1 48 ? -1.141  -0.385  -16.470 1.00 87.90 ? 48  LYS A NZ  1 
ATOM   394 N N   . LYS A 1 49 ? -5.221  2.861   -11.835 1.00 21.32 ? 49  LYS A N   1 
ATOM   395 C CA  . LYS A 1 49 ? -6.546  2.301   -11.537 1.00 22.48 ? 49  LYS A CA  1 
ATOM   396 C C   . LYS A 1 49 ? -7.448  3.301   -10.840 1.00 21.22 ? 49  LYS A C   1 
ATOM   397 O O   . LYS A 1 49 ? -8.654  3.334   -11.090 1.00 25.46 ? 49  LYS A O   1 
ATOM   398 C CB  . LYS A 1 49 ? -6.419  1.046   -10.663 1.00 24.92 ? 49  LYS A CB  1 
ATOM   399 C CG  . LYS A 1 49 ? -5.739  -0.129  -11.354 1.00 30.05 ? 49  LYS A CG  1 
ATOM   400 C CD  . LYS A 1 49 ? -5.542  -1.283  -10.369 1.00 45.47 ? 49  LYS A CD  1 
ATOM   401 C CE  . LYS A 1 49 ? -4.530  -2.306  -10.876 1.00 54.96 ? 49  LYS A CE  1 
ATOM   402 N NZ  . LYS A 1 49 ? -5.070  -3.185  -11.945 1.00 61.52 ? 49  LYS A NZ  1 
ATOM   403 N N   . TYR A 1 50 ? -6.861  4.114   -9.977  1.00 22.67 ? 50  TYR A N   1 
ATOM   404 C CA  . TYR A 1 50 ? -7.643  4.964   -9.088  1.00 26.70 ? 50  TYR A CA  1 
ATOM   405 C C   . TYR A 1 50 ? -7.243  6.430   -9.163  1.00 33.35 ? 50  TYR A C   1 
ATOM   406 O O   . TYR A 1 50 ? -7.498  7.202   -8.224  1.00 27.19 ? 50  TYR A O   1 
ATOM   407 C CB  . TYR A 1 50 ? -7.570  4.411   -7.659  1.00 22.75 ? 50  TYR A CB  1 
ATOM   408 C CG  . TYR A 1 50 ? -8.335  3.111   -7.487  1.00 25.01 ? 50  TYR A CG  1 
ATOM   409 C CD1 . TYR A 1 50 ? -7.671  1.891   -7.282  1.00 23.81 ? 50  TYR A CD1 1 
ATOM   410 C CD2 . TYR A 1 50 ? -9.728  3.101   -7.561  1.00 24.57 ? 50  TYR A CD2 1 
ATOM   411 C CE1 . TYR A 1 50 ? -8.407  0.696   -7.138  1.00 28.45 ? 50  TYR A CE1 1 
ATOM   412 C CE2 . TYR A 1 50 ? -10.451 1.933   -7.416  1.00 27.01 ? 50  TYR A CE2 1 
ATOM   413 C CZ  . TYR A 1 50 ? -9.788  0.736   -7.207  1.00 30.31 ? 50  TYR A CZ  1 
ATOM   414 O OH  . TYR A 1 50 ? -10.558 -0.404  -7.060  1.00 29.75 ? 50  TYR A OH  1 
ATOM   415 N N   . ASN A 1 51 ? -6.613  6.795   -10.286 1.00 24.44 ? 51  ASN A N   1 
ATOM   416 C CA  . ASN A 1 51 ? -6.210  8.175   -10.613 1.00 25.02 ? 51  ASN A CA  1 
ATOM   417 C C   . ASN A 1 51 ? -5.042  8.714   -9.789  1.00 24.13 ? 51  ASN A C   1 
ATOM   418 O O   . ASN A 1 51 ? -4.868  8.332   -8.647  1.00 22.36 ? 51  ASN A O   1 
ATOM   419 C CB  . ASN A 1 51 ? -7.399  9.142   -10.556 1.00 27.82 ? 51  ASN A CB  1 
ATOM   420 C CG  . ASN A 1 51 ? -8.262  9.066   -11.790 1.00 45.70 ? 51  ASN A CG  1 
ATOM   421 O OD1 . ASN A 1 51 ? -9.489  9.180   -11.716 1.00 54.83 ? 51  ASN A OD1 1 
ATOM   422 N ND2 . ASN A 1 51 ? -7.626  8.855   -12.941 1.00 34.15 ? 51  ASN A ND2 1 
ATOM   423 N N   . PRO A 1 52 ? -4.229  9.608   -10.373 1.00 25.37 ? 52  PRO A N   1 
ATOM   424 C CA  . PRO A 1 52 ? -3.175  10.242  -9.561  1.00 21.53 ? 52  PRO A CA  1 
ATOM   425 C C   . PRO A 1 52 ? -3.794  11.111  -8.452  1.00 25.88 ? 52  PRO A C   1 
ATOM   426 O O   . PRO A 1 52 ? -4.958  11.529  -8.588  1.00 28.79 ? 52  PRO A O   1 
ATOM   427 C CB  . PRO A 1 52 ? -2.434  11.122  -10.581 1.00 24.20 ? 52  PRO A CB  1 
ATOM   428 C CG  . PRO A 1 52 ? -2.799  10.571  -11.911 1.00 30.12 ? 52  PRO A CG  1 
ATOM   429 C CD  . PRO A 1 52 ? -4.187  10.052  -11.775 1.00 30.92 ? 52  PRO A CD  1 
ATOM   430 N N   . THR A 1 53 ? -3.061  11.402  -7.374  1.00 22.62 ? 53  THR A N   1 
ATOM   431 C CA  . THR A 1 53 ? -1.634  11.098  -7.183  1.00 20.26 ? 53  THR A CA  1 
ATOM   432 C C   . THR A 1 53 ? -1.473  10.316  -5.888  1.00 18.91 ? 53  THR A C   1 
ATOM   433 O O   . THR A 1 53 ? -1.826  10.816  -4.819  1.00 20.74 ? 53  THR A O   1 
ATOM   434 C CB  . THR A 1 53 ? -0.816  12.423  -7.088  1.00 22.58 ? 53  THR A CB  1 
ATOM   435 O OG1 . THR A 1 53 ? -0.945  13.147  -8.320  1.00 22.93 ? 53  THR A OG1 1 
ATOM   436 C CG2 . THR A 1 53 ? 0.644   12.182  -6.787  1.00 23.53 ? 53  THR A CG2 1 
ATOM   437 N N   . TRP A 1 54 ? -0.967  9.083   -5.996  1.00 17.04 ? 54  TRP A N   1 
ATOM   438 C CA  . TRP A 1 54 ? -0.706  8.257   -4.828  1.00 16.61 ? 54  TRP A CA  1 
ATOM   439 C C   . TRP A 1 54 ? 0.762   8.313   -4.365  1.00 15.47 ? 54  TRP A C   1 
ATOM   440 O O   . TRP A 1 54 ? 1.666   8.691   -5.114  1.00 17.51 ? 54  TRP A O   1 
ATOM   441 C CB  . TRP A 1 54 ? -1.079  6.791   -5.108  1.00 17.00 ? 54  TRP A CB  1 
ATOM   442 C CG  . TRP A 1 54 ? -2.545  6.608   -5.361  1.00 14.48 ? 54  TRP A CG  1 
ATOM   443 C CD1 . TRP A 1 54 ? -3.202  6.778   -6.556  1.00 17.43 ? 54  TRP A CD1 1 
ATOM   444 C CD2 . TRP A 1 54 ? -3.538  6.238   -4.401  1.00 16.12 ? 54  TRP A CD2 1 
ATOM   445 N NE1 . TRP A 1 54 ? -4.542  6.524   -6.395  1.00 21.01 ? 54  TRP A NE1 1 
ATOM   446 C CE2 . TRP A 1 54 ? -4.783  6.198   -5.084  1.00 20.92 ? 54  TRP A CE2 1 
ATOM   447 C CE3 . TRP A 1 54 ? -3.503  5.934   -3.026  1.00 18.13 ? 54  TRP A CE3 1 
ATOM   448 C CZ2 . TRP A 1 54 ? -5.993  5.876   -4.439  1.00 18.78 ? 54  TRP A CZ2 1 
ATOM   449 C CZ3 . TRP A 1 54 ? -4.717  5.615   -2.374  1.00 15.12 ? 54  TRP A CZ3 1 
ATOM   450 C CH2 . TRP A 1 54 ? -5.943  5.584   -3.093  1.00 19.02 ? 54  TRP A CH2 1 
ATOM   451 N N   . HIS A 1 55 ? 0.966   7.906   -3.113  1.00 15.22 ? 55  HIS A N   1 
ATOM   452 C CA  . HIS A 1 55 ? 2.279   7.826   -2.495  1.00 15.16 ? 55  HIS A CA  1 
ATOM   453 C C   . HIS A 1 55 ? 2.325   6.517   -1.737  1.00 13.95 ? 55  HIS A C   1 
ATOM   454 O O   . HIS A 1 55 ? 1.330   6.136   -1.115  1.00 13.87 ? 55  HIS A O   1 
ATOM   455 C CB  . HIS A 1 55 ? 2.460   8.968   -1.496  1.00 15.23 ? 55  HIS A CB  1 
ATOM   456 C CG  . HIS A 1 55 ? 2.095   10.299  -2.056  1.00 15.37 ? 55  HIS A CG  1 
ATOM   457 N ND1 . HIS A 1 55 ? 2.935   11.018  -2.874  1.00 15.73 ? 55  HIS A ND1 1 
ATOM   458 C CD2 . HIS A 1 55 ? 0.948   11.009  -1.969  1.00 16.28 ? 55  HIS A CD2 1 
ATOM   459 C CE1 . HIS A 1 55 ? 2.322   12.125  -3.259  1.00 15.79 ? 55  HIS A CE1 1 
ATOM   460 N NE2 . HIS A 1 55 ? 1.123   12.156  -2.703  1.00 16.55 ? 55  HIS A NE2 1 
ATOM   461 N N   . CYS A 1 56 ? 3.469   5.829   -1.781  1.00 11.25 ? 56  CYS A N   1 
ATOM   462 C CA  . CYS A 1 56 ? 3.529   4.512   -1.170  1.00 12.90 ? 56  CYS A CA  1 
ATOM   463 C C   . CYS A 1 56 ? 4.829   4.325   -0.435  1.00 13.60 ? 56  CYS A C   1 
ATOM   464 O O   . CYS A 1 56 ? 5.886   4.652   -0.965  1.00 13.80 ? 56  CYS A O   1 
ATOM   465 C CB  . CYS A 1 56 ? 3.371   3.429   -2.246  1.00 14.56 ? 56  CYS A CB  1 
ATOM   466 S SG  . CYS A 1 56 ? 3.308   1.748   -1.596  1.00 14.69 ? 56  CYS A SG  1 
ATOM   467 N N   . ILE A 1 57 ? 4.725   3.814   0.785   1.00 9.82  ? 57  ILE A N   1 
ATOM   468 C CA  . ILE A 1 57 ? 5.883   3.469   1.632   1.00 10.04 ? 57  ILE A CA  1 
ATOM   469 C C   . ILE A 1 57 ? 5.807   1.974   1.913   1.00 11.88 ? 57  ILE A C   1 
ATOM   470 O O   . ILE A 1 57 ? 4.730   1.454   2.231   1.00 12.61 ? 57  ILE A O   1 
ATOM   471 C CB  . ILE A 1 57 ? 5.805   4.182   3.016   1.00 10.52 ? 57  ILE A CB  1 
ATOM   472 C CG1 . ILE A 1 57 ? 5.465   5.674   2.882   1.00 17.09 ? 57  ILE A CG1 1 
ATOM   473 C CG2 . ILE A 1 57 ? 7.113   3.958   3.823   1.00 13.98 ? 57  ILE A CG2 1 
ATOM   474 C CD1 . ILE A 1 57 ? 6.401   6.457   2.015   1.00 17.97 ? 57  ILE A CD1 1 
ATOM   475 N N   . VAL A 1 58 ? 6.943   1.277   1.795   1.00 10.37 ? 58  VAL A N   1 
ATOM   476 C CA  . VAL A 1 58 ? 7.001   -0.164  2.058   1.00 12.20 ? 58  VAL A CA  1 
ATOM   477 C C   . VAL A 1 58 ? 8.166   -0.429  3.001   1.00 13.83 ? 58  VAL A C   1 
ATOM   478 O O   . VAL A 1 58 ? 9.287   0.031   2.747   1.00 12.66 ? 58  VAL A O   1 
ATOM   479 C CB  . VAL A 1 58 ? 7.213   -0.951  0.736   1.00 13.57 ? 58  VAL A CB  1 
ATOM   480 C CG1 . VAL A 1 58 ? 7.508   -2.457  1.009   1.00 14.11 ? 58  VAL A CG1 1 
ATOM   481 C CG2 . VAL A 1 58 ? 5.974   -0.813  -0.137  1.00 15.64 ? 58  VAL A CG2 1 
ATOM   482 N N   A GLY A 1 59 ? 7.912   -1.172  4.068   0.50 9.59  ? 59  GLY A N   1 
ATOM   483 N N   B GLY A 1 59 ? 7.934   -1.149  4.095   0.50 12.98 ? 59  GLY A N   1 
ATOM   484 C CA  A GLY A 1 59 ? 8.975   -1.517  5.002   0.50 14.19 ? 59  GLY A CA  1 
ATOM   485 C CA  B GLY A 1 59 ? 9.025   -1.413  5.048   0.50 11.59 ? 59  GLY A CA  1 
ATOM   486 C C   A GLY A 1 59 ? 8.528   -2.578  5.982   0.50 11.91 ? 59  GLY A C   1 
ATOM   487 C C   B GLY A 1 59 ? 8.637   -2.255  6.252   0.50 19.37 ? 59  GLY A C   1 
ATOM   488 O O   A GLY A 1 59 ? 7.955   -3.593  5.598   0.50 11.09 ? 59  GLY A O   1 
ATOM   489 O O   B GLY A 1 59 ? 7.470   -2.581  6.433   0.50 17.43 ? 59  GLY A O   1 
ATOM   490 N N   A ARG A 1 60 ? 8.750   -2.322  7.263   0.50 13.91 ? 60  ARG A N   1 
ATOM   491 N N   B ARG A 1 60 ? 9.612   -2.591  7.091   0.50 17.16 ? 60  ARG A N   1 
ATOM   492 C CA  A ARG A 1 60 ? 8.487   -3.323  8.293   0.50 13.94 ? 60  ARG A CA  1 
ATOM   493 C CA  B ARG A 1 60 ? 9.372   -3.504  8.225   0.50 20.53 ? 60  ARG A CA  1 
ATOM   494 C C   A ARG A 1 60 ? 7.986   -2.632  9.529   0.50 23.26 ? 60  ARG A C   1 
ATOM   495 C C   B ARG A 1 60 ? 9.195   -2.988  9.695   0.50 22.62 ? 60  ARG A C   1 
ATOM   496 O O   A ARG A 1 60 ? 6.881   -2.895  10.015  0.50 26.81 ? 60  ARG A O   1 
ATOM   497 O O   B ARG A 1 60 ? 9.350   -3.788  10.596  0.50 28.44 ? 60  ARG A O   1 
ATOM   498 C CB  A ARG A 1 60 ? 9.777   -4.064  8.652   0.50 24.12 ? 60  ARG A CB  1 
ATOM   499 C CB  B ARG A 1 60 ? 10.405  -4.655  8.170   0.50 22.10 ? 60  ARG A CB  1 
ATOM   500 C CG  A ARG A 1 60 ? 10.337  -4.961  7.556   0.50 45.30 ? 60  ARG A CG  1 
ATOM   501 C CG  B ARG A 1 60 ? 10.095  -5.698  7.082   0.50 30.22 ? 60  ARG A CG  1 
ATOM   502 C CD  A ARG A 1 60 ? 11.440  -5.850  8.105   0.50 62.99 ? 60  ARG A CD  1 
ATOM   503 C CD  B ARG A 1 60 ? 11.215  -6.718  6.872   0.50 32.16 ? 60  ARG A CD  1 
ATOM   504 N NE  A ARG A 1 60 ? 12.244  -6.462  7.048   0.50 78.02 ? 60  ARG A NE  1 
ATOM   505 N NE  B ARG A 1 60 ? 11.040  -7.461  5.619   0.50 31.98 ? 60  ARG A NE  1 
ATOM   506 C CZ  A ARG A 1 60 ? 11.995  -7.646  6.493   0.50 85.39 ? 60  ARG A CZ  1 
ATOM   507 C CZ  B ARG A 1 60 ? 10.530  -8.689  5.520   0.50 46.34 ? 60  ARG A CZ  1 
ATOM   508 N NH1 A ARG A 1 60 ? 10.952  -8.370  6.882   0.50 93.20 ? 60  ARG A NH1 1 
ATOM   509 N NH1 B ARG A 1 60 ? 10.137  -9.353  6.604   0.50 44.09 ? 60  ARG A NH1 1 
ATOM   510 N NH2 A ARG A 1 60 ? 12.793  -8.108  5.540   0.50 88.62 ? 60  ARG A NH2 1 
ATOM   511 N NH2 B ARG A 1 60 ? 10.423  -9.265  4.328   0.50 36.39 ? 60  ARG A NH2 1 
ATOM   512 N N   A ASN A 1 61 ? 8.823   -1.736  10.038  0.50 24.79 ? 61  ASN A N   1 
ATOM   513 N N   B ASN A 1 61 ? 8.875   -1.699  9.937   0.50 36.59 ? 61  ASN A N   1 
ATOM   514 C CA  . ASN A 1 61 ? 8.569   -1.127  11.312  1.00 26.71 ? 61  ASN A CA  1 
ATOM   515 C C   . ASN A 1 61 ? 8.366   0.399   11.305  1.00 31.64 ? 61  ASN A C   1 
ATOM   516 O O   . ASN A 1 61 ? 8.203   0.999   12.371  1.00 27.69 ? 61  ASN A O   1 
ATOM   517 C CB  . ASN A 1 61 ? 9.686   -1.449  12.338  1.00 27.47 ? 61  ASN A CB  1 
ATOM   518 C CG  . ASN A 1 61 ? 9.682   -2.908  12.810  1.00 34.37 ? 61  ASN A CG  1 
ATOM   519 O OD1 . ASN A 1 61 ? 10.737  -3.538  12.906  1.00 41.43 ? 61  ASN A OD1 1 
ATOM   520 N ND2 . ASN A 1 61 ? 8.504   -3.443  13.102  1.00 32.95 ? 61  ASN A ND2 1 
ATOM   521 N N   . PHE A 1 62 ? 8.401   1.028   10.133  1.00 16.46 ? 62  PHE A N   1 
ATOM   522 C CA  . PHE A 1 62 ? 8.343   2.502   10.066  1.00 12.54 ? 62  PHE A CA  1 
ATOM   523 C C   . PHE A 1 62 ? 7.094   3.042   10.751  1.00 17.65 ? 62  PHE A C   1 
ATOM   524 O O   . PHE A 1 62 ? 6.090   2.309   10.913  1.00 16.79 ? 62  PHE A O   1 
ATOM   525 C CB  . PHE A 1 62 ? 8.423   3.021   8.627   1.00 12.22 ? 62  PHE A CB  1 
ATOM   526 C CG  . PHE A 1 62 ? 7.250   2.660   7.767   1.00 10.42 ? 62  PHE A CG  1 
ATOM   527 C CD1 . PHE A 1 62 ? 7.266   1.487   6.997   1.00 12.65 ? 62  PHE A CD1 1 
ATOM   528 C CD2 . PHE A 1 62 ? 6.130   3.482   7.729   1.00 9.86  ? 62  PHE A CD2 1 
ATOM   529 C CE1 . PHE A 1 62 ? 6.157   1.159   6.187   1.00 14.89 ? 62  PHE A CE1 1 
ATOM   530 C CE2 . PHE A 1 62 ? 5.029   3.168   6.908   1.00 14.84 ? 62  PHE A CE2 1 
ATOM   531 C CZ  . PHE A 1 62 ? 5.032   2.006   6.160   1.00 14.77 ? 62  PHE A CZ  1 
ATOM   532 N N   . GLY A 1 63 ? 7.149   4.320   11.141  1.00 11.66 ? 63  GLY A N   1 
ATOM   533 C CA  . GLY A 1 63 ? 5.959   5.038   11.627  1.00 12.76 ? 63  GLY A CA  1 
ATOM   534 C C   . GLY A 1 63 ? 5.736   6.219   10.697  1.00 13.24 ? 63  GLY A C   1 
ATOM   535 O O   . GLY A 1 63 ? 6.656   6.628   9.975   1.00 13.05 ? 63  GLY A O   1 
ATOM   536 N N   . SER A 1 64 ? 4.526   6.760   10.693  1.00 14.77 ? 64  SER A N   1 
ATOM   537 C CA  . SER A 1 64 ? 4.216   7.852   9.791   1.00 13.57 ? 64  SER A CA  1 
ATOM   538 C C   . SER A 1 64 ? 3.198   8.801   10.355  1.00 16.01 ? 64  SER A C   1 
ATOM   539 O O   . SER A 1 64 ? 2.402   8.456   11.250  1.00 15.75 ? 64  SER A O   1 
ATOM   540 C CB  . SER A 1 64 ? 3.707   7.322   8.448   1.00 17.62 ? 64  SER A CB  1 
ATOM   541 O OG  . SER A 1 64 ? 2.493   6.633   8.601   1.00 22.21 ? 64  SER A OG  1 
ATOM   542 N N   . TYR A 1 65 ? 3.219   10.009  9.806   1.00 11.92 ? 65  TYR A N   1 
ATOM   543 C CA  . TYR A 1 65 ? 2.179   10.984  10.068  1.00 14.71 ? 65  TYR A CA  1 
ATOM   544 C C   . TYR A 1 65 ? 1.994   11.774  8.788   1.00 17.97 ? 65  TYR A C   1 
ATOM   545 O O   . TYR A 1 65 ? 2.862   12.568  8.378   1.00 15.24 ? 65  TYR A O   1 
ATOM   546 C CB  . TYR A 1 65 ? 2.531   11.892  11.236  1.00 14.38 ? 65  TYR A CB  1 
ATOM   547 C CG  . TYR A 1 65 ? 1.329   12.639  11.762  1.00 18.66 ? 65  TYR A CG  1 
ATOM   548 C CD1 . TYR A 1 65 ? 0.462   12.048  12.683  1.00 23.03 ? 65  TYR A CD1 1 
ATOM   549 C CD2 . TYR A 1 65 ? 1.058   13.932  11.348  1.00 21.33 ? 65  TYR A CD2 1 
ATOM   550 C CE1 . TYR A 1 65 ? -0.646  12.745  13.177  1.00 27.47 ? 65  TYR A CE1 1 
ATOM   551 C CE2 . TYR A 1 65 ? -0.051  14.631  11.842  1.00 25.75 ? 65  TYR A CE2 1 
ATOM   552 C CZ  . TYR A 1 65 ? -0.896  14.021  12.748  1.00 27.18 ? 65  TYR A CZ  1 
ATOM   553 O OH  . TYR A 1 65 ? -1.997  14.716  13.232  1.00 31.77 ? 65  TYR A OH  1 
ATOM   554 N N   . VAL A 1 66 ? 0.870   11.508  8.134   1.00 16.19 ? 66  VAL A N   1 
ATOM   555 C CA  . VAL A 1 66 ? 0.575   12.083  6.833   1.00 15.41 ? 66  VAL A CA  1 
ATOM   556 C C   . VAL A 1 66 ? -0.831  12.670  6.866   1.00 17.40 ? 66  VAL A C   1 
ATOM   557 O O   . VAL A 1 66 ? -1.655  12.321  7.739   1.00 19.84 ? 66  VAL A O   1 
ATOM   558 C CB  . VAL A 1 66 ? 0.715   11.019  5.677   1.00 15.67 ? 66  VAL A CB  1 
ATOM   559 C CG1 . VAL A 1 66 ? 2.012   10.249  5.791   1.00 13.75 ? 66  VAL A CG1 1 
ATOM   560 C CG2 . VAL A 1 66 ? -0.482  10.033  5.692   1.00 18.40 ? 66  VAL A CG2 1 
ATOM   561 N N   . THR A 1 67 ? -1.099  13.589  5.942   1.00 16.38 ? 67  THR A N   1 
ATOM   562 C CA  . THR A 1 67 ? -2.416  14.192  5.799   1.00 18.59 ? 67  THR A CA  1 
ATOM   563 C C   . THR A 1 67 ? -3.065  13.621  4.537   1.00 21.12 ? 67  THR A C   1 
ATOM   564 O O   . THR A 1 67 ? -2.621  13.909  3.426   1.00 21.27 ? 67  THR A O   1 
ATOM   565 C CB  . THR A 1 67 ? -2.310  15.728  5.719   1.00 21.83 ? 67  THR A CB  1 
ATOM   566 O OG1 . THR A 1 67 ? -1.757  16.233  6.945   1.00 22.71 ? 67  THR A OG1 1 
ATOM   567 C CG2 . THR A 1 67 ? -3.679  16.352  5.517   1.00 22.48 ? 67  THR A CG2 1 
ATOM   568 N N   . HIS A 1 68 ? -4.093  12.786  4.713   1.00 19.84 ? 68  HIS A N   1 
ATOM   569 C CA  . HIS A 1 68 ? -4.638  12.041  3.574   1.00 21.15 ? 68  HIS A CA  1 
ATOM   570 C C   . HIS A 1 68 ? -5.994  12.574  3.130   1.00 26.82 ? 68  HIS A C   1 
ATOM   571 O O   . HIS A 1 68 ? -6.726  13.165  3.922   1.00 30.41 ? 68  HIS A O   1 
ATOM   572 C CB  . HIS A 1 68 ? -4.726  10.540  3.883   1.00 21.23 ? 68  HIS A CB  1 
ATOM   573 C CG  . HIS A 1 68 ? -5.785  10.187  4.880   1.00 24.10 ? 68  HIS A CG  1 
ATOM   574 N ND1 . HIS A 1 68 ? -5.503  9.932   6.203   1.00 28.31 ? 68  HIS A ND1 1 
ATOM   575 C CD2 . HIS A 1 68 ? -7.127  10.040  4.745   1.00 29.78 ? 68  HIS A CD2 1 
ATOM   576 C CE1 . HIS A 1 68 ? -6.621  9.641   6.843   1.00 26.25 ? 68  HIS A CE1 1 
ATOM   577 N NE2 . HIS A 1 68 ? -7.623  9.705   5.984   1.00 34.64 ? 68  HIS A NE2 1 
ATOM   578 N N   . GLU A 1 69 ? -6.295  12.371  1.851   1.00 22.90 ? 69  GLU A N   1 
ATOM   579 C CA  . GLU A 1 69 ? -7.598  12.675  1.281   1.00 25.43 ? 69  GLU A CA  1 
ATOM   580 C C   . GLU A 1 69 ? -8.619  11.693  1.826   1.00 28.08 ? 69  GLU A C   1 
ATOM   581 O O   . GLU A 1 69 ? -8.339  10.496  1.912   1.00 25.62 ? 69  GLU A O   1 
ATOM   582 C CB  . GLU A 1 69 ? -7.534  12.558  -0.244  1.00 25.09 ? 69  GLU A CB  1 
ATOM   583 C CG  . GLU A 1 69 ? -8.767  13.101  -0.952  1.00 31.16 ? 69  GLU A CG  1 
ATOM   584 C CD  . GLU A 1 69 ? -8.792  12.820  -2.444  1.00 43.32 ? 69  GLU A CD  1 
ATOM   585 O OE1 . GLU A 1 69 ? -7.718  12.697  -3.072  1.00 37.04 ? 69  GLU A OE1 1 
ATOM   586 O OE2 . GLU A 1 69 ? -9.908  12.736  -3.001  1.00 52.48 ? 69  GLU A OE2 1 
ATOM   587 N N   . THR A 1 70 ? -9.803  12.194  2.184   1.00 24.89 ? 70  THR A N   1 
ATOM   588 C CA  . THR A 1 70 ? -10.874 11.318  2.656   1.00 23.80 ? 70  THR A CA  1 
ATOM   589 C C   . THR A 1 70 ? -11.059 10.153  1.694   1.00 25.56 ? 70  THR A C   1 
ATOM   590 O O   . THR A 1 70 ? -11.048 10.344  0.472   1.00 25.48 ? 70  THR A O   1 
ATOM   591 C CB  . THR A 1 70 ? -12.219 12.074  2.817   1.00 32.56 ? 70  THR A CB  1 
ATOM   592 O OG1 . THR A 1 70 ? -12.560 12.704  1.575   1.00 48.80 ? 70  THR A OG1 1 
ATOM   593 C CG2 . THR A 1 70 ? -12.104 13.129  3.910   1.00 52.88 ? 70  THR A CG2 1 
ATOM   594 N N   . ARG A 1 71 ? -11.167 8.946   2.255   1.00 24.52 ? 71  ARG A N   1 
ATOM   595 C CA  . ARG A 1 71 ? -11.445 7.704   1.505   1.00 22.58 ? 71  ARG A CA  1 
ATOM   596 C C   . ARG A 1 71 ? -10.298 7.226   0.613   1.00 21.31 ? 71  ARG A C   1 
ATOM   597 O O   . ARG A 1 71 ? -10.489 6.375   -0.251  1.00 24.03 ? 71  ARG A O   1 
ATOM   598 C CB  . ARG A 1 71 ? -12.750 7.804   0.708   1.00 28.00 ? 71  ARG A CB  1 
ATOM   599 C CG  . ARG A 1 71 ? -13.962 8.028   1.584   1.00 32.00 ? 71  ARG A CG  1 
ATOM   600 C CD  . ARG A 1 71 ? -14.397 6.724   2.213   1.00 35.00 ? 71  ARG A CD  1 
ATOM   601 N NE  . ARG A 1 71 ? -15.144 5.920   1.256   1.00 38.64 ? 71  ARG A NE  1 
ATOM   602 C CZ  . ARG A 1 71 ? -15.610 4.698   1.494   1.00 44.77 ? 71  ARG A CZ  1 
ATOM   603 N NH1 . ARG A 1 71 ? -16.295 4.058   0.554   1.00 34.66 ? 71  ARG A NH1 1 
ATOM   604 N NH2 . ARG A 1 71 ? -15.386 4.113   2.663   1.00 38.31 ? 71  ARG A NH2 1 
ATOM   605 N N   . HIS A 1 72 ? -9.095  7.768   0.832   1.00 19.36 ? 72  HIS A N   1 
ATOM   606 C CA  . HIS A 1 72 ? -7.922  7.383   0.043   1.00 17.19 ? 72  HIS A CA  1 
ATOM   607 C C   . HIS A 1 72 ? -6.710  7.127   0.933   1.00 20.67 ? 72  HIS A C   1 
ATOM   608 O O   . HIS A 1 72 ? -5.658  7.745   0.779   1.00 19.14 ? 72  HIS A O   1 
ATOM   609 C CB  . HIS A 1 72 ? -7.622  8.446   -1.029  1.00 19.34 ? 72  HIS A CB  1 
ATOM   610 C CG  . HIS A 1 72 ? -8.701  8.561   -2.058  1.00 25.74 ? 72  HIS A CG  1 
ATOM   611 N ND1 . HIS A 1 72 ? -9.791  9.387   -1.899  1.00 36.04 ? 72  HIS A ND1 1 
ATOM   612 C CD2 . HIS A 1 72 ? -8.870  7.936   -3.246  1.00 31.76 ? 72  HIS A CD2 1 
ATOM   613 C CE1 . HIS A 1 72 ? -10.584 9.277   -2.951  1.00 38.60 ? 72  HIS A CE1 1 
ATOM   614 N NE2 . HIS A 1 72 ? -10.049 8.405   -3.784  1.00 30.13 ? 72  HIS A NE2 1 
ATOM   615 N N   . PHE A 1 73 ? -6.873  6.209   1.880   1.00 18.39 ? 73  PHE A N   1 
ATOM   616 C CA  . PHE A 1 73 ? -5.805  5.909   2.824   1.00 19.37 ? 73  PHE A CA  1 
ATOM   617 C C   . PHE A 1 73 ? -5.880  4.460   3.280   1.00 17.74 ? 73  PHE A C   1 
ATOM   618 O O   . PHE A 1 73 ? -6.944  3.973   3.646   1.00 16.27 ? 73  PHE A O   1 
ATOM   619 C CB  . PHE A 1 73 ? -5.922  6.837   4.036   1.00 20.76 ? 73  PHE A CB  1 
ATOM   620 C CG  . PHE A 1 73 ? -5.029  6.478   5.183   1.00 18.90 ? 73  PHE A CG  1 
ATOM   621 C CD1 . PHE A 1 73 ? -3.731  6.984   5.251   1.00 19.24 ? 73  PHE A CD1 1 
ATOM   622 C CD2 . PHE A 1 73 ? -5.492  5.671   6.219   1.00 27.09 ? 73  PHE A CD2 1 
ATOM   623 C CE1 . PHE A 1 73 ? -2.910  6.684   6.325   1.00 19.54 ? 73  PHE A CE1 1 
ATOM   624 C CE2 . PHE A 1 73 ? -4.662  5.345   7.285   1.00 36.65 ? 73  PHE A CE2 1 
ATOM   625 C CZ  . PHE A 1 73 ? -3.375  5.848   7.337   1.00 27.67 ? 73  PHE A CZ  1 
ATOM   626 N N   . ILE A 1 74 ? -4.742  3.771   3.269   1.00 15.08 ? 74  ILE A N   1 
ATOM   627 C CA  . ILE A 1 74 ? -4.686  2.439   3.890   1.00 15.11 ? 74  ILE A CA  1 
ATOM   628 C C   . ILE A 1 74 ? -3.296  2.179   4.447   1.00 13.65 ? 74  ILE A C   1 
ATOM   629 O O   . ILE A 1 74 ? -2.289  2.558   3.833   1.00 14.91 ? 74  ILE A O   1 
ATOM   630 C CB  . ILE A 1 74 ? -5.112  1.306   2.905   1.00 14.95 ? 74  ILE A CB  1 
ATOM   631 C CG1 . ILE A 1 74 ? -5.299  -0.031  3.645   1.00 15.43 ? 74  ILE A CG1 1 
ATOM   632 C CG2 . ILE A 1 74 ? -4.125  1.206   1.712   1.00 14.97 ? 74  ILE A CG2 1 
ATOM   633 C CD1 . ILE A 1 74 ? -5.830  -1.150  2.762   1.00 18.33 ? 74  ILE A CD1 1 
ATOM   634 N N   . TYR A 1 75 ? -3.256  1.541   5.613   1.00 13.95 ? 75  TYR A N   1 
ATOM   635 C CA  . TYR A 1 75 ? -1.990  1.102   6.211   1.00 12.27 ? 75  TYR A CA  1 
ATOM   636 C C   . TYR A 1 75 ? -2.211  -0.354  6.586   1.00 16.20 ? 75  TYR A C   1 
ATOM   637 O O   . TYR A 1 75 ? -3.122  -0.668  7.354   1.00 16.30 ? 75  TYR A O   1 
ATOM   638 C CB  . TYR A 1 75 ? -1.686  1.963   7.445   1.00 15.79 ? 75  TYR A CB  1 
ATOM   639 C CG  . TYR A 1 75 ? -0.529  1.504   8.298   1.00 16.76 ? 75  TYR A CG  1 
ATOM   640 C CD1 . TYR A 1 75 ? 0.738   1.278   7.738   1.00 15.76 ? 75  TYR A CD1 1 
ATOM   641 C CD2 . TYR A 1 75 ? -0.681  1.313   9.663   1.00 22.30 ? 75  TYR A CD2 1 
ATOM   642 C CE1 . TYR A 1 75 ? 1.813   0.824   8.536   1.00 19.04 ? 75  TYR A CE1 1 
ATOM   643 C CE2 . TYR A 1 75 ? 0.387   0.888   10.458  1.00 25.17 ? 75  TYR A CE2 1 
ATOM   644 C CZ  . TYR A 1 75 ? 1.628   0.664   9.891   1.00 22.44 ? 75  TYR A CZ  1 
ATOM   645 O OH  . TYR A 1 75 ? 2.680   0.235   10.680  1.00 26.82 ? 75  TYR A OH  1 
ATOM   646 N N   . PHE A 1 76 ? -1.416  -1.251  6.014   1.00 15.45 ? 76  PHE A N   1 
ATOM   647 C CA  . PHE A 1 76 ? -1.657  -2.682  6.209   1.00 14.91 ? 76  PHE A CA  1 
ATOM   648 C C   . PHE A 1 76 ? -0.363  -3.478  6.142   1.00 15.37 ? 76  PHE A C   1 
ATOM   649 O O   . PHE A 1 76 ? 0.674   -2.969  5.701   1.00 14.85 ? 76  PHE A O   1 
ATOM   650 C CB  . PHE A 1 76 ? -2.673  -3.214  5.170   1.00 15.65 ? 76  PHE A CB  1 
ATOM   651 C CG  . PHE A 1 76 ? -2.178  -3.211  3.724   1.00 15.02 ? 76  PHE A CG  1 
ATOM   652 C CD1 . PHE A 1 76 ? -2.187  -2.030  2.967   1.00 16.26 ? 76  PHE A CD1 1 
ATOM   653 C CD2 . PHE A 1 76 ? -1.809  -4.408  3.097   1.00 16.91 ? 76  PHE A CD2 1 
ATOM   654 C CE1 . PHE A 1 76 ? -1.789  -2.027  1.617   1.00 16.34 ? 76  PHE A CE1 1 
ATOM   655 C CE2 . PHE A 1 76 ? -1.400  -4.418  1.738   1.00 14.06 ? 76  PHE A CE2 1 
ATOM   656 C CZ  . PHE A 1 76 ? -1.406  -3.223  1.005   1.00 14.17 ? 76  PHE A CZ  1 
ATOM   657 N N   . TYR A 1 77 ? -0.424  -4.719  6.619   1.00 16.24 ? 77  TYR A N   1 
ATOM   658 C CA  . TYR A 1 77 ? 0.694   -5.628  6.502   1.00 17.45 ? 77  TYR A CA  1 
ATOM   659 C C   . TYR A 1 77 ? 0.356   -6.785  5.586   1.00 19.37 ? 77  TYR A C   1 
ATOM   660 O O   . TYR A 1 77 ? -0.781  -7.234  5.544   1.00 18.55 ? 77  TYR A O   1 
ATOM   661 C CB  . TYR A 1 77 ? 1.032   -6.207  7.875   1.00 18.83 ? 77  TYR A CB  1 
ATOM   662 C CG  . TYR A 1 77 ? 1.846   -5.281  8.759   1.00 20.85 ? 77  TYR A CG  1 
ATOM   663 C CD1 . TYR A 1 77 ? 3.213   -5.489  8.920   1.00 24.31 ? 77  TYR A CD1 1 
ATOM   664 C CD2 . TYR A 1 77 ? 1.251   -4.237  9.467   1.00 29.45 ? 77  TYR A CD2 1 
ATOM   665 C CE1 . TYR A 1 77 ? 3.972   -4.686  9.747   1.00 24.49 ? 77  TYR A CE1 1 
ATOM   666 C CE2 . TYR A 1 77 ? 2.022   -3.402  10.293  1.00 29.47 ? 77  TYR A CE2 1 
ATOM   667 C CZ  . TYR A 1 77 ? 3.384   -3.643  10.421  1.00 28.48 ? 77  TYR A CZ  1 
ATOM   668 O OH  . TYR A 1 77 ? 4.177   -2.855  11.226  1.00 31.88 ? 77  TYR A OH  1 
ATOM   669 N N   . LEU A 1 78 ? 1.362   -7.245  4.836   1.00 15.41 ? 78  LEU A N   1 
ATOM   670 C CA  A LEU A 1 78 ? 1.289   -8.507  4.137   0.50 18.98 ? 78  LEU A CA  1 
ATOM   671 C CA  B LEU A 1 78 ? 1.302   -8.529  4.146   0.50 17.80 ? 78  LEU A CA  1 
ATOM   672 C C   . LEU A 1 78 ? 2.466   -9.313  4.699   1.00 20.82 ? 78  LEU A C   1 
ATOM   673 O O   . LEU A 1 78 ? 3.629   -8.968  4.457   1.00 22.86 ? 78  LEU A O   1 
ATOM   674 C CB  A LEU A 1 78 ? 1.406   -8.265  2.628   0.50 22.61 ? 78  LEU A CB  1 
ATOM   675 C CB  B LEU A 1 78 ? 1.461   -8.393  2.628   0.50 19.49 ? 78  LEU A CB  1 
ATOM   676 C CG  A LEU A 1 78 ? 0.804   -9.201  1.579   0.50 18.94 ? 78  LEU A CG  1 
ATOM   677 C CG  B LEU A 1 78 ? 0.319   -7.782  1.830   0.50 8.97  ? 78  LEU A CG  1 
ATOM   678 C CD1 A LEU A 1 78 ? -0.611  -9.667  1.943   0.50 11.94 ? 78  LEU A CD1 1 
ATOM   679 C CD1 B LEU A 1 78 ? 0.591   -7.771  0.327   0.50 16.24 ? 78  LEU A CD1 1 
ATOM   680 C CD2 A LEU A 1 78 ? 0.789   -8.519  0.226   0.50 24.56 ? 78  LEU A CD2 1 
ATOM   681 C CD2 B LEU A 1 78 ? -0.967  -8.511  2.103   0.50 16.56 ? 78  LEU A CD2 1 
ATOM   682 N N   . GLY A 1 79 ? 2.158   -10.339 5.479   1.00 20.80 ? 79  GLY A N   1 
ATOM   683 C CA  . GLY A 1 79 ? 3.190   -10.988 6.280   1.00 21.48 ? 79  GLY A CA  1 
ATOM   684 C C   . GLY A 1 79 ? 3.797   -9.941  7.208   1.00 23.41 ? 79  GLY A C   1 
ATOM   685 O O   . GLY A 1 79 ? 3.079   -9.224  7.903   1.00 22.83 ? 79  GLY A O   1 
ATOM   686 N N   . GLN A 1 80 ? 5.127   -9.833  7.198   1.00 22.56 ? 80  GLN A N   1 
ATOM   687 C CA  . GLN A 1 80 ? 5.822   -8.869  8.046   1.00 22.77 ? 80  GLN A CA  1 
ATOM   688 C C   . GLN A 1 80 ? 6.098   -7.539  7.331   1.00 21.35 ? 80  GLN A C   1 
ATOM   689 O O   . GLN A 1 80 ? 6.691   -6.633  7.923   1.00 24.17 ? 80  GLN A O   1 
ATOM   690 C CB  . GLN A 1 80 ? 7.146   -9.468  8.546   1.00 27.59 ? 80  GLN A CB  1 
ATOM   691 C CG  . GLN A 1 80 ? 6.986   -10.639 9.523   1.00 35.88 ? 80  GLN A CG  1 
ATOM   692 C CD  . GLN A 1 80 ? 6.709   -10.196 10.951  1.00 56.50 ? 80  GLN A CD  1 
ATOM   693 O OE1 . GLN A 1 80 ? 5.615   -9.720  11.270  1.00 64.18 ? 80  GLN A OE1 1 
ATOM   694 N NE2 . GLN A 1 80 ? 7.697   -10.372 11.825  1.00 66.35 ? 80  GLN A NE2 1 
ATOM   695 N N   . VAL A 1 81 ? 5.658   -7.423  6.077   1.00 16.74 ? 81  VAL A N   1 
ATOM   696 C CA  . VAL A 1 81 ? 5.916   -6.225  5.266   1.00 15.99 ? 81  VAL A CA  1 
ATOM   697 C C   . VAL A 1 81 ? 4.775   -5.220  5.492   1.00 17.02 ? 81  VAL A C   1 
ATOM   698 O O   . VAL A 1 81 ? 3.627   -5.530  5.206   1.00 17.59 ? 81  VAL A O   1 
ATOM   699 C CB  . VAL A 1 81 ? 5.944   -6.586  3.765   1.00 17.42 ? 81  VAL A CB  1 
ATOM   700 C CG1 . VAL A 1 81 ? 6.159   -5.357  2.893   1.00 18.08 ? 81  VAL A CG1 1 
ATOM   701 C CG2 . VAL A 1 81 ? 7.025   -7.651  3.465   1.00 22.64 ? 81  VAL A CG2 1 
ATOM   702 N N   . ALA A 1 82 ? 5.114   -4.009  5.934   1.00 14.26 ? 82  ALA A N   1 
ATOM   703 C CA  . ALA A 1 82 ? 4.138   -2.955  6.130   1.00 13.02 ? 82  ALA A CA  1 
ATOM   704 C C   . ALA A 1 82 ? 4.082   -2.058  4.883   1.00 14.04 ? 82  ALA A C   1 
ATOM   705 O O   . ALA A 1 82 ? 5.107   -1.749  4.272   1.00 14.96 ? 82  ALA A O   1 
ATOM   706 C CB  . ALA A 1 82 ? 4.496   -2.119  7.350   1.00 17.82 ? 82  ALA A CB  1 
ATOM   707 N N   . ILE A 1 83 ? 2.867   -1.667  4.527   1.00 12.20 ? 83  ILE A N   1 
ATOM   708 C CA  . ILE A 1 83 ? 2.604   -0.869  3.345   1.00 13.82 ? 83  ILE A CA  1 
ATOM   709 C C   . ILE A 1 83 ? 1.658   0.262   3.743   1.00 11.96 ? 83  ILE A C   1 
ATOM   710 O O   . ILE A 1 83 ? 0.598   0.035   4.334   1.00 13.95 ? 83  ILE A O   1 
ATOM   711 C CB  . ILE A 1 83 ? 1.954   -1.734  2.214   1.00 16.83 ? 83  ILE A CB  1 
ATOM   712 C CG1 . ILE A 1 83 ? 2.917   -2.826  1.735   1.00 17.94 ? 83  ILE A CG1 1 
ATOM   713 C CG2 . ILE A 1 83 ? 1.622   -0.876  1.010   1.00 15.61 ? 83  ILE A CG2 1 
ATOM   714 C CD1 . ILE A 1 83 ? 2.329   -4.172  1.690   1.00 25.73 ? 83  ILE A CD1 1 
ATOM   715 N N   . LEU A 1 84 ? 2.068   1.486   3.412   1.00 12.90 ? 84  LEU A N   1 
ATOM   716 C CA  . LEU A 1 84 ? 1.219   2.669   3.573   1.00 12.19 ? 84  LEU A CA  1 
ATOM   717 C C   . LEU A 1 84 ? 0.968   3.211   2.173   1.00 13.39 ? 84  LEU A C   1 
ATOM   718 O O   . LEU A 1 84 ? 1.900   3.386   1.397   1.00 13.04 ? 84  LEU A O   1 
ATOM   719 C CB  . LEU A 1 84 ? 1.937   3.730   4.446   1.00 11.99 ? 84  LEU A CB  1 
ATOM   720 C CG  . LEU A 1 84 ? 1.338   5.137   4.405   1.00 13.51 ? 84  LEU A CG  1 
ATOM   721 C CD1 . LEU A 1 84 ? -0.064  5.120   5.046   1.00 16.03 ? 84  LEU A CD1 1 
ATOM   722 C CD2 . LEU A 1 84 ? 2.288   6.134   5.110   1.00 17.44 ? 84  LEU A CD2 1 
ATOM   723 N N   . LEU A 1 85 ? -0.306  3.467   1.855   1.00 11.68 ? 85  LEU A N   1 
ATOM   724 C CA  . LEU A 1 85 ? -0.677  3.910   0.515   1.00 13.33 ? 85  LEU A CA  1 
ATOM   725 C C   . LEU A 1 85 ? -1.770  4.945   0.663   1.00 13.39 ? 85  LEU A C   1 
ATOM   726 O O   . LEU A 1 85 ? -2.794  4.685   1.281   1.00 13.69 ? 85  LEU A O   1 
ATOM   727 C CB  . LEU A 1 85 ? -1.175  2.707   -0.296  1.00 13.53 ? 85  LEU A CB  1 
ATOM   728 C CG  . LEU A 1 85 ? -1.715  2.890   -1.709  1.00 15.22 ? 85  LEU A CG  1 
ATOM   729 C CD1 . LEU A 1 85 ? -0.608  3.428   -2.648  1.00 14.23 ? 85  LEU A CD1 1 
ATOM   730 C CD2 . LEU A 1 85 ? -2.293  1.556   -2.218  1.00 15.18 ? 85  LEU A CD2 1 
ATOM   731 N N   . PHE A 1 86 ? -1.536  6.137   0.121   1.00 14.38 ? 86  PHE A N   1 
ATOM   732 C CA  . PHE A 1 86 ? -2.503  7.224   0.318   1.00 12.13 ? 86  PHE A CA  1 
ATOM   733 C C   . PHE A 1 86 ? -2.403  8.282   -0.771  1.00 15.24 ? 86  PHE A C   1 
ATOM   734 O O   . PHE A 1 86 ? -1.403  8.357   -1.483  1.00 16.07 ? 86  PHE A O   1 
ATOM   735 C CB  . PHE A 1 86 ? -2.316  7.861   1.719   1.00 15.88 ? 86  PHE A CB  1 
ATOM   736 C CG  . PHE A 1 86 ? -1.054  8.689   1.856   1.00 14.84 ? 86  PHE A CG  1 
ATOM   737 C CD1 . PHE A 1 86 ? 0.193   8.074   1.997   1.00 16.39 ? 86  PHE A CD1 1 
ATOM   738 C CD2 . PHE A 1 86 ? -1.120  10.094  1.815   1.00 18.13 ? 86  PHE A CD2 1 
ATOM   739 C CE1 . PHE A 1 86 ? 1.357   8.845   2.106   1.00 17.79 ? 86  PHE A CE1 1 
ATOM   740 C CE2 . PHE A 1 86 ? 0.049   10.873  1.919   1.00 15.53 ? 86  PHE A CE2 1 
ATOM   741 C CZ  . PHE A 1 86 ? 1.274   10.240  2.074   1.00 14.35 ? 86  PHE A CZ  1 
ATOM   742 N N   . LYS A 1 87 ? -3.464  9.076   -0.890  1.00 15.57 ? 87  LYS A N   1 
ATOM   743 C CA  . LYS A 1 87 ? -3.436  10.349  -1.607  1.00 15.60 ? 87  LYS A CA  1 
ATOM   744 C C   . LYS A 1 87 ? -3.420  11.489  -0.590  1.00 17.85 ? 87  LYS A C   1 
ATOM   745 O O   . LYS A 1 87 ? -4.046  11.395  0.481   1.00 20.21 ? 87  LYS A O   1 
ATOM   746 C CB  . LYS A 1 87 ? -4.682  10.502  -2.467  1.00 19.55 ? 87  LYS A CB  1 
ATOM   747 C CG  . LYS A 1 87 ? -4.815  9.524   -3.608  1.00 22.24 ? 87  LYS A CG  1 
ATOM   748 C CD  . LYS A 1 87 ? -5.908  10.050  -4.549  1.00 29.12 ? 87  LYS A CD  1 
ATOM   749 C CE  . LYS A 1 87 ? -5.861  9.355   -5.880  1.00 32.18 ? 87  LYS A CE  1 
ATOM   750 N NZ  . LYS A 1 87 ? -6.747  10.014  -6.893  1.00 31.92 ? 87  LYS A NZ  1 
ATOM   751 N N   . SER A 1 88 ? -2.719  12.566  -0.930  1.00 19.77 ? 88  SER A N   1 
ATOM   752 C CA  . SER A 1 88 ? -2.600  13.709  -0.031  1.00 17.23 ? 88  SER A CA  1 
ATOM   753 C C   . SER A 1 88 ? -3.867  14.523  0.007   1.00 22.95 ? 88  SER A C   1 
ATOM   754 O O   . SER A 1 88 ? -4.545  14.668  -1.008  1.00 24.60 ? 88  SER A O   1 
ATOM   755 C CB  . SER A 1 88 ? -1.450  14.608  -0.491  1.00 20.64 ? 88  SER A CB  1 
ATOM   756 O OG  . SER A 1 88 ? -1.339  15.751  0.332   1.00 21.82 ? 88  SER A OG  1 
ATOM   757 N N   . GLY A 1 89 ? -4.173  15.066  1.181   1.00 22.56 ? 89  GLY A N   1 
ATOM   758 C CA  . GLY A 1 89 ? -5.235  16.050  1.322   1.00 27.23 ? 89  GLY A CA  1 
ATOM   759 C C   . GLY A 1 89 ? -4.610  17.436  1.228   1.00 55.73 ? 89  GLY A C   1 
ATOM   760 O O   . GLY A 1 89 ? -3.489  17.605  0.724   1.00 42.96 ? 89  GLY A O   1 
ATOM   761 O OXT . GLY A 1 89 ? -5.195  18.427  1.660   1.00 63.70 ? 89  GLY A OXT 1 
HETATM 762 C C   . ACT B 2 .  ? -17.472 0.795   1.580   1.00 25.64 ? 91  ACT A C   1 
HETATM 763 O O   . ACT B 2 .  ? -16.995 0.778   2.737   1.00 47.61 ? 91  ACT A O   1 
HETATM 764 O OXT . ACT B 2 .  ? -17.931 1.884   1.183   1.00 45.63 ? 91  ACT A OXT 1 
HETATM 765 C CH3 . ACT B 2 .  ? -17.479 -0.417  0.709   1.00 36.33 ? 91  ACT A CH3 1 
HETATM 766 S S   . SO4 C 3 .  ? 11.370  0.290   8.821   0.50 24.69 ? 92  SO4 A S   1 
HETATM 767 O O1  . SO4 C 3 .  ? 11.038  1.133   9.957   0.50 15.72 ? 92  SO4 A O1  1 
HETATM 768 O O2  . SO4 C 3 .  ? 11.836  -0.994  9.331   0.50 51.98 ? 92  SO4 A O2  1 
HETATM 769 O O3  . SO4 C 3 .  ? 10.222  0.071   7.913   0.50 15.93 ? 92  SO4 A O3  1 
HETATM 770 O O4  . SO4 C 3 .  ? 12.453  0.951   8.104   0.50 58.97 ? 92  SO4 A O4  1 
HETATM 771 O O   . HOH D 4 .  ? 14.532  0.301   -0.865  1.00 20.00 ? 93  HOH A O   1 
HETATM 772 O O   . HOH D 4 .  ? -1.636  13.124  -3.490  1.00 18.56 ? 94  HOH A O   1 
HETATM 773 O O   . HOH D 4 .  ? 2.522   4.793   11.918  1.00 19.38 ? 95  HOH A O   1 
HETATM 774 O O   . HOH D 4 .  ? 13.252  -5.069  -6.336  1.00 18.86 ? 96  HOH A O   1 
HETATM 775 O O   . HOH D 4 .  ? 2.088   -14.296 6.397   1.00 26.48 ? 97  HOH A O   1 
HETATM 776 O O   . HOH D 4 .  ? 2.481   6.982   -11.869 1.00 28.71 ? 98  HOH A O   1 
HETATM 777 O O   . HOH D 4 .  ? 1.122   4.851   -13.320 1.00 26.94 ? 99  HOH A O   1 
HETATM 778 O O   . HOH D 4 .  ? -12.246 4.597   -1.379  1.00 26.94 ? 100 HOH A O   1 
HETATM 779 O O   . HOH D 4 .  ? -1.088  9.553   9.412   1.00 27.76 ? 101 HOH A O   1 
HETATM 780 O O   . HOH D 4 .  ? 0.489   -9.811  8.439   1.00 26.68 ? 102 HOH A O   1 
HETATM 781 O O   . HOH D 4 .  ? 9.540   -10.104 -2.365  1.00 27.62 ? 103 HOH A O   1 
HETATM 782 O O   . HOH D 4 .  ? 2.368   4.264   9.237   1.00 29.50 ? 104 HOH A O   1 
HETATM 783 O O   . HOH D 4 .  ? -5.320  13.008  7.460   1.00 31.09 ? 105 HOH A O   1 
HETATM 784 O O   . HOH D 4 .  ? -4.250  13.600  -5.860  1.00 27.03 ? 106 HOH A O   1 
HETATM 785 O O   . HOH D 4 .  ? -16.465 -1.378  -2.139  1.00 32.73 ? 107 HOH A O   1 
HETATM 786 O O   . HOH D 4 .  ? -10.282 5.918   -11.773 1.00 27.61 ? 108 HOH A O   1 
HETATM 787 O O   . HOH D 4 .  ? 6.980   -11.587 5.566   1.00 41.37 ? 109 HOH A O   1 
HETATM 788 O O   . HOH D 4 .  ? -13.550 0.009   -6.906  1.00 32.17 ? 110 HOH A O   1 
HETATM 789 O O   . HOH D 4 .  ? -12.748 2.665   5.438   1.00 29.05 ? 111 HOH A O   1 
HETATM 790 O O   . HOH D 4 .  ? 5.096   0.068   9.816   1.00 27.60 ? 112 HOH A O   1 
HETATM 791 O O   . HOH D 4 .  ? -3.342  16.102  9.508   1.00 43.33 ? 113 HOH A O   1 
HETATM 792 O O   . HOH D 4 .  ? 12.383  -2.863  5.966   1.00 31.16 ? 114 HOH A O   1 
HETATM 793 O O   . HOH D 4 .  ? 0.845   13.217  -10.294 1.00 39.17 ? 115 HOH A O   1 
HETATM 794 O O   . HOH D 4 .  ? 0.170   8.185   12.748  1.00 30.74 ? 116 HOH A O   1 
HETATM 795 O O   . HOH D 4 .  ? -10.153 15.236  1.927   1.00 38.87 ? 117 HOH A O   1 
HETATM 796 O O   . HOH D 4 .  ? 0.040   5.522   12.610  1.00 36.40 ? 118 HOH A O   1 
HETATM 797 O O   . HOH D 4 .  ? 9.949   -8.752  0.415   1.00 45.51 ? 119 HOH A O   1 
HETATM 798 O O   . HOH D 4 .  ? -6.050  3.435   -16.363 1.00 41.69 ? 120 HOH A O   1 
HETATM 799 O O   . HOH D 4 .  ? -10.674 -2.868  6.672   1.00 35.09 ? 121 HOH A O   1 
HETATM 800 O O   . HOH D 4 .  ? -7.650  6.044   -12.885 1.00 28.68 ? 122 HOH A O   1 
HETATM 801 O O   . HOH D 4 .  ? 2.928   -0.758  -11.703 1.00 36.81 ? 123 HOH A O   1 
HETATM 802 O O   . HOH D 4 .  ? -0.054  7.121   8.608   1.00 30.22 ? 124 HOH A O   1 
HETATM 803 O O   . HOH D 4 .  ? -7.460  -7.116  8.309   1.00 39.77 ? 125 HOH A O   1 
HETATM 804 O O   . HOH D 4 .  ? 9.171   -0.960  -9.457  1.00 32.09 ? 126 HOH A O   1 
HETATM 805 O O   . HOH D 4 .  ? 3.317   -12.337 -2.992  1.00 43.83 ? 127 HOH A O   1 
HETATM 806 O O   . HOH D 4 .  ? -14.268 1.614   -4.834  1.00 36.01 ? 128 HOH A O   1 
HETATM 807 O O   . HOH D 4 .  ? 15.063  2.646   0.785   1.00 42.30 ? 129 HOH A O   1 
HETATM 808 O O   . HOH D 4 .  ? -3.511  13.102  15.442  1.00 48.76 ? 130 HOH A O   1 
HETATM 809 O O   . HOH D 4 .  ? -14.097 4.964   5.122   1.00 45.77 ? 131 HOH A O   1 
HETATM 810 O O   . HOH D 4 .  ? -2.461  -10.194 -6.940  1.00 50.14 ? 132 HOH A O   1 
HETATM 811 O O   . HOH D 4 .  ? 7.731   -14.470 -7.654  1.00 45.97 ? 133 HOH A O   1 
HETATM 812 O O   . HOH D 4 .  ? 1.698   -1.314  13.195  1.00 42.33 ? 134 HOH A O   1 
HETATM 813 O O   . HOH D 4 .  ? -5.569  13.019  -13.382 1.00 46.14 ? 135 HOH A O   1 
HETATM 814 O O   . HOH D 4 .  ? -0.843  -11.991 12.462  1.00 42.74 ? 136 HOH A O   1 
HETATM 815 O O   . HOH D 4 .  ? 0.456   -15.095 -2.875  1.00 52.60 ? 137 HOH A O   1 
HETATM 816 O O   . HOH D 4 .  ? 7.053   -6.310  10.497  1.00 36.46 ? 138 HOH A O   1 
HETATM 817 O O   . HOH D 4 .  ? 10.640  -8.657  9.614   1.00 51.28 ? 139 HOH A O   1 
HETATM 818 O O   . HOH D 4 .  ? 0.706   -11.532 10.397  1.00 34.55 ? 140 HOH A O   1 
HETATM 819 O O   . HOH D 4 .  ? 12.696  -13.382 -2.557  0.50 33.73 ? 141 HOH A O   1 
HETATM 820 O O   . HOH D 4 .  ? -5.444  14.023  -3.495  1.00 33.17 ? 142 HOH A O   1 
HETATM 821 O O   . HOH D 4 .  ? 0.382   -7.870  11.880  1.00 50.52 ? 143 HOH A O   1 
HETATM 822 O O   . HOH D 4 .  ? -6.795  -9.704  8.512   1.00 38.22 ? 144 HOH A O   1 
HETATM 823 O O   . HOH D 4 .  ? -1.714  4.987   10.630  1.00 44.57 ? 145 HOH A O   1 
HETATM 824 O O   . HOH D 4 .  ? 17.020  0.530   -2.080  1.00 37.33 ? 146 HOH A O   1 
HETATM 825 O O   . HOH D 4 .  ? -3.476  10.242  8.000   1.00 38.57 ? 147 HOH A O   1 
HETATM 826 O O   . HOH D 4 .  ? -1.714  17.914  11.839  1.00 46.50 ? 148 HOH A O   1 
HETATM 827 O O   . HOH D 4 .  ? -4.095  -5.945  13.888  1.00 47.65 ? 149 HOH A O   1 
HETATM 828 O O   . HOH D 4 .  ? 1.897   -20.941 0.678   1.00 43.58 ? 150 HOH A O   1 
HETATM 829 O O   . HOH D 4 .  ? 0.692   -13.528 -0.694  1.00 40.29 ? 151 HOH A O   1 
HETATM 830 O O   . HOH D 4 .  ? 5.400   -0.644  -12.595 1.00 41.86 ? 152 HOH A O   1 
HETATM 831 O O   . HOH D 4 .  ? 14.238  -4.921  9.600   1.00 51.67 ? 153 HOH A O   1 
HETATM 832 O O   . HOH D 4 .  ? 17.704  3.709   -1.781  1.00 49.93 ? 154 HOH A O   1 
HETATM 833 O O   . HOH D 4 .  ? -9.614  7.410   -6.494  1.00 40.53 ? 155 HOH A O   1 
HETATM 834 O O   . HOH D 4 .  ? -8.173  -10.059 0.686   1.00 61.91 ? 156 HOH A O   1 
HETATM 835 O O   . HOH D 4 .  ? -11.210 -5.389  -5.571  1.00 40.94 ? 157 HOH A O   1 
HETATM 836 O O   . HOH D 4 .  ? -11.568 -5.599  1.090   1.00 43.78 ? 158 HOH A O   1 
HETATM 837 O O   . HOH D 4 .  ? 3.944   -9.451  -10.423 1.00 38.20 ? 159 HOH A O   1 
HETATM 838 O O   . HOH D 4 .  ? 8.879   -12.764 -1.682  1.00 61.00 ? 160 HOH A O   1 
HETATM 839 O O   . HOH D 4 .  ? 15.952  -3.907  3.973   1.00 55.28 ? 161 HOH A O   1 
HETATM 840 O O   . HOH D 4 .  ? 3.185   -7.898  -12.433 1.00 53.34 ? 162 HOH A O   1 
HETATM 841 O O   . HOH D 4 .  ? -3.364  13.287  9.940   1.00 44.95 ? 163 HOH A O   1 
HETATM 842 O O   . HOH D 4 .  ? -2.256  15.538  -4.662  1.00 38.85 ? 164 HOH A O   1 
HETATM 843 O O   . HOH D 4 .  ? -6.126  13.141  -10.300 1.00 41.09 ? 165 HOH A O   1 
HETATM 844 O O   . HOH D 4 .  ? -6.211  -4.697  12.583  1.00 45.61 ? 166 HOH A O   1 
HETATM 845 O O   . HOH D 4 .  ? -14.352 8.670   5.051   1.00 44.98 ? 167 HOH A O   1 
HETATM 846 O O   . HOH D 4 .  ? -14.793 0.622   4.333   1.00 45.64 ? 168 HOH A O   1 
HETATM 847 O O   . HOH D 4 .  ? 3.095   -12.007 -0.824  1.00 44.82 ? 169 HOH A O   1 
HETATM 848 O O   . HOH D 4 .  ? -12.651 11.968  -1.493  1.00 54.47 ? 170 HOH A O   1 
HETATM 849 O O   . HOH D 4 .  ? 11.942  2.177   -7.650  1.00 51.37 ? 171 HOH A O   1 
HETATM 850 O O   . HOH D 4 .  ? 16.471  -1.529  -7.041  1.00 48.73 ? 172 HOH A O   1 
HETATM 851 O O   . HOH D 4 .  ? -9.646  0.497   9.588   1.00 54.04 ? 173 HOH A O   1 
HETATM 852 O O   . HOH D 4 .  ? -8.910  11.100  -5.644  1.00 46.14 ? 174 HOH A O   1 
HETATM 853 O O   . HOH D 4 .  ? 1.745   10.611  -10.523 1.00 44.90 ? 175 HOH A O   1 
HETATM 854 O O   . HOH D 4 .  ? -9.470  2.738   10.796  1.00 51.17 ? 176 HOH A O   1 
HETATM 855 O O   . HOH D 4 .  ? 18.243  -0.848  -5.102  1.00 52.41 ? 177 HOH A O   1 
HETATM 856 O O   . HOH D 4 .  ? -2.145  1.458   13.634  1.00 47.00 ? 178 HOH A O   1 
HETATM 857 O O   . HOH D 4 .  ? 2.171   -13.211 9.091   1.00 42.45 ? 179 HOH A O   1 
HETATM 858 O O   . HOH D 4 .  ? -11.691 -4.414  -8.075  1.00 45.44 ? 180 HOH A O   1 
HETATM 859 O O   . HOH D 4 .  ? 5.851   -13.036 -2.496  1.00 46.35 ? 181 HOH A O   1 
HETATM 860 O O   . HOH D 4 .  ? 7.591   -0.076  -11.151 1.00 46.58 ? 182 HOH A O   1 
HETATM 861 O O   . HOH D 4 .  ? 16.721  5.472   -3.806  1.00 40.91 ? 183 HOH A O   1 
HETATM 862 O O   . HOH D 4 .  ? -9.087  12.646  5.417   1.00 42.25 ? 184 HOH A O   1 
HETATM 863 O O   . HOH D 4 .  ? 9.730   -5.250  3.953   1.00 40.54 ? 185 HOH A O   1 
HETATM 864 O O   . HOH D 4 .  ? 1.882   0.745   -13.649 1.00 57.03 ? 186 HOH A O   1 
HETATM 865 O O   . HOH D 4 .  ? -2.139  -14.804 0.327   1.00 48.48 ? 187 HOH A O   1 
HETATM 866 O O   . HOH D 4 .  ? -8.314  0.459   12.420  1.00 55.53 ? 188 HOH A O   1 
HETATM 867 O O   . HOH D 4 .  ? -7.996  5.999   9.026   1.00 49.39 ? 189 HOH A O   1 
HETATM 868 O O   . HOH D 4 .  ? 4.104   -11.729 10.343  1.00 54.36 ? 190 HOH A O   1 
HETATM 869 O O   . HOH D 4 .  ? 4.422   -19.993 1.878   1.00 64.59 ? 191 HOH A O   1 
HETATM 870 O O   . HOH D 4 .  ? -16.354 7.086   -1.019  1.00 62.15 ? 192 HOH A O   1 
HETATM 871 O O   . HOH D 4 .  ? -3.775  6.588   11.362  1.00 43.37 ? 193 HOH A O   1 
HETATM 872 O O   . HOH D 4 .  ? -7.519  -6.842  -7.847  1.00 50.34 ? 194 HOH A O   1 
HETATM 873 O O   . HOH D 4 .  ? 12.177  -2.127  -12.504 1.00 56.13 ? 195 HOH A O   1 
HETATM 874 O O   . HOH D 4 .  ? -8.920  -1.958  10.336  1.00 64.18 ? 196 HOH A O   1 
HETATM 875 O O   . HOH D 4 .  ? -3.850  -11.090 -5.009  1.00 50.59 ? 197 HOH A O   1 
HETATM 876 O O   . HOH D 4 .  ? -11.237 -4.557  3.829   1.00 55.21 ? 198 HOH A O   1 
HETATM 877 O O   . HOH D 4 .  ? -2.268  -14.735 -2.584  1.00 63.10 ? 199 HOH A O   1 
HETATM 878 O O   . HOH D 4 .  ? -18.024 1.797   -1.585  1.00 73.68 ? 200 HOH A O   1 
HETATM 879 O O   . HOH D 4 .  ? -7.308  16.255  4.472   1.00 49.07 ? 201 HOH A O   1 
# 
loop_
_atom_site_anisotrop.id 
_atom_site_anisotrop.type_symbol 
_atom_site_anisotrop.pdbx_label_atom_id 
_atom_site_anisotrop.pdbx_label_alt_id 
_atom_site_anisotrop.pdbx_label_comp_id 
_atom_site_anisotrop.pdbx_label_asym_id 
_atom_site_anisotrop.pdbx_label_seq_id 
_atom_site_anisotrop.pdbx_PDB_ins_code 
_atom_site_anisotrop.U[1][1] 
_atom_site_anisotrop.U[2][2] 
_atom_site_anisotrop.U[3][3] 
_atom_site_anisotrop.U[1][2] 
_atom_site_anisotrop.U[1][3] 
_atom_site_anisotrop.U[2][3] 
_atom_site_anisotrop.pdbx_auth_seq_id 
_atom_site_anisotrop.pdbx_auth_comp_id 
_atom_site_anisotrop.pdbx_auth_asym_id 
_atom_site_anisotrop.pdbx_auth_atom_id 
1   N N   . ASP A 3  ? 0.5500 0.4677 0.8903 -0.0122 -0.0035 -0.0154 3  ASP A N   
2   C CA  . ASP A 3  ? 0.6622 0.6053 0.9729 -0.0147 0.0013  -0.0169 3  ASP A CA  
3   C C   . ASP A 3  ? 0.5362 0.4871 0.8309 -0.0196 0.0049  0.0080  3  ASP A C   
4   O O   . ASP A 3  ? 0.5804 0.5183 0.8847 -0.0247 0.0043  0.0271  3  ASP A O   
5   C CB  . ASP A 3  ? 0.5819 0.5330 0.8944 -0.0216 -0.0005 -0.0357 3  ASP A CB  
6   C CG  . ASP A 3  ? 0.7747 0.7072 1.1177 -0.0302 -0.0058 -0.0397 3  ASP A CG  
7   O OD1 . ASP A 3  ? 0.8498 0.7637 1.2133 -0.0264 -0.0093 -0.0521 3  ASP A OD1 
8   O OD2 . ASP A 3  ? 0.9585 0.8957 1.3076 -0.0410 -0.0062 -0.0315 3  ASP A OD2 
9   N N   . ARG A 4  ? 0.2997 0.2714 0.5693 -0.0181 0.0092  0.0073  4  ARG A N   
10  C CA  . ARG A 4  ? 0.2428 0.2222 0.4922 -0.0179 0.0134  0.0262  4  ARG A CA  
11  C C   . ARG A 4  ? 0.2381 0.2261 0.4837 -0.0272 0.0183  0.0365  4  ARG A C   
12  O O   . ARG A 4  ? 0.2719 0.2692 0.5247 -0.0320 0.0182  0.0263  4  ARG A O   
13  C CB  . ARG A 4  ? 0.2478 0.2428 0.4741 -0.0102 0.0157  0.0198  4  ARG A CB  
14  C CG  . ARG A 4  ? 0.3270 0.3168 0.5554 -0.0008 0.0132  0.0168  4  ARG A CG  
15  C CD  . ARG A 4  ? 0.3844 0.3911 0.5909 0.0045  0.0164  0.0134  4  ARG A CD  
16  N NE  . ARG A 4  ? 0.5412 0.5467 0.7526 0.0128  0.0150  0.0112  4  ARG A NE  
17  C CZ  . ARG A 4  ? 0.5094 0.5170 0.7311 0.0183  0.0164  -0.0057 4  ARG A CZ  
18  N NH1 . ARG A 4  ? 0.4514 0.4609 0.6751 0.0162  0.0180  -0.0227 4  ARG A NH1 
19  N NH2 . ARG A 4  ? 0.5433 0.5524 0.7738 0.0259  0.0160  -0.0064 4  ARG A NH2 
20  N N   . LYS A 5  ? 0.2340 0.2198 0.4685 -0.0297 0.0223  0.0563  5  LYS A N   
21  C CA  . LYS A 5  ? 0.1868 0.1822 0.4175 -0.0382 0.0301  0.0671  5  LYS A CA  
22  C C   . LYS A 5  ? 0.2651 0.2799 0.4734 -0.0340 0.0351  0.0635  5  LYS A C   
23  O O   . LYS A 5  ? 0.2152 0.2310 0.4029 -0.0276 0.0350  0.0666  5  LYS A O   
24  C CB  . LYS A 5  ? 0.2140 0.1978 0.4388 -0.0432 0.0333  0.0900  5  LYS A CB  
25  C CG  . LYS A 5  ? 0.2659 0.2594 0.4876 -0.0530 0.0444  0.1017  5  LYS A CG  
26  C CD  . LYS A 5  ? 0.3184 0.3006 0.5242 -0.0572 0.0476  0.1248  5  LYS A CD  
27  C CE  . LYS A 5  ? 0.5011 0.4929 0.7026 -0.0678 0.0612  0.1376  5  LYS A CE  
28  N NZ  . LYS A 5  ? 0.5477 0.5249 0.7317 -0.0730 0.0625  0.1614  5  LYS A NZ  
29  N N   . ALA A 6  ? 0.1576 0.1876 0.3731 -0.0378 0.0385  0.0570  6  ALA A N   
30  C CA  . ALA A 6  ? 0.1421 0.1895 0.3417 -0.0339 0.0431  0.0541  6  ALA A CA  
31  C C   . ALA A 6  ? 0.1290 0.1818 0.3200 -0.0381 0.0542  0.0679  6  ALA A C   
32  O O   . ALA A 6  ? 0.2076 0.2624 0.4145 -0.0468 0.0603  0.0749  6  ALA A O   
33  C CB  . ALA A 6  ? 0.1591 0.2206 0.3729 -0.0350 0.0398  0.0413  6  ALA A CB  
34  N N   . VAL A 7  ? 0.1214 0.1772 0.2877 -0.0326 0.0576  0.0708  7  VAL A N   
35  C CA  . VAL A 7  ? 0.1922 0.2544 0.3453 -0.0354 0.0694  0.0800  7  VAL A CA  
36  C C   . VAL A 7  ? 0.1615 0.2364 0.3033 -0.0284 0.0720  0.0714  7  VAL A C   
37  O O   . VAL A 7  ? 0.1631 0.2339 0.2871 -0.0217 0.0669  0.0677  7  VAL A O   
38  C CB  . VAL A 7  ? 0.2636 0.3125 0.3933 -0.0369 0.0706  0.0941  7  VAL A CB  
39  C CG1 . VAL A 7  ? 0.2873 0.3442 0.3984 -0.0402 0.0843  0.1010  7  VAL A CG1 
40  C CG2 . VAL A 7  ? 0.2575 0.2911 0.4007 -0.0437 0.0669  0.1055  7  VAL A CG2 
41  N N   . ILE A 8  ? 0.1801 0.2705 0.3359 -0.0300 0.0799  0.0681  8  ILE A N   
42  C CA  . ILE A 8  ? 0.1633 0.2647 0.3137 -0.0228 0.0820  0.0601  8  ILE A CA  
43  C C   . ILE A 8  ? 0.2186 0.3205 0.3476 -0.0223 0.0942  0.0646  8  ILE A C   
44  O O   . ILE A 8  ? 0.2573 0.3643 0.3894 -0.0286 0.1066  0.0711  8  ILE A O   
45  C CB  . ILE A 8  ? 0.1917 0.3101 0.3711 -0.0227 0.0818  0.0531  8  ILE A CB  
46  C CG1 . ILE A 8  ? 0.2474 0.3637 0.4388 -0.0225 0.0671  0.0463  8  ILE A CG1 
47  C CG2 . ILE A 8  ? 0.1981 0.3265 0.3750 -0.0145 0.0843  0.0469  8  ILE A CG2 
48  C CD1 . ILE A 8  ? 0.2667 0.3988 0.4884 -0.0250 0.0631  0.0407  8  ILE A CD1 
49  N N   . LYS A 9  ? 0.2001 0.2964 0.3066 -0.0159 0.0909  0.0608  9  LYS A N   
50  C CA  . LYS A 9  ? 0.1962 0.2899 0.2769 -0.0154 0.1002  0.0625  9  LYS A CA  
51  C C   . LYS A 9  ? 0.2210 0.3271 0.3082 -0.0104 0.1100  0.0533  9  LYS A C   
52  O O   . LYS A 9  ? 0.2762 0.3885 0.3571 -0.0128 0.1247  0.0536  9  LYS A O   
53  C CB  . LYS A 9  ? 0.2766 0.3571 0.3320 -0.0119 0.0904  0.0626  9  LYS A CB  
54  C CG  . LYS A 9  ? 0.3305 0.3986 0.3799 -0.0159 0.0816  0.0726  9  LYS A CG  
55  C CD  . LYS A 9  ? 0.4549 0.5187 0.4901 -0.0236 0.0896  0.0853  9  LYS A CD  
56  C CE  . LYS A 9  ? 0.5034 0.5527 0.5322 -0.0262 0.0786  0.0969  9  LYS A CE  
57  N NZ  . LYS A 9  ? 0.5860 0.6301 0.6053 -0.0352 0.0855  0.1127  9  LYS A NZ  
58  N N   . ASN A 10 ? 0.1887 0.2982 0.2889 -0.0034 0.1019  0.0452  10 ASN A N   
59  C CA  A ASN A 10 ? 0.2026 0.3226 0.3158 0.0029  0.1082  0.0366  10 ASN A CA  
60  C CA  B ASN A 10 ? 0.1910 0.3108 0.3039 0.0030  0.1080  0.0365  10 ASN A CA  
61  C C   . ASN A 10 ? 0.1857 0.3129 0.3248 0.0071  0.0972  0.0333  10 ASN A C   
62  O O   . ASN A 10 ? 0.1768 0.2971 0.3109 0.0079  0.0843  0.0341  10 ASN A O   
63  C CB  A ASN A 10 ? 0.2435 0.3538 0.3335 0.0085  0.1085  0.0303  10 ASN A CB  
64  C CB  B ASN A 10 ? 0.2040 0.3138 0.2940 0.0088  0.1072  0.0303  10 ASN A CB  
65  C CG  A ASN A 10 ? 0.2309 0.3498 0.3311 0.0144  0.1205  0.0209  10 ASN A CG  
66  C CG  B ASN A 10 ? 0.2632 0.3657 0.3227 0.0047  0.1161  0.0321  10 ASN A CG  
67  O OD1 A ASN A 10 ? 0.4636 0.5957 0.5779 0.0125  0.1345  0.0202  10 ASN A OD1 
68  O OD1 B ASN A 10 ? 0.3943 0.5033 0.4501 0.0044  0.1313  0.0280  10 ASN A OD1 
69  N ND2 A ASN A 10 ? 0.4436 0.5550 0.5390 0.0214  0.1158  0.0133  10 ASN A ND2 
70  N ND2 B ASN A 10 ? 0.2450 0.3346 0.2820 0.0016  0.1067  0.0378  10 ASN A ND2 
71  N N   . ALA A 11 ? 0.1802 0.3230 0.3473 0.0096  0.1022  0.0297  11 ALA A N   
72  C CA  . ALA A 11 ? 0.1593 0.3100 0.3499 0.0132  0.0896  0.0278  11 ALA A CA  
73  C C   . ALA A 11 ? 0.2052 0.3693 0.4216 0.0207  0.0942  0.0225  11 ALA A C   
74  O O   . ALA A 11 ? 0.2022 0.3773 0.4320 0.0202  0.1097  0.0202  11 ALA A O   
75  C CB  . ALA A 11 ? 0.1790 0.3370 0.3877 0.0057  0.0842  0.0312  11 ALA A CB  
76  N N   . ASP A 12 ? 0.1514 0.3147 0.3754 0.0274  0.0813  0.0211  12 ASP A N   
77  C CA  . ASP A 12 ? 0.1685 0.3451 0.4247 0.0353  0.0802  0.0178  12 ASP A CA  
78  C C   . ASP A 12 ? 0.1863 0.3668 0.4531 0.0354  0.0603  0.0219  12 ASP A C   
79  O O   . ASP A 12 ? 0.1556 0.3260 0.4094 0.0395  0.0487  0.0242  12 ASP A O   
80  C CB  . ASP A 12 ? 0.1700 0.3362 0.4189 0.0446  0.0831  0.0131  12 ASP A CB  
81  C CG  . ASP A 12 ? 0.3124 0.4900 0.5983 0.0546  0.0801  0.0102  12 ASP A CG  
82  O OD1 . ASP A 12 ? 0.2809 0.4784 0.6008 0.0545  0.0794  0.0109  12 ASP A OD1 
83  O OD2 . ASP A 12 ? 0.2636 0.4299 0.5473 0.0627  0.0773  0.0076  12 ASP A OD2 
84  N N   . MET A 13 ? 0.1186 0.3132 0.4063 0.0294  0.0565  0.0231  13 MET A N   
85  C CA  . MET A 13 ? 0.1091 0.3058 0.3977 0.0261  0.0375  0.0254  13 MET A CA  
86  C C   . MET A 13 ? 0.1141 0.3290 0.4347 0.0194  0.0355  0.0244  13 MET A C   
87  O O   . MET A 13 ? 0.1435 0.3626 0.4721 0.0132  0.0496  0.0240  13 MET A O   
88  C CB  . MET A 13 ? 0.1759 0.3555 0.4282 0.0205  0.0345  0.0264  13 MET A CB  
89  C CG  . MET A 13 ? 0.1801 0.3598 0.4261 0.0164  0.0178  0.0262  13 MET A CG  
90  S SD  . MET A 13 ? 0.1226 0.2831 0.3293 0.0126  0.0166  0.0256  13 MET A SD  
91  C CE  . MET A 13 ? 0.1570 0.3070 0.3431 0.0205  0.0160  0.0296  13 MET A CE  
92  N N   . SER A 14 ? 0.1045 0.3302 0.4425 0.0196  0.0173  0.0247  14 SER A N   
93  C CA  . SER A 14 ? 0.0832 0.3264 0.4535 0.0121  0.0118  0.0227  14 SER A CA  
94  C C   . SER A 14 ? 0.1109 0.3444 0.4659 0.0008  0.0150  0.0209  14 SER A C   
95  O O   . SER A 14 ? 0.1077 0.3226 0.4270 -0.0003 0.0139  0.0206  14 SER A O   
96  C CB  . SER A 14 ? 0.1494 0.4029 0.5324 0.0134  -0.0124 0.0229  14 SER A CB  
97  O OG  . SER A 14 ? 0.1575 0.3970 0.5047 0.0093  -0.0250 0.0217  14 SER A OG  
98  N N   . GLU A 15 ? 0.1411 0.3874 0.5267 -0.0077 0.0191  0.0197  15 GLU A N   
99  C CA  . GLU A 15 ? 0.1429 0.3783 0.5195 -0.0188 0.0211  0.0186  15 GLU A CA  
100 C C   . GLU A 15 ? 0.1736 0.3987 0.5303 -0.0216 0.0021  0.0130  15 GLU A C   
101 O O   . GLU A 15 ? 0.1649 0.3721 0.4969 -0.0252 0.0043  0.0114  15 GLU A O   
102 C CB  . GLU A 15 ? 0.1863 0.4376 0.6037 -0.0286 0.0279  0.0194  15 GLU A CB  
103 C CG  . GLU A 15 ? 0.3800 0.6394 0.8097 -0.0279 0.0520  0.0249  15 GLU A CG  
104 C CD  . GLU A 15 ? 0.5991 0.8373 0.9911 -0.0292 0.0671  0.0299  15 GLU A CD  
105 O OE1 . GLU A 15 ? 0.6490 0.8711 1.0263 -0.0368 0.0636  0.0314  15 GLU A OE1 
106 O OE2 . GLU A 15 ? 0.6585 0.8958 1.0368 -0.0228 0.0815  0.0318  15 GLU A OE2 
107 N N   . GLU A 16 ? 0.1655 0.4022 0.5324 -0.0194 -0.0166 0.0097  16 GLU A N   
108 C CA  . GLU A 16 ? 0.1401 0.3691 0.4849 -0.0225 -0.0342 0.0028  16 GLU A CA  
109 C C   . GLU A 16 ? 0.1480 0.3589 0.4484 -0.0163 -0.0323 0.0039  16 GLU A C   
110 O O   . GLU A 16 ? 0.1424 0.3400 0.4190 -0.0199 -0.0347 -0.0020 16 GLU A O   
111 C CB  . GLU A 16 ? 0.1916 0.4380 0.5533 -0.0219 -0.0560 0.0006  16 GLU A CB  
112 C CG  . GLU A 16 ? 0.3584 0.5981 0.6954 -0.0272 -0.0741 -0.0087 16 GLU A CG  
113 C CD  . GLU A 16 ? 0.6307 0.8888 0.9862 -0.0297 -0.0981 -0.0119 16 GLU A CD  
114 O OE1 . GLU A 16 ? 0.5390 0.8168 0.9370 -0.0293 -0.1014 -0.0079 16 GLU A OE1 
115 O OE2 . GLU A 16 ? 0.5347 0.7879 0.8617 -0.0323 -0.1139 -0.0187 16 GLU A OE2 
116 N N   . MET A 17 ? 0.1297 0.3402 0.4215 -0.0071 -0.0270 0.0110  17 MET A N   
117 C CA  A MET A 17 ? 0.1331 0.3277 0.3868 -0.0021 -0.0247 0.0131  17 MET A CA  
118 C CA  B MET A 17 ? 0.1083 0.3031 0.3620 -0.0021 -0.0251 0.0130  17 MET A CA  
119 C C   . MET A 17 ? 0.0901 0.2690 0.3272 -0.0041 -0.0095 0.0128  17 MET A C   
120 O O   . MET A 17 ? 0.1067 0.2729 0.3159 -0.0040 -0.0100 0.0107  17 MET A O   
121 C CB  A MET A 17 ? 0.1819 0.3785 0.4354 0.0075  -0.0236 0.0206  17 MET A CB  
122 C CB  B MET A 17 ? 0.1263 0.3232 0.3794 0.0076  -0.0249 0.0206  17 MET A CB  
123 C CG  A MET A 17 ? 0.1260 0.3317 0.3825 0.0108  -0.0424 0.0236  17 MET A CG  
124 C CG  B MET A 17 ? 0.1369 0.3202 0.3543 0.0115  -0.0271 0.0239  17 MET A CG  
125 S SD  A MET A 17 ? 0.2143 0.4196 0.4768 0.0227  -0.0426 0.0334  17 MET A SD  
126 S SD  B MET A 17 ? 0.1328 0.3130 0.3524 0.0220  -0.0246 0.0329  17 MET A SD  
127 C CE  A MET A 17 ? 0.2006 0.3839 0.4184 0.0240  -0.0362 0.0366  17 MET A CE  
128 C CE  B MET A 17 ? 0.1941 0.3909 0.4377 0.0255  -0.0448 0.0375  17 MET A CE  
129 N N   . GLN A 18 ? 0.0982 0.2787 0.3528 -0.0063 0.0041  0.0154  18 GLN A N   
130 C CA  . GLN A 18 ? 0.1279 0.2937 0.3673 -0.0091 0.0164  0.0171  18 GLN A CA  
131 C C   . GLN A 18 ? 0.1660 0.3231 0.4016 -0.0160 0.0101  0.0110  18 GLN A C   
132 O O   . GLN A 18 ? 0.1329 0.2756 0.3475 -0.0155 0.0127  0.0103  18 GLN A O   
133 C CB  . GLN A 18 ? 0.0779 0.2481 0.3352 -0.0122 0.0318  0.0222  18 GLN A CB  
134 C CG  . GLN A 18 ? 0.1172 0.2938 0.3762 -0.0047 0.0418  0.0256  18 GLN A CG  
135 C CD  . GLN A 18 ? 0.1861 0.3676 0.4573 -0.0084 0.0594  0.0295  18 GLN A CD  
136 O OE1 . GLN A 18 ? 0.1866 0.3580 0.4469 -0.0148 0.0667  0.0334  18 GLN A OE1 
137 N NE2 . GLN A 18 ? 0.2179 0.4155 0.5122 -0.0045 0.0669  0.0288  18 GLN A NE2 
138 N N   . GLN A 19 ? 0.1208 0.2869 0.3792 -0.0223 0.0014  0.0057  19 GLN A N   
139 C CA  . GLN A 19 ? 0.1272 0.2837 0.3845 -0.0289 -0.0054 -0.0029 19 GLN A CA  
140 C C   . GLN A 19 ? 0.1693 0.3189 0.3974 -0.0253 -0.0143 -0.0108 19 GLN A C   
141 O O   . GLN A 19 ? 0.1772 0.3131 0.3932 -0.0265 -0.0128 -0.0166 19 GLN A O   
142 C CB  . GLN A 19 ? 0.1699 0.3384 0.4595 -0.0374 -0.0147 -0.0085 19 GLN A CB  
143 C CG  . GLN A 19 ? 0.2531 0.4094 0.5435 -0.0447 -0.0221 -0.0198 19 GLN A CG  
144 C CD  . GLN A 19 ? 0.4104 0.5488 0.7028 -0.0480 -0.0099 -0.0152 19 GLN A CD  
145 O OE1 . GLN A 19 ? 0.4866 0.6272 0.8028 -0.0541 -0.0016 -0.0070 19 GLN A OE1 
146 N NE2 . GLN A 19 ? 0.2317 0.3532 0.5002 -0.0441 -0.0086 -0.0194 19 GLN A NE2 
147 N N   . ASP A 20 ? 0.1372 0.2966 0.3550 -0.0206 -0.0231 -0.0103 20 ASP A N   
148 C CA  . ASP A 20 ? 0.1749 0.3297 0.3615 -0.0177 -0.0295 -0.0154 20 ASP A CA  
149 C C   . ASP A 20 ? 0.1640 0.3065 0.3287 -0.0126 -0.0179 -0.0109 20 ASP A C   
150 O O   . ASP A 20 ? 0.1547 0.2896 0.2995 -0.0123 -0.0177 -0.0177 20 ASP A O   
151 C CB  . ASP A 20 ? 0.1915 0.3588 0.3715 -0.0144 -0.0419 -0.0119 20 ASP A CB  
152 C CG  . ASP A 20 ? 0.4148 0.5930 0.6044 -0.0203 -0.0591 -0.0203 20 ASP A CG  
153 O OD1 . ASP A 20 ? 0.6074 0.7797 0.7892 -0.0259 -0.0630 -0.0331 20 ASP A OD1 
154 O OD2 . ASP A 20 ? 0.3769 0.5694 0.5831 -0.0190 -0.0696 -0.0151 20 ASP A OD2 
155 N N   . ALA A 21 ? 0.1108 0.2522 0.2796 -0.0086 -0.0081 -0.0008 21 ALA A N   
156 C CA  . ALA A 21 ? 0.1093 0.2393 0.2595 -0.0046 0.0015  0.0034  21 ALA A CA  
157 C C   . ALA A 21 ? 0.1125 0.2305 0.2636 -0.0076 0.0066  -0.0008 21 ALA A C   
158 O O   . ALA A 21 ? 0.1341 0.2447 0.2700 -0.0056 0.0085  -0.0038 21 ALA A O   
159 C CB  . ALA A 21 ? 0.1161 0.2465 0.2708 -0.0008 0.0102  0.0129  21 ALA A CB  
160 N N   . VAL A 22 ? 0.1003 0.2169 0.2721 -0.0128 0.0089  -0.0001 22 VAL A N   
161 C CA  . VAL A 22 ? 0.1341 0.2371 0.3107 -0.0158 0.0121  -0.0024 22 VAL A CA  
162 C C   . VAL A 22 ? 0.1825 0.2813 0.3555 -0.0171 0.0048  -0.0165 22 VAL A C   
163 O O   . VAL A 22 ? 0.2154 0.3033 0.3820 -0.0147 0.0075  -0.0204 22 VAL A O   
164 C CB  . VAL A 22 ? 0.1433 0.2453 0.3442 -0.0227 0.0162  0.0033  22 VAL A CB  
165 C CG1 . VAL A 22 ? 0.2134 0.2994 0.4230 -0.0266 0.0167  0.0017  22 VAL A CG1 
166 C CG2 . VAL A 22 ? 0.1604 0.2657 0.3591 -0.0211 0.0267  0.0159  22 VAL A CG2 
167 N N   . ASP A 23 ? 0.1526 0.2606 0.3298 -0.0203 -0.0048 -0.0251 23 ASP A N   
168 C CA  . ASP A 23 ? 0.1497 0.2548 0.3182 -0.0217 -0.0118 -0.0411 23 ASP A CA  
169 C C   . ASP A 23 ? 0.1825 0.2874 0.3228 -0.0159 -0.0090 -0.0447 23 ASP A C   
170 O O   . ASP A 23 ? 0.1906 0.2873 0.3254 -0.0147 -0.0066 -0.0558 23 ASP A O   
171 C CB  . ASP A 23 ? 0.1707 0.2880 0.3455 -0.0270 -0.0248 -0.0487 23 ASP A CB  
172 C CG  . ASP A 23 ? 0.2837 0.3998 0.4905 -0.0350 -0.0283 -0.0509 23 ASP A CG  
173 O OD1 . ASP A 23 ? 0.4375 0.5408 0.6587 -0.0369 -0.0206 -0.0474 23 ASP A OD1 
174 O OD2 . ASP A 23 ? 0.3860 0.5140 0.6046 -0.0399 -0.0397 -0.0551 23 ASP A OD2 
175 N N   . CYS A 24 ? 0.1714 0.2850 0.2965 -0.0121 -0.0088 -0.0354 24 CYS A N   
176 C CA  A CYS A 24 ? 0.2114 0.3261 0.3113 -0.0079 -0.0051 -0.0354 24 CYS A CA  
177 C CA  B CYS A 24 ? 0.1384 0.2532 0.2382 -0.0078 -0.0050 -0.0358 24 CYS A CA  
178 C C   . CYS A 24 ? 0.1955 0.3004 0.2963 -0.0041 0.0054  -0.0334 24 CYS A C   
179 O O   . CYS A 24 ? 0.2109 0.3141 0.3009 -0.0020 0.0095  -0.0417 24 CYS A O   
180 C CB  A CYS A 24 ? 0.2878 0.4107 0.3787 -0.0052 -0.0069 -0.0225 24 CYS A CB  
181 C CB  B CYS A 24 ? 0.1331 0.2561 0.2207 -0.0052 -0.0070 -0.0235 24 CYS A CB  
182 S SG  A CYS A 24 ? 0.2663 0.3925 0.3271 -0.0027 -0.0047 -0.0211 24 CYS A SG  
183 S SG  B CYS A 24 ? 0.2298 0.3658 0.3086 -0.0081 -0.0220 -0.0254 24 CYS A SG  
184 N N   . ALA A 25 ? 0.1536 0.2531 0.2672 -0.0030 0.0099  -0.0226 25 ALA A N   
185 C CA  . ALA A 25 ? 0.1761 0.2665 0.2915 0.0004  0.0169  -0.0187 25 ALA A CA  
186 C C   . ALA A 25 ? 0.1481 0.2284 0.2767 -0.0002 0.0174  -0.0290 25 ALA A C   
187 O O   . ALA A 25 ? 0.1689 0.2448 0.2975 0.0039  0.0215  -0.0321 25 ALA A O   
188 C CB  . ALA A 25 ? 0.1644 0.2514 0.2865 0.0004  0.0202  -0.0050 25 ALA A CB  
189 N N   . THR A 26 ? 0.1755 0.2522 0.3191 -0.0051 0.0128  -0.0344 26 THR A N   
190 C CA  . THR A 26 ? 0.1934 0.2580 0.3524 -0.0058 0.0119  -0.0458 26 THR A CA  
191 C C   . THR A 26 ? 0.2942 0.3615 0.4414 -0.0030 0.0126  -0.0636 26 THR A C   
192 O O   . THR A 26 ? 0.2464 0.3058 0.4012 0.0015  0.0169  -0.0708 26 THR A O   
193 C CB  . THR A 26 ? 0.2129 0.2733 0.3914 -0.0134 0.0059  -0.0491 26 THR A CB  
194 O OG1 . THR A 26 ? 0.2328 0.2923 0.4217 -0.0164 0.0084  -0.0322 26 THR A OG1 
195 C CG2 . THR A 26 ? 0.2653 0.3096 0.4627 -0.0143 0.0044  -0.0612 26 THR A CG2 
196 N N   . GLN A 27 ? 0.2086 0.2878 0.3371 -0.0052 0.0085  -0.0702 27 GLN A N   
197 C CA  . GLN A 27 ? 0.2758 0.3603 0.3853 -0.0035 0.0107  -0.0862 27 GLN A CA  
198 C C   . GLN A 27 ? 0.2777 0.3659 0.3775 0.0027  0.0210  -0.0820 27 GLN A C   
199 O O   . GLN A 27 ? 0.2694 0.3566 0.3686 0.0061  0.0276  -0.0956 27 GLN A O   
200 C CB  . GLN A 27 ? 0.2478 0.3456 0.3340 -0.0075 0.0033  -0.0879 27 GLN A CB  
201 C CG  . GLN A 27 ? 0.3902 0.4881 0.4839 -0.0143 -0.0088 -0.0978 27 GLN A CG  
202 C CD  . GLN A 27 ? 0.6409 0.7528 0.7087 -0.0176 -0.0182 -0.0999 27 GLN A CD  
203 O OE1 . GLN A 27 ? 0.8921 1.0054 0.9516 -0.0222 -0.0266 -0.1165 27 GLN A OE1 
204 N NE2 . GLN A 27 ? 0.4308 0.5518 0.4853 -0.0154 -0.0182 -0.0831 27 GLN A NE2 
205 N N   . ALA A 28 ? 0.2087 0.3017 0.3028 0.0039  0.0225  -0.0643 28 ALA A N   
206 C CA  . ALA A 28 ? 0.1796 0.2769 0.2672 0.0084  0.0310  -0.0582 28 ALA A CA  
207 C C   . ALA A 28 ? 0.2047 0.2932 0.3141 0.0132  0.0358  -0.0604 28 ALA A C   
208 O O   . ALA A 28 ? 0.2118 0.3048 0.3221 0.0172  0.0433  -0.0676 28 ALA A O   
209 C CB  . ALA A 28 ? 0.1786 0.2793 0.2600 0.0081  0.0297  -0.0395 28 ALA A CB  
210 N N   . LEU A 29 ? 0.1654 0.2422 0.2936 0.0129  0.0316  -0.0535 29 LEU A N   
211 C CA  . LEU A 29 ? 0.1785 0.2449 0.3291 0.0176  0.0335  -0.0532 29 LEU A CA  
212 C C   . LEU A 29 ? 0.2866 0.3468 0.4516 0.0204  0.0355  -0.0728 29 LEU A C   
213 O O   . LEU A 29 ? 0.2967 0.3530 0.4795 0.0267  0.0391  -0.0761 29 LEU A O   
214 C CB  . LEU A 29 ? 0.1604 0.2148 0.3242 0.0154  0.0282  -0.0388 29 LEU A CB  
215 C CG  . LEU A 29 ? 0.2414 0.2996 0.3940 0.0146  0.0280  -0.0208 29 LEU A CG  
216 C CD1 . LEU A 29 ? 0.2480 0.2963 0.4079 0.0105  0.0246  -0.0085 29 LEU A CD1 
217 C CD2 . LEU A 29 ? 0.2409 0.3006 0.3963 0.0198  0.0300  -0.0152 29 LEU A CD2 
218 N N   . GLU A 30 ? 0.2012 0.2603 0.3608 0.0161  0.0324  -0.0865 30 GLU A N   
219 C CA  . GLU A 30 ? 0.2317 0.2852 0.4011 0.0186  0.0350  -0.1096 30 GLU A CA  
220 C C   . GLU A 30 ? 0.3243 0.3914 0.4796 0.0232  0.0458  -0.1220 30 GLU A C   
221 O O   . GLU A 30 ? 0.3082 0.3720 0.4800 0.0293  0.0523  -0.1371 30 GLU A O   
222 C CB  . GLU A 30 ? 0.2949 0.3446 0.4592 0.0115  0.0276  -0.1226 30 GLU A CB  
223 C CG  . GLU A 30 ? 0.3713 0.4068 0.5578 0.0065  0.0191  -0.1132 30 GLU A CG  
224 C CD  . GLU A 30 ? 0.6728 0.7045 0.8615 -0.0012 0.0107  -0.1276 30 GLU A CD  
225 O OE1 . GLU A 30 ? 0.8159 0.8570 0.9834 -0.0030 0.0096  -0.1444 30 GLU A OE1 
226 O OE2 . GLU A 30 ? 0.6962 0.7159 0.9075 -0.0064 0.0048  -0.1215 30 GLU A OE2 
227 N N   . LYS A 31 ? 0.2569 0.3395 0.3841 0.0203  0.0482  -0.1152 31 LYS A N   
228 C CA  . LYS A 31 ? 0.2486 0.3461 0.3576 0.0222  0.0594  -0.1248 31 LYS A CA  
229 C C   . LYS A 31 ? 0.2241 0.3290 0.3455 0.0278  0.0683  -0.1150 31 LYS A C   
230 O O   . LYS A 31 ? 0.2264 0.3396 0.3527 0.0321  0.0800  -0.1276 31 LYS A O   
231 C CB  . LYS A 31 ? 0.2802 0.3899 0.3532 0.0155  0.0567  -0.1197 31 LYS A CB  
232 C CG  . LYS A 31 ? 0.3590 0.4847 0.4059 0.0149  0.0684  -0.1274 31 LYS A CG  
233 C CD  . LYS A 31 ? 0.4919 0.6253 0.5026 0.0076  0.0613  -0.1235 31 LYS A CD  
234 C CE  . LYS A 31 ? 0.6539 0.8032 0.6353 0.0052  0.0721  -0.1202 31 LYS A CE  
235 N NZ  . LYS A 31 ? 0.7101 0.8671 0.6789 0.0060  0.0855  -0.1433 31 LYS A NZ  
236 N N   . TYR A 32 ? 0.1845 0.2871 0.3119 0.0273  0.0629  -0.0937 32 TYR A N   
237 C CA  . TYR A 32 ? 0.1549 0.2665 0.2890 0.0302  0.0686  -0.0823 32 TYR A CA  
238 C C   . TYR A 32 ? 0.1744 0.2756 0.3349 0.0342  0.0621  -0.0699 32 TYR A C   
239 O O   . TYR A 32 ? 0.2014 0.2896 0.3653 0.0322  0.0529  -0.0618 32 TYR A O   
240 C CB  . TYR A 32 ? 0.1656 0.2851 0.2749 0.0246  0.0668  -0.0670 32 TYR A CB  
241 C CG  . TYR A 32 ? 0.2667 0.3982 0.3460 0.0200  0.0722  -0.0723 32 TYR A CG  
242 C CD1 . TYR A 32 ? 0.3208 0.4666 0.3951 0.0206  0.0855  -0.0789 32 TYR A CD1 
243 C CD2 . TYR A 32 ? 0.2842 0.4141 0.3409 0.0147  0.0639  -0.0688 32 TYR A CD2 
244 C CE1 . TYR A 32 ? 0.3155 0.4723 0.3580 0.0152  0.0908  -0.0811 32 TYR A CE1 
245 C CE2 . TYR A 32 ? 0.3879 0.5286 0.4148 0.0101  0.0667  -0.0709 32 TYR A CE2 
246 C CZ  . TYR A 32 ? 0.4397 0.5931 0.4573 0.0101  0.0804  -0.0766 32 TYR A CZ  
247 O OH  . TYR A 32 ? 0.5921 0.7557 0.5762 0.0046  0.0838  -0.0767 32 TYR A OH  
248 N N   . ASN A 33 ? 0.1509 0.2595 0.3290 0.0389  0.0668  -0.0668 33 ASN A N   
249 C CA  . ASN A 33 ? 0.1778 0.2784 0.3788 0.0425  0.0589  -0.0537 33 ASN A CA  
250 C C   . ASN A 33 ? 0.2090 0.3167 0.4033 0.0398  0.0559  -0.0369 33 ASN A C   
251 O O   . ASN A 33 ? 0.2108 0.3106 0.4143 0.0407  0.0467  -0.0241 33 ASN A O   
252 C CB  . ASN A 33 ? 0.1462 0.2483 0.3819 0.0511  0.0625  -0.0632 33 ASN A CB  
253 C CG  . ASN A 33 ? 0.2313 0.3227 0.4792 0.0548  0.0644  -0.0812 33 ASN A CG  
254 O OD1 . ASN A 33 ? 0.2509 0.3499 0.5127 0.0602  0.0748  -0.0994 33 ASN A OD1 
255 N ND2 . ASN A 33 ? 0.1849 0.2587 0.4299 0.0516  0.0551  -0.0771 33 ASN A ND2 
256 N N   . ILE A 34 ? 0.1412 0.2632 0.3195 0.0362  0.0636  -0.0370 34 ILE A N   
257 C CA  A ILE A 34 ? 0.1319 0.2601 0.3068 0.0330  0.0612  -0.0230 34 ILE A CA  
258 C CA  B ILE A 34 ? 0.1411 0.2692 0.3159 0.0330  0.0612  -0.0230 34 ILE A CA  
259 C C   . ILE A 34 ? 0.1144 0.2362 0.2624 0.0271  0.0557  -0.0129 34 ILE A C   
260 O O   . ILE A 34 ? 0.1594 0.2822 0.2872 0.0239  0.0584  -0.0168 34 ILE A O   
261 C CB  A ILE A 34 ? 0.1178 0.2648 0.2950 0.0318  0.0730  -0.0266 34 ILE A CB  
262 C CB  B ILE A 34 ? 0.1578 0.3047 0.3354 0.0318  0.0729  -0.0266 34 ILE A CB  
263 C CG1 A ILE A 34 ? 0.0858 0.2424 0.2914 0.0385  0.0820  -0.0405 34 ILE A CG1 
264 C CG1 B ILE A 34 ? 0.1941 0.3500 0.4061 0.0388  0.0786  -0.0359 34 ILE A CG1 
265 C CG2 A ILE A 34 ? 0.1670 0.3190 0.3481 0.0281  0.0690  -0.0127 34 ILE A CG2 
266 C CG2 B ILE A 34 ? 0.1767 0.3278 0.3481 0.0264  0.0696  -0.0121 34 ILE A CG2 
267 C CD1 A ILE A 34 ? 0.1655 0.3158 0.4049 0.0455  0.0729  -0.0374 34 ILE A CD1 
268 C CD1 B ILE A 34 ? 0.1444 0.3215 0.3615 0.0377  0.0944  -0.0429 34 ILE A CD1 
269 N N   . GLU A 35 ? 0.1232 0.2386 0.2712 0.0258  0.0474  -0.0005 35 GLU A N   
270 C CA  A GLU A 35 ? 0.1505 0.2582 0.2779 0.0217  0.0424  0.0077  35 GLU A CA  
271 C CA  B GLU A 35 ? 0.1632 0.2707 0.2903 0.0217  0.0425  0.0073  35 GLU A CA  
272 C C   . GLU A 35 ? 0.0995 0.2137 0.2077 0.0175  0.0469  0.0085  35 GLU A C   
273 O O   . GLU A 35 ? 0.1213 0.2317 0.2152 0.0157  0.0451  0.0088  35 GLU A O   
274 C CB  A GLU A 35 ? 0.0823 0.1842 0.2110 0.0207  0.0345  0.0185  35 GLU A CB  
275 C CB  B GLU A 35 ? 0.1487 0.2487 0.2765 0.0210  0.0342  0.0182  35 GLU A CB  
276 C CG  A GLU A 35 ? 0.1011 0.1939 0.2429 0.0239  0.0274  0.0217  35 GLU A CG  
277 C CG  B GLU A 35 ? 0.2145 0.3038 0.3524 0.0237  0.0279  0.0206  35 GLU A CG  
278 C CD  A GLU A 35 ? 0.1941 0.2929 0.3608 0.0279  0.0249  0.0214  35 GLU A CD  
279 C CD  B GLU A 35 ? 0.3115 0.3962 0.4519 0.0235  0.0191  0.0306  35 GLU A CD  
280 O OE1 A GLU A 35 ? 0.2087 0.3197 0.3898 0.0302  0.0323  0.0134  35 GLU A OE1 
281 O OE1 B GLU A 35 ? 0.2668 0.3570 0.4038 0.0214  0.0178  0.0334  35 GLU A OE1 
282 O OE2 A GLU A 35 ? 0.2780 0.3700 0.4503 0.0290  0.0152  0.0296  35 GLU A OE2 
283 O OE2 B GLU A 35 ? 0.2257 0.3010 0.3709 0.0249  0.0129  0.0360  35 GLU A OE2 
284 N N   . LYS A 36 ? 0.1178 0.2422 0.2281 0.0155  0.0521  0.0102  36 LYS A N   
285 C CA  . LYS A 36 ? 0.1585 0.2869 0.2500 0.0109  0.0552  0.0145  36 LYS A CA  
286 C C   . LYS A 36 ? 0.1555 0.2886 0.2320 0.0102  0.0600  0.0065  36 LYS A C   
287 O O   . LYS A 36 ? 0.1609 0.2930 0.2190 0.0072  0.0577  0.0112  36 LYS A O   
288 C CB  . LYS A 36 ? 0.1876 0.3258 0.2857 0.0072  0.0606  0.0197  36 LYS A CB  
289 C CG  . LYS A 36 ? 0.1965 0.3494 0.3077 0.0083  0.0713  0.0117  36 LYS A CG  
290 C CD  . LYS A 36 ? 0.3715 0.5353 0.4900 0.0028  0.0774  0.0189  36 LYS A CD  
291 C CE  . LYS A 36 ? 0.4832 0.6654 0.6113 0.0028  0.0923  0.0108  36 LYS A CE  
292 N NZ  . LYS A 36 ? 0.5461 0.7398 0.6789 -0.0048 0.1000  0.0198  36 LYS A NZ  
293 N N   . ASP A 37 ? 0.1612 0.2990 0.2461 0.0134  0.0655  -0.0060 37 ASP A N   
294 C CA  . ASP A 37 ? 0.1339 0.2755 0.2034 0.0125  0.0692  -0.0169 37 ASP A CA  
295 C C   . ASP A 37 ? 0.1529 0.2839 0.2166 0.0128  0.0597  -0.0189 37 ASP A C   
296 O O   . ASP A 37 ? 0.1814 0.3142 0.2260 0.0098  0.0570  -0.0208 37 ASP A O   
297 C CB  . ASP A 37 ? 0.1266 0.2751 0.2097 0.0165  0.0787  -0.0329 37 ASP A CB  
298 C CG  . ASP A 37 ? 0.2387 0.4026 0.3289 0.0157  0.0910  -0.0326 37 ASP A CG  
299 O OD1 . ASP A 37 ? 0.3037 0.4737 0.3800 0.0101  0.0937  -0.0215 37 ASP A OD1 
300 O OD2 . ASP A 37 ? 0.2503 0.4204 0.3631 0.0206  0.0984  -0.0434 37 ASP A OD2 
301 N N   . ILE A 38 ? 0.1286 0.2493 0.2093 0.0157  0.0541  -0.0172 38 ILE A N   
302 C CA  . ILE A 38 ? 0.1213 0.2329 0.2009 0.0149  0.0461  -0.0170 38 ILE A CA  
303 C C   . ILE A 38 ? 0.1240 0.2358 0.1892 0.0118  0.0413  -0.0062 38 ILE A C   
304 O O   . ILE A 38 ? 0.1492 0.2621 0.2055 0.0097  0.0367  -0.0081 38 ILE A O   
305 C CB  . ILE A 38 ? 0.1221 0.2228 0.2213 0.0174  0.0424  -0.0135 38 ILE A CB  
306 C CG1 . ILE A 38 ? 0.1596 0.2585 0.2772 0.0216  0.0458  -0.0244 38 ILE A CG1 
307 C CG2 . ILE A 38 ? 0.1403 0.2329 0.2398 0.0152  0.0363  -0.0107 38 ILE A CG2 
308 C CD1 . ILE A 38 ? 0.1701 0.2595 0.3081 0.0249  0.0417  -0.0174 38 ILE A CD1 
309 N N   . ALA A 39 ? 0.1114 0.2224 0.1767 0.0118  0.0415  0.0044  39 ALA A N   
310 C CA  . ALA A 39 ? 0.1163 0.2255 0.1722 0.0101  0.0374  0.0141  39 ALA A CA  
311 C C   . ALA A 39 ? 0.1335 0.2497 0.1727 0.0075  0.0369  0.0153  39 ALA A C   
312 O O   . ALA A 39 ? 0.1554 0.2712 0.1889 0.0069  0.0307  0.0189  39 ALA A O   
313 C CB  . ALA A 39 ? 0.1132 0.2192 0.1728 0.0101  0.0380  0.0227  39 ALA A CB  
314 N N   . ALA A 40 ? 0.1411 0.2652 0.1728 0.0058  0.0435  0.0126  40 ALA A N   
315 C CA  . ALA A 40 ? 0.1506 0.2815 0.1614 0.0022  0.0434  0.0154  40 ALA A CA  
316 C C   . ALA A 40 ? 0.1983 0.3316 0.1985 0.0015  0.0377  0.0068  40 ALA A C   
317 O O   . ALA A 40 ? 0.1953 0.3304 0.1813 -0.0006 0.0303  0.0128  40 ALA A O   
318 C CB  . ALA A 40 ? 0.1968 0.3374 0.2010 -0.0004 0.0545  0.0139  40 ALA A CB  
319 N N   . TYR A 41 ? 0.1562 0.2886 0.1654 0.0033  0.0394  -0.0072 41 TYR A N   
320 C CA  . TYR A 41 ? 0.1700 0.3036 0.1718 0.0017  0.0328  -0.0178 41 TYR A CA  
321 C C   . TYR A 41 ? 0.2029 0.3328 0.2117 0.0016  0.0213  -0.0106 41 TYR A C   
322 O O   . TYR A 41 ? 0.2093 0.3439 0.2065 -0.0009 0.0125  -0.0105 41 TYR A O   
323 C CB  . TYR A 41 ? 0.2106 0.3403 0.2275 0.0038  0.0365  -0.0339 41 TYR A CB  
324 C CG  . TYR A 41 ? 0.2353 0.3645 0.2481 0.0014  0.0291  -0.0472 41 TYR A CG  
325 C CD1 . TYR A 41 ? 0.2493 0.3843 0.2437 -0.0006 0.0324  -0.0627 41 TYR A CD1 
326 C CD2 . TYR A 41 ? 0.2406 0.3641 0.2683 0.0003  0.0195  -0.0455 41 TYR A CD2 
327 C CE1 . TYR A 41 ? 0.3460 0.4797 0.3362 -0.0037 0.0238  -0.0768 41 TYR A CE1 
328 C CE2 . TYR A 41 ? 0.2773 0.4009 0.3046 -0.0031 0.0113  -0.0580 41 TYR A CE2 
329 C CZ  . TYR A 41 ? 0.3678 0.4957 0.3759 -0.0051 0.0125  -0.0740 41 TYR A CZ  
330 O OH  . TYR A 41 ? 0.3853 0.5126 0.3925 -0.0093 0.0029  -0.0883 41 TYR A OH  
331 N N   . ILE A 42 ? 0.1725 0.2952 0.2007 0.0041  0.0215  -0.0052 42 ILE A N   
332 C CA  . ILE A 42 ? 0.1457 0.2667 0.1846 0.0044  0.0139  0.0003  42 ILE A CA  
333 C C   . ILE A 42 ? 0.1712 0.2955 0.2013 0.0047  0.0085  0.0122  42 ILE A C   
334 O O   . ILE A 42 ? 0.1624 0.2912 0.1939 0.0040  -0.0009 0.0140  42 ILE A O   
335 C CB  . ILE A 42 ? 0.1191 0.2322 0.1764 0.0065  0.0177  0.0041  42 ILE A CB  
336 C CG1 . ILE A 42 ? 0.1436 0.2515 0.2119 0.0062  0.0209  -0.0051 42 ILE A CG1 
337 C CG2 . ILE A 42 ? 0.1454 0.2593 0.2149 0.0066  0.0129  0.0092  42 ILE A CG2 
338 C CD1 . ILE A 42 ? 0.1369 0.2365 0.2174 0.0080  0.0248  0.0009  42 ILE A CD1 
339 N N   . LYS A 43 ? 0.1478 0.2698 0.1715 0.0054  0.0134  0.0207  43 LYS A N   
340 C CA  . LYS A 43 ? 0.1767 0.2983 0.1945 0.0059  0.0083  0.0332  43 LYS A CA  
341 C C   . LYS A 43 ? 0.1649 0.2940 0.1640 0.0029  0.0005  0.0350  43 LYS A C   
342 O O   . LYS A 43 ? 0.1606 0.2913 0.1616 0.0040  -0.0102 0.0421  43 LYS A O   
343 C CB  . LYS A 43 ? 0.1578 0.2749 0.1722 0.0054  0.0153  0.0407  43 LYS A CB  
344 C CG  . LYS A 43 ? 0.1499 0.2630 0.1605 0.0056  0.0103  0.0546  43 LYS A CG  
345 C CD  . LYS A 43 ? 0.1757 0.2947 0.1644 0.0012  0.0077  0.0615  43 LYS A CD  
346 C CE  . LYS A 43 ? 0.2021 0.3141 0.1882 -0.0003 0.0067  0.0773  43 LYS A CE  
347 N NZ  . LYS A 43 ? 0.2174 0.3226 0.2144 0.0040  -0.0046 0.0863  43 LYS A NZ  
348 N N   . LYS A 44 ? 0.1762 0.3103 0.1567 -0.0006 0.0055  0.0284  44 LYS A N   
349 C CA  . LYS A 44 ? 0.2289 0.3704 0.1844 -0.0044 -0.0013 0.0293  44 LYS A CA  
350 C C   . LYS A 44 ? 0.2509 0.3968 0.2095 -0.0049 -0.0142 0.0218  44 LYS A C   
351 O O   . LYS A 44 ? 0.2700 0.4204 0.2167 -0.0065 -0.0267 0.0292  44 LYS A O   
352 C CB  . LYS A 44 ? 0.2588 0.4062 0.1933 -0.0081 0.0097  0.0205  44 LYS A CB  
353 C CG  . LYS A 44 ? 0.2603 0.4074 0.1900 -0.0097 0.0210  0.0310  44 LYS A CG  
354 C CD  . LYS A 44 ? 0.3114 0.4661 0.2323 -0.0117 0.0357  0.0188  44 LYS A CD  
355 C CE  . LYS A 44 ? 0.5039 0.6612 0.4244 -0.0144 0.0475  0.0295  44 LYS A CE  
356 N NZ  . LYS A 44 ? 0.5844 0.7519 0.5023 -0.0156 0.0635  0.0164  44 LYS A NZ  
357 N N   . GLU A 45 ? 0.2268 0.3711 0.2025 -0.0041 -0.0124 0.0081  45 GLU A N   
358 C CA  . GLU A 45 ? 0.2356 0.3841 0.2195 -0.0057 -0.0247 0.0002  45 GLU A CA  
359 C C   . GLU A 45 ? 0.2653 0.4156 0.2688 -0.0030 -0.0350 0.0120  45 GLU A C   
360 O O   . GLU A 45 ? 0.2547 0.4124 0.2574 -0.0046 -0.0495 0.0132  45 GLU A O   
361 C CB  . GLU A 45 ? 0.2616 0.4059 0.2641 -0.0061 -0.0197 -0.0150 45 GLU A CB  
362 C CG  . GLU A 45 ? 0.3844 0.5281 0.3715 -0.0083 -0.0124 -0.0314 45 GLU A CG  
363 C CD  . GLU A 45 ? 0.5565 0.7077 0.5179 -0.0132 -0.0220 -0.0410 45 GLU A CD  
364 O OE1 . GLU A 45 ? 0.5940 0.7487 0.5624 -0.0159 -0.0363 -0.0438 45 GLU A OE1 
365 O OE2 . GLU A 45 ? 0.5514 0.7060 0.4856 -0.0148 -0.0151 -0.0461 45 GLU A OE2 
366 N N   . PHE A 46 ? 0.1924 0.3366 0.2143 0.0014  -0.0279 0.0199  46 PHE A N   
367 C CA  . PHE A 46 ? 0.1544 0.3006 0.1978 0.0052  -0.0350 0.0294  46 PHE A CA  
368 C C   . PHE A 46 ? 0.2024 0.3500 0.2352 0.0069  -0.0448 0.0435  46 PHE A C   
369 O O   . PHE A 46 ? 0.1869 0.3405 0.2342 0.0092  -0.0571 0.0488  46 PHE A O   
370 C CB  . PHE A 46 ? 0.1648 0.3038 0.2288 0.0091  -0.0238 0.0309  46 PHE A CB  
371 C CG  . PHE A 46 ? 0.1299 0.2723 0.2182 0.0083  -0.0227 0.0237  46 PHE A CG  
372 C CD1 . PHE A 46 ? 0.1761 0.3191 0.2646 0.0036  -0.0223 0.0123  46 PHE A CD1 
373 C CD2 . PHE A 46 ? 0.1113 0.2563 0.2239 0.0119  -0.0214 0.0281  46 PHE A CD2 
374 C CE1 . PHE A 46 ? 0.1848 0.3303 0.2981 0.0014  -0.0213 0.0076  46 PHE A CE1 
375 C CE2 . PHE A 46 ? 0.1624 0.3126 0.2989 0.0098  -0.0187 0.0229  46 PHE A CE2 
376 C CZ  . PHE A 46 ? 0.1326 0.2827 0.2695 0.0040  -0.0190 0.0138  46 PHE A CZ  
377 N N   . ASP A 47 ? 0.2115 0.3543 0.2210 0.0055  -0.0400 0.0504  47 ASP A N   
378 C CA  . ASP A 47 ? 0.2370 0.3800 0.2320 0.0053  -0.0504 0.0656  47 ASP A CA  
379 C C   . ASP A 47 ? 0.2650 0.4185 0.2454 0.0018  -0.0665 0.0642  47 ASP A C   
380 O O   . ASP A 47 ? 0.2644 0.4208 0.2487 0.0038  -0.0818 0.0762  47 ASP A O   
381 C CB  . ASP A 47 ? 0.2248 0.3626 0.1948 0.0018  -0.0410 0.0727  47 ASP A CB  
382 C CG  . ASP A 47 ? 0.2452 0.3717 0.2297 0.0051  -0.0322 0.0806  47 ASP A CG  
383 O OD1 . ASP A 47 ? 0.2180 0.3399 0.2289 0.0107  -0.0329 0.0805  47 ASP A OD1 
384 O OD2 . ASP A 47 ? 0.2659 0.3888 0.2356 0.0014  -0.0237 0.0862  47 ASP A OD2 
385 N N   . LYS A 48 ? 0.2121 0.3709 0.1768 -0.0032 -0.0642 0.0489  48 LYS A N   
386 C CA  . LYS A 48 ? 0.2102 0.3788 0.1579 -0.0078 -0.0802 0.0441  48 LYS A CA  
387 C C   . LYS A 48 ? 0.2642 0.4403 0.2429 -0.0059 -0.0950 0.0407  48 LYS A C   
388 O O   . LYS A 48 ? 0.3280 0.5119 0.3041 -0.0066 -0.1144 0.0482  48 LYS A O   
389 C CB  . LYS A 48 ? 0.3162 0.4870 0.2416 -0.0134 -0.0724 0.0249  48 LYS A CB  
390 C CG  . LYS A 48 ? 0.6987 0.8691 0.5849 -0.0174 -0.0626 0.0273  48 LYS A CG  
391 C CD  . LYS A 48 ? 0.6807 0.8531 0.5510 -0.0211 -0.0523 0.0047  48 LYS A CD  
392 C CE  . LYS A 48 ? 1.0351 1.2151 0.8878 -0.0263 -0.0679 -0.0087 48 LYS A CE  
393 N NZ  . LYS A 48 ? 1.1061 1.2857 0.9479 -0.0290 -0.0576 -0.0339 48 LYS A NZ  
394 N N   . LYS A 49 ? 0.2089 0.3834 0.2177 -0.0041 -0.0863 0.0303  49 LYS A N   
395 C CA  . LYS A 49 ? 0.2100 0.3933 0.2510 -0.0043 -0.0968 0.0245  49 LYS A CA  
396 C C   . LYS A 49 ? 0.1821 0.3687 0.2556 0.0026  -0.1014 0.0376  49 LYS A C   
397 O O   . LYS A 49 ? 0.2244 0.4227 0.3202 0.0031  -0.1169 0.0392  49 LYS A O   
398 C CB  . LYS A 49 ? 0.2358 0.4155 0.2956 -0.0065 -0.0844 0.0096  49 LYS A CB  
399 C CG  . LYS A 49 ? 0.3094 0.4861 0.3461 -0.0126 -0.0817 -0.0070 49 LYS A CG  
400 C CD  . LYS A 49 ? 0.4998 0.6693 0.5585 -0.0137 -0.0693 -0.0183 49 LYS A CD  
401 C CE  . LYS A 49 ? 0.6293 0.7918 0.6672 -0.0170 -0.0620 -0.0342 49 LYS A CE  
402 N NZ  . LYS A 49 ? 0.7137 0.8808 0.7430 -0.0235 -0.0751 -0.0500 49 LYS A NZ  
403 N N   . TYR A 50 ? 0.2020 0.3790 0.2802 0.0080  -0.0883 0.0458  50 TYR A N   
404 C CA  . TYR A 50 ? 0.2413 0.4197 0.3536 0.0155  -0.0880 0.0538  50 TYR A CA  
405 C C   . TYR A 50 ? 0.3311 0.5004 0.4358 0.0210  -0.0890 0.0693  50 TYR A C   
406 O O   . TYR A 50 ? 0.2464 0.4114 0.3753 0.0278  -0.0828 0.0735  50 TYR A O   
407 C CB  . TYR A 50 ? 0.1853 0.3602 0.3190 0.0166  -0.0702 0.0455  50 TYR A CB  
408 C CG  . TYR A 50 ? 0.2041 0.3887 0.3574 0.0116  -0.0714 0.0338  50 TYR A CG  
409 C CD1 . TYR A 50 ? 0.1945 0.3733 0.3369 0.0058  -0.0621 0.0227  50 TYR A CD1 
410 C CD2 . TYR A 50 ? 0.1826 0.3821 0.3687 0.0125  -0.0827 0.0344  50 TYR A CD2 
411 C CE1 . TYR A 50 ? 0.2440 0.4296 0.4074 0.0003  -0.0640 0.0128  50 TYR A CE1 
412 C CE2 . TYR A 50 ? 0.2034 0.4122 0.4108 0.0065  -0.0842 0.0243  50 TYR A CE2 
413 C CZ  . TYR A 50 ? 0.2519 0.4526 0.4471 0.0000  -0.0748 0.0138  50 TYR A CZ  
414 O OH  . TYR A 50 ? 0.2342 0.4423 0.4540 -0.0068 -0.0770 0.0050  50 TYR A OH  
415 N N   . ASN A 51 ? 0.2305 0.3966 0.3014 0.0174  -0.0963 0.0772  51 ASN A N   
416 C CA  . ASN A 51 ? 0.2446 0.4013 0.3049 0.0205  -0.1000 0.0947  51 ASN A CA  
417 C C   . ASN A 51 ? 0.2398 0.3818 0.2953 0.0217  -0.0821 0.0965  51 ASN A C   
418 O O   . ASN A 51 ? 0.2130 0.3521 0.2844 0.0235  -0.0685 0.0865  51 ASN A O   
419 C CB  . ASN A 51 ? 0.2685 0.4282 0.3603 0.0284  -0.1147 0.1062  51 ASN A CB  
420 C CG  . ASN A 51 ? 0.4930 0.6648 0.5786 0.0263  -0.1384 0.1129  51 ASN A CG  
421 O OD1 . ASN A 51 ? 0.5938 0.7763 0.7131 0.0314  -0.1515 0.1142  51 ASN A OD1 
422 N ND2 . ASN A 51 ? 0.3613 0.5327 0.4036 0.0185  -0.1439 0.1166  51 ASN A ND2 
423 N N   . PRO A 52 ? 0.2659 0.3988 0.2990 0.0196  -0.0825 0.1100  52 PRO A N   
424 C CA  . PRO A 52 ? 0.2216 0.3409 0.2556 0.0202  -0.0676 0.1122  52 PRO A CA  
425 C C   . PRO A 52 ? 0.2678 0.3790 0.3366 0.0290  -0.0669 0.1140  52 PRO A C   
426 O O   . PRO A 52 ? 0.2959 0.4114 0.3865 0.0350  -0.0795 0.1190  52 PRO A O   
427 C CB  . PRO A 52 ? 0.2666 0.3792 0.2737 0.0154  -0.0716 0.1294  52 PRO A CB  
428 C CG  . PRO A 52 ? 0.3463 0.4707 0.3273 0.0103  -0.0836 0.1316  52 PRO A CG  
429 C CD  . PRO A 52 ? 0.3451 0.4800 0.3499 0.0151  -0.0962 0.1242  52 PRO A CD  
430 N N   . THR A 53 ? 0.2277 0.3283 0.3032 0.0302  -0.0530 0.1091  53 THR A N   
431 C CA  . THR A 53 ? 0.2064 0.3019 0.2615 0.0240  -0.0400 0.1052  53 THR A CA  
432 C C   . THR A 53 ? 0.1854 0.2814 0.2519 0.0253  -0.0276 0.0899  53 THR A C   
433 O O   . THR A 53 ? 0.2042 0.2936 0.2903 0.0307  -0.0239 0.0866  53 THR A O   
434 C CB  . THR A 53 ? 0.2415 0.3214 0.2951 0.0231  -0.0380 0.1172  53 THR A CB  
435 O OG1 . THR A 53 ? 0.2507 0.3290 0.2917 0.0207  -0.0497 0.1347  53 THR A OG1 
436 C CG2 . THR A 53 ? 0.2592 0.3357 0.2990 0.0167  -0.0251 0.1131  53 THR A CG2 
437 N N   . TRP A 54 ? 0.1635 0.2667 0.2171 0.0207  -0.0216 0.0804  54 TRP A N   
438 C CA  . TRP A 54 ? 0.1556 0.2582 0.2172 0.0211  -0.0110 0.0684  54 TRP A CA  
439 C C   . TRP A 54 ? 0.1469 0.2424 0.1983 0.0178  -0.0013 0.0673  54 TRP A C   
440 O O   . TRP A 54 ? 0.1779 0.2724 0.2149 0.0137  -0.0006 0.0735  54 TRP A O   
441 C CB  . TRP A 54 ? 0.1576 0.2709 0.2175 0.0185  -0.0111 0.0585  54 TRP A CB  
442 C CG  . TRP A 54 ? 0.1174 0.2395 0.1931 0.0209  -0.0206 0.0578  54 TRP A CG  
443 C CD1 . TRP A 54 ? 0.1540 0.2835 0.2248 0.0201  -0.0339 0.0631  54 TRP A CD1 
444 C CD2 . TRP A 54 ? 0.1288 0.2549 0.2290 0.0239  -0.0179 0.0522  54 TRP A CD2 
445 N NE1 . TRP A 54 ? 0.1884 0.3270 0.2828 0.0228  -0.0409 0.0604  54 TRP A NE1 
446 C CE2 . TRP A 54 ? 0.1811 0.3184 0.2952 0.0251  -0.0300 0.0537  54 TRP A CE2 
447 C CE3 . TRP A 54 ? 0.1518 0.2741 0.2629 0.0252  -0.0064 0.0467  54 TRP A CE3 
448 C CZ2 . TRP A 54 ? 0.1415 0.2876 0.2844 0.0275  -0.0296 0.0495  54 TRP A CZ2 
449 C CZ3 . TRP A 54 ? 0.1030 0.2333 0.2382 0.0272  -0.0046 0.0429  54 TRP A CZ3 
450 C CH2 . TRP A 54 ? 0.1423 0.2851 0.2954 0.0283  -0.0155 0.0442  54 TRP A CH2 
451 N N   . HIS A 55 ? 0.1422 0.2342 0.2020 0.0191  0.0060  0.0597  55 HIS A N   
452 C CA  . HIS A 55 ? 0.1451 0.2316 0.1992 0.0164  0.0131  0.0575  55 HIS A CA  
453 C C   . HIS A 55 ? 0.1277 0.2174 0.1848 0.0161  0.0180  0.0485  55 HIS A C   
454 O O   . HIS A 55 ? 0.1231 0.2141 0.1898 0.0185  0.0183  0.0449  55 HIS A O   
455 C CB  . HIS A 55 ? 0.1475 0.2225 0.2088 0.0184  0.0144  0.0594  55 HIS A CB  
456 C CG  . HIS A 55 ? 0.1501 0.2188 0.2151 0.0201  0.0083  0.0685  55 HIS A CG  
457 N ND1 . HIS A 55 ? 0.1585 0.2237 0.2156 0.0157  0.0066  0.0781  55 HIS A ND1 
458 C CD2 . HIS A 55 ? 0.1583 0.2240 0.2364 0.0258  0.0036  0.0706  55 HIS A CD2 
459 C CE1 . HIS A 55 ? 0.1594 0.2175 0.2231 0.0184  -0.0003 0.0870  55 HIS A CE1 
460 N NE2 . HIS A 55 ? 0.1643 0.2223 0.2422 0.0253  -0.0026 0.0820  55 HIS A NE2 
461 N N   . CYS A 56 ? 0.0950 0.1860 0.1465 0.0133  0.0221  0.0455  56 CYS A N   
462 C CA  . CYS A 56 ? 0.1140 0.2063 0.1698 0.0132  0.0251  0.0387  56 CYS A CA  
463 C C   . CYS A 56 ? 0.1241 0.2126 0.1801 0.0121  0.0284  0.0380  56 CYS A C   
464 O O   . CYS A 56 ? 0.1268 0.2177 0.1800 0.0102  0.0299  0.0397  56 CYS A O   
465 C CB  . CYS A 56 ? 0.1335 0.2334 0.1866 0.0117  0.0241  0.0332  56 CYS A CB  
466 S SG  . CYS A 56 ? 0.1323 0.2308 0.1952 0.0115  0.0265  0.0255  56 CYS A SG  
467 N N   . ILE A 57 ? 0.0765 0.1603 0.1361 0.0129  0.0295  0.0364  57 ILE A N   
468 C CA  . ILE A 57 ? 0.0802 0.1605 0.1411 0.0122  0.0298  0.0364  57 ILE A CA  
469 C C   . ILE A 57 ? 0.1016 0.1819 0.1680 0.0126  0.0303  0.0337  57 ILE A C   
470 O O   . ILE A 57 ? 0.1107 0.1898 0.1788 0.0126  0.0311  0.0332  57 ILE A O   
471 C CB  . ILE A 57 ? 0.0904 0.1626 0.1467 0.0123  0.0289  0.0381  57 ILE A CB  
472 C CG1 . ILE A 57 ? 0.1756 0.2441 0.2295 0.0128  0.0283  0.0395  57 ILE A CG1 
473 C CG2 . ILE A 57 ? 0.1351 0.2046 0.1915 0.0108  0.0260  0.0391  57 ILE A CG2 
474 C CD1 . ILE A 57 ? 0.1859 0.2559 0.2412 0.0106  0.0268  0.0427  57 ILE A CD1 
475 N N   . VAL A 58 ? 0.0798 0.1618 0.1523 0.0128  0.0300  0.0322  58 VAL A N   
476 C CA  . VAL A 58 ? 0.1008 0.1803 0.1824 0.0138  0.0295  0.0302  58 VAL A CA  
477 C C   . VAL A 58 ? 0.1207 0.1968 0.2079 0.0146  0.0259  0.0341  58 VAL A C   
478 O O   . VAL A 58 ? 0.1027 0.1837 0.1946 0.0150  0.0253  0.0337  58 VAL A O   
479 C CB  . VAL A 58 ? 0.1140 0.1993 0.2025 0.0147  0.0320  0.0221  58 VAL A CB  
480 C CG1 . VAL A 58 ? 0.1176 0.1978 0.2205 0.0165  0.0308  0.0190  58 VAL A CG1 
481 C CG2 . VAL A 58 ? 0.1411 0.2298 0.2232 0.0133  0.0324  0.0187  58 VAL A CG2 
482 N N   A GLY A 59 ? 0.0697 0.1380 0.1568 0.0143  0.0228  0.0387  59 GLY A N   
483 N N   B GLY A 59 ? 0.1126 0.1809 0.1996 0.0143  0.0227  0.0388  59 GLY A N   
484 C CA  A GLY A 59 ? 0.1276 0.1921 0.2193 0.0151  0.0165  0.0441  59 GLY A CA  
485 C CA  B GLY A 59 ? 0.0949 0.1596 0.1858 0.0150  0.0163  0.0443  59 GLY A CA  
486 C C   A GLY A 59 ? 0.1022 0.1572 0.1931 0.0142  0.0135  0.0510  59 GLY A C   
487 C C   B GLY A 59 ? 0.1981 0.2531 0.2846 0.0137  0.0125  0.0523  59 GLY A C   
488 O O   A GLY A 59 ? 0.0898 0.1417 0.1900 0.0145  0.0157  0.0495  59 GLY A O   
489 O O   B GLY A 59 ? 0.1768 0.2281 0.2575 0.0116  0.0166  0.0536  59 GLY A O   
490 N N   A ARG A 60 ? 0.1336 0.1833 0.2119 0.0123  0.0082  0.0588  60 ARG A N   
491 N N   B ARG A 60 ? 0.1703 0.2218 0.2599 0.0146  0.0041  0.0587  60 ARG A N   
492 C CA  A ARG A 60 ? 0.1385 0.1784 0.2129 0.0106  0.0044  0.0688  60 ARG A CA  
493 C CA  B ARG A 60 ? 0.2182 0.2593 0.3025 0.0129  -0.0010 0.0693  60 ARG A CA  
494 C C   A ARG A 60 ? 0.2664 0.3027 0.3147 0.0064  0.0048  0.0742  60 ARG A C   
495 C C   B ARG A 60 ? 0.2553 0.2907 0.3133 0.0087  -0.0051 0.0778  60 ARG A C   
496 O O   A ARG A 60 ? 0.3160 0.3487 0.3539 0.0031  0.0111  0.0778  60 ARG A O   
497 O O   B ARG A 60 ? 0.3330 0.3605 0.3869 0.0073  -0.0116 0.0886  60 ARG A O   
498 C CB  A ARG A 60 ? 0.2635 0.3006 0.3523 0.0135  -0.0064 0.0747  60 ARG A CB  
499 C CB  B ARG A 60 ? 0.2312 0.2694 0.3389 0.0171  -0.0089 0.0730  60 ARG A CB  
500 C CG  A ARG A 60 ? 0.5213 0.5610 0.6389 0.0187  -0.0059 0.0685  60 ARG A CG  
501 C CG  B ARG A 60 ? 0.3274 0.3644 0.4565 0.0200  -0.0036 0.0659  60 ARG A CG  
502 C CD  A ARG A 60 ? 0.7409 0.7758 0.8764 0.0225  -0.0171 0.0763  60 ARG A CD  
503 C CD  B ARG A 60 ? 0.3431 0.3782 0.5007 0.0261  -0.0100 0.0658  60 ARG A CD  
504 N NE  A ARG A 60 ? 0.9192 0.9597 1.0855 0.0289  -0.0158 0.0670  60 ARG A NE  
505 N NE  B ARG A 60 ? 0.3340 0.3702 0.5111 0.0294  -0.0031 0.0532  60 ARG A NE  
506 C CZ  A ARG A 60 ? 1.0084 1.0421 1.1938 0.0319  -0.0133 0.0630  60 ARG A CZ  
507 C CZ  B ARG A 60 ? 0.5153 0.5397 0.7055 0.0299  -0.0034 0.0533  60 ARG A CZ  
508 N NH1 A ARG A 60 ? 1.1139 1.1347 1.2925 0.0282  -0.0128 0.0693  60 ARG A NH1 
509 N NH1 B ARG A 60 ? 0.4925 0.5031 0.6796 0.0268  -0.0098 0.0679  60 ARG A NH1 
510 N NH2 A ARG A 60 ? 1.0383 1.0782 1.2505 0.0383  -0.0107 0.0520  60 ARG A NH2 
511 N NH2 B ARG A 60 ? 0.3838 0.4095 0.5895 0.0326  0.0027  0.0386  60 ARG A NH2 
512 N N   A ASN A 61 ? 0.2886 0.3263 0.3271 0.0062  -0.0016 0.0736  61 ASN A N   
513 N N   B ASN A 61 ? 0.4373 0.4757 0.4774 0.0065  -0.0015 0.0728  61 ASN A N   
514 C CA  . ASN A 61 ? 0.3235 0.3566 0.3348 0.0023  -0.0030 0.0770  61 ASN A CA  
515 C C   . ASN A 61 ? 0.3891 0.4250 0.3882 0.0016  0.0010  0.0672  61 ASN A C   
516 O O   . ASN A 61 ? 0.3484 0.3800 0.3236 -0.0014 0.0002  0.0669  61 ASN A O   
517 C CB  . ASN A 61 ? 0.3371 0.3657 0.3411 0.0011  -0.0176 0.0860  61 ASN A CB  
518 C CG  . ASN A 61 ? 0.4254 0.4465 0.4338 0.0008  -0.0225 0.0996  61 ASN A CG  
519 O OD1 . ASN A 61 ? 0.5104 0.5302 0.5337 0.0034  -0.0349 0.1060  61 ASN A OD1 
520 N ND2 . ASN A 61 ? 0.4125 0.4288 0.4107 -0.0026 -0.0131 0.1046  61 ASN A ND2 
521 N N   . PHE A 62 ? 0.1896 0.2317 0.2039 0.0041  0.0049  0.0595  62 PHE A N   
522 C CA  . PHE A 62 ? 0.1423 0.1848 0.1495 0.0036  0.0067  0.0517  62 PHE A CA  
523 C C   . PHE A 62 ? 0.2144 0.2529 0.2032 0.0026  0.0154  0.0481  62 PHE A C   
524 O O   . PHE A 62 ? 0.2040 0.2432 0.1908 0.0023  0.0227  0.0513  62 PHE A O   
525 C CB  . PHE A 62 ? 0.1301 0.1790 0.1552 0.0058  0.0104  0.0469  62 PHE A CB  
526 C CG  . PHE A 62 ? 0.1040 0.1564 0.1354 0.0079  0.0191  0.0455  62 PHE A CG  
527 C CD1 . PHE A 62 ? 0.1264 0.1828 0.1715 0.0091  0.0199  0.0471  62 PHE A CD1 
528 C CD2 . PHE A 62 ? 0.0989 0.1506 0.1250 0.0086  0.0256  0.0416  62 PHE A CD2 
529 C CE1 . PHE A 62 ? 0.1517 0.2116 0.2025 0.0100  0.0260  0.0447  62 PHE A CE1 
530 C CE2 . PHE A 62 ? 0.1574 0.2142 0.1923 0.0102  0.0312  0.0405  62 PHE A CE2 
531 C CZ  . PHE A 62 ? 0.1515 0.2124 0.1974 0.0103  0.0309  0.0421  62 PHE A CZ  
532 N N   . GLY A 63 ? 0.1432 0.1780 0.1219 0.0021  0.0151  0.0408  63 GLY A N   
533 C CA  . GLY A 63 ? 0.1619 0.1941 0.1287 0.0028  0.0250  0.0340  63 GLY A CA  
534 C C   . GLY A 63 ? 0.1632 0.1957 0.1443 0.0059  0.0273  0.0271  63 GLY A C   
535 O O   . GLY A 63 ? 0.1567 0.1895 0.1495 0.0055  0.0204  0.0278  63 GLY A O   
536 N N   . SER A 64 ? 0.1821 0.2148 0.1646 0.0089  0.0368  0.0216  64 SER A N   
537 C CA  . SER A 64 ? 0.1620 0.1937 0.1599 0.0124  0.0377  0.0174  64 SER A CA  
538 C C   . SER A 64 ? 0.1951 0.2227 0.1906 0.0161  0.0458  0.0078  64 SER A C   
539 O O   . SER A 64 ? 0.1947 0.2246 0.1794 0.0161  0.0548  0.0045  64 SER A O   
540 C CB  . SER A 64 ? 0.2040 0.2448 0.2207 0.0148  0.0391  0.0231  64 SER A CB  
541 O OG  . SER A 64 ? 0.2589 0.3063 0.2787 0.0161  0.0471  0.0236  64 SER A OG  
542 N N   . TYR A 65 ? 0.1413 0.1629 0.1487 0.0189  0.0433  0.0037  65 TYR A N   
543 C CA  . TYR A 65 ? 0.1758 0.1933 0.1900 0.0243  0.0507  -0.0056 65 TYR A CA  
544 C C   . TYR A 65 ? 0.2098 0.2257 0.2471 0.0281  0.0461  -0.0015 65 TYR A C   
545 O O   . TYR A 65 ? 0.1772 0.1839 0.2179 0.0261  0.0381  0.0001  65 TYR A O   
546 C CB  . TYR A 65 ? 0.1811 0.1857 0.1793 0.0234  0.0510  -0.0184 65 TYR A CB  
547 C CG  . TYR A 65 ? 0.2344 0.2368 0.2379 0.0299  0.0624  -0.0309 65 TYR A CG  
548 C CD1 . TYR A 65 ? 0.2912 0.3018 0.2823 0.0306  0.0755  -0.0358 65 TYR A CD1 
549 C CD2 . TYR A 65 ? 0.2651 0.2575 0.2877 0.0355  0.0609  -0.0373 65 TYR A CD2 
550 C CE1 . TYR A 65 ? 0.3447 0.3554 0.3436 0.0371  0.0884  -0.0489 65 TYR A CE1 
551 C CE2 . TYR A 65 ? 0.3186 0.3091 0.3508 0.0430  0.0721  -0.0504 65 TYR A CE2 
552 C CZ  . TYR A 65 ? 0.3370 0.3380 0.3578 0.0439  0.0865  -0.0569 65 TYR A CZ  
553 O OH  . TYR A 65 ? 0.3908 0.3923 0.4241 0.0520  0.0997  -0.0713 65 TYR A OH  
554 N N   . VAL A 66 ? 0.1788 0.2043 0.2320 0.0329  0.0504  0.0018  66 VAL A N   
555 C CA  . VAL A 66 ? 0.1622 0.1884 0.2350 0.0363  0.0445  0.0087  66 VAL A CA  
556 C C   . VAL A 66 ? 0.1798 0.2086 0.2726 0.0445  0.0501  0.0036  66 VAL A C   
557 O O   . VAL A 66 ? 0.2087 0.2440 0.3012 0.0467  0.0607  -0.0042 66 VAL A O   
558 C CB  . VAL A 66 ? 0.1607 0.1990 0.2356 0.0333  0.0400  0.0198  66 VAL A CB  
559 C CG1 . VAL A 66 ? 0.1415 0.1798 0.2010 0.0265  0.0370  0.0229  66 VAL A CG1 
560 C CG2 . VAL A 66 ? 0.1881 0.2403 0.2708 0.0352  0.0460  0.0196  66 VAL A CG2 
561 N N   . THR A 67 ? 0.1625 0.1866 0.2735 0.0488  0.0432  0.0085  67 THR A N   
562 C CA  . THR A 67 ? 0.1808 0.2082 0.3174 0.0579  0.0457  0.0055  67 THR A CA  
563 C C   . THR A 67 ? 0.2036 0.2453 0.3536 0.0588  0.0388  0.0174  67 THR A C   
564 O O   . THR A 67 ? 0.2067 0.2449 0.3567 0.0570  0.0280  0.0286  67 THR A O   
565 C CB  . THR A 67 ? 0.2233 0.2325 0.3735 0.0630  0.0408  0.0030  67 THR A CB  
566 O OG1 . THR A 67 ? 0.2434 0.2392 0.3802 0.0617  0.0467  -0.0111 67 THR A OG1 
567 C CG2 . THR A 67 ? 0.2199 0.2327 0.4018 0.0740  0.0421  0.0006  67 THR A CG2 
568 N N   . HIS A 68 ? 0.1785 0.2366 0.3387 0.0605  0.0451  0.0149  68 HIS A N   
569 C CA  . HIS A 68 ? 0.1870 0.2597 0.3569 0.0593  0.0374  0.0244  68 HIS A CA  
570 C C   . HIS A 68 ? 0.2448 0.3265 0.4478 0.0679  0.0339  0.0255  68 HIS A C   
571 O O   . HIS A 68 ? 0.2838 0.3660 0.5055 0.0750  0.0424  0.0163  68 HIS A O   
572 C CB  . HIS A 68 ? 0.1870 0.2723 0.3473 0.0530  0.0436  0.0231  68 HIS A CB  
573 C CG  . HIS A 68 ? 0.2152 0.3113 0.3892 0.0553  0.0567  0.0149  68 HIS A CG  
574 N ND1 . HIS A 68 ? 0.2753 0.3677 0.4327 0.0526  0.0696  0.0074  68 HIS A ND1 
575 C CD2 . HIS A 68 ? 0.2723 0.3842 0.4752 0.0595  0.0594  0.0137  68 HIS A CD2 
576 C CE1 . HIS A 68 ? 0.2395 0.3448 0.4131 0.0545  0.0816  0.0020  68 HIS A CE1 
577 N NE2 . HIS A 68 ? 0.3314 0.4495 0.5354 0.0588  0.0760  0.0053  68 HIS A NE2 
578 N N   . GLU A 69 ? 0.1902 0.2797 0.4003 0.0673  0.0207  0.0361  69 GLU A N   
579 C CA  . GLU A 69 ? 0.2072 0.3087 0.4502 0.0746  0.0134  0.0393  69 GLU A CA  
580 C C   . GLU A 69 ? 0.2284 0.3499 0.4886 0.0741  0.0228  0.0320  69 GLU A C   
581 O O   . GLU A 69 ? 0.2005 0.3284 0.4445 0.0658  0.0266  0.0312  69 GLU A O   
582 C CB  . GLU A 69 ? 0.2034 0.3086 0.4414 0.0718  -0.0047 0.0532  69 GLU A CB  
583 C CG  . GLU A 69 ? 0.2658 0.3810 0.5373 0.0798  -0.0174 0.0595  69 GLU A CG  
584 C CD  . GLU A 69 ? 0.4211 0.5424 0.6827 0.0756  -0.0363 0.0727  69 GLU A CD  
585 O OE1 . GLU A 69 ? 0.3555 0.4676 0.5842 0.0684  -0.0400 0.0792  69 GLU A OE1 
586 O OE2 . GLU A 69 ? 0.5234 0.6598 0.8106 0.0795  -0.0476 0.0762  69 GLU A OE2 
587 N N   . THR A 70 ? 0.1728 0.3043 0.4687 0.0829  0.0269  0.0270  70 THR A N   
588 C CA  . THR A 70 ? 0.1442 0.2975 0.4625 0.0819  0.0367  0.0212  70 THR A CA  
589 C C   . THR A 70 ? 0.1629 0.3293 0.4789 0.0737  0.0252  0.0284  70 THR A C   
590 O O   . THR A 70 ? 0.1617 0.3282 0.4781 0.0741  0.0067  0.0377  70 THR A O   
591 C CB  . THR A 70 ? 0.2349 0.4014 0.6010 0.0934  0.0389  0.0168  70 THR A CB  
592 O OG1 . THR A 70 ? 0.4341 0.6012 0.8189 0.0990  0.0174  0.0278  70 THR A OG1 
593 C CG2 . THR A 70 ? 0.4954 0.6492 0.8646 0.1015  0.0536  0.0052  70 THR A CG2 
594 N N   . ARG A 71 ? 0.1485 0.3241 0.4591 0.0658  0.0360  0.0242  71 ARG A N   
595 C CA  . ARG A 71 ? 0.1192 0.3070 0.4315 0.0573  0.0274  0.0278  71 ARG A CA  
596 C C   . ARG A 71 ? 0.1189 0.2947 0.3960 0.0506  0.0157  0.0331  71 ARG A C   
597 O O   . ARG A 71 ? 0.1508 0.3343 0.4279 0.0448  0.0051  0.0351  71 ARG A O   
598 C CB  . ARG A 71 ? 0.1679 0.3757 0.5204 0.0611  0.0147  0.0305  71 ARG A CB  
599 C CG  . ARG A 71 ? 0.1989 0.4241 0.5930 0.0667  0.0283  0.0242  71 ARG A CG  
600 C CD  . ARG A 71 ? 0.2300 0.4687 0.6313 0.0569  0.0415  0.0204  71 ARG A CD  
601 N NE  . ARG A 71 ? 0.2627 0.5183 0.6870 0.0513  0.0262  0.0236  71 ARG A NE  
602 C CZ  . ARG A 71 ? 0.3323 0.6002 0.7685 0.0411  0.0321  0.0219  71 ARG A CZ  
603 N NH1 . ARG A 71 ? 0.1919 0.4745 0.6506 0.0360  0.0155  0.0235  71 ARG A NH1 
604 N NH2 . ARG A 71 ? 0.2554 0.5200 0.6803 0.0354  0.0533  0.0191  71 ARG A NH2 
605 N N   . HIS A 72 ? 0.1102 0.2672 0.3580 0.0510  0.0184  0.0342  72 HIS A N   
606 C CA  . HIS A 72 ? 0.0967 0.2435 0.3127 0.0452  0.0103  0.0385  72 HIS A CA  
607 C C   . HIS A 72 ? 0.1543 0.2875 0.3437 0.0413  0.0216  0.0354  72 HIS A C   
608 O O   . HIS A 72 ? 0.1459 0.2659 0.3155 0.0416  0.0195  0.0382  72 HIS A O   
609 C CB  . HIS A 72 ? 0.1281 0.2682 0.3383 0.0490  -0.0039 0.0469  72 HIS A CB  
610 C CG  . HIS A 72 ? 0.1976 0.3511 0.4292 0.0516  -0.0193 0.0520  72 HIS A CG  
611 N ND1 . HIS A 72 ? 0.3142 0.4751 0.5800 0.0603  -0.0223 0.0533  72 HIS A ND1 
612 C CD2 . HIS A 72 ? 0.2734 0.4352 0.4982 0.0467  -0.0333 0.0554  72 HIS A CD2 
613 C CE1 . HIS A 72 ? 0.3376 0.5112 0.6178 0.0606  -0.0392 0.0588  72 HIS A CE1 
614 N NE2 . HIS A 72 ? 0.2391 0.4131 0.4927 0.0520  -0.0464 0.0599  72 HIS A NE2 
615 N N   . PHE A 73 ? 0.1241 0.2607 0.3141 0.0373  0.0331  0.0308  73 PHE A N   
616 C CA  . PHE A 73 ? 0.1485 0.2731 0.3144 0.0338  0.0422  0.0289  73 PHE A CA  
617 C C   . PHE A 73 ? 0.1270 0.2558 0.2911 0.0266  0.0481  0.0282  73 PHE A C   
618 O O   . PHE A 73 ? 0.0981 0.2384 0.2819 0.0251  0.0541  0.0270  73 PHE A O   
619 C CB  . PHE A 73 ? 0.1678 0.2870 0.3340 0.0386  0.0533  0.0242  73 PHE A CB  
620 C CG  . PHE A 73 ? 0.1556 0.2649 0.2973 0.0344  0.0622  0.0221  73 PHE A CG  
621 C CD1 . PHE A 73 ? 0.1719 0.2670 0.2921 0.0339  0.0580  0.0227  73 PHE A CD1 
622 C CD2 . PHE A 73 ? 0.2579 0.3726 0.3989 0.0306  0.0742  0.0205  73 PHE A CD2 
623 C CE1 . PHE A 73 ? 0.1857 0.2724 0.2843 0.0301  0.0636  0.0211  73 PHE A CE1 
624 C CE2 . PHE A 73 ? 0.3907 0.4957 0.5063 0.0264  0.0803  0.0203  73 PHE A CE2 
625 C CZ  . PHE A 73 ? 0.2885 0.3798 0.3832 0.0266  0.0739  0.0203  73 PHE A CZ  
626 N N   . ILE A 74 ? 0.1035 0.2230 0.2466 0.0221  0.0466  0.0297  74 ILE A N   
627 C CA  . ILE A 74 ? 0.1047 0.2237 0.2456 0.0157  0.0523  0.0304  74 ILE A CA  
628 C C   . ILE A 74 ? 0.0986 0.2043 0.2158 0.0138  0.0533  0.0322  74 ILE A C   
629 O O   . ILE A 74 ? 0.1204 0.2200 0.2261 0.0153  0.0466  0.0323  74 ILE A O   
630 C CB  . ILE A 74 ? 0.0961 0.2219 0.2500 0.0110  0.0450  0.0298  74 ILE A CB  
631 C CG1 . ILE A 74 ? 0.1010 0.2256 0.2598 0.0041  0.0516  0.0317  74 ILE A CG1 
632 C CG2 . ILE A 74 ? 0.1028 0.2232 0.2430 0.0112  0.0344  0.0285  74 ILE A CG2 
633 C CD1 . ILE A 74 ? 0.1303 0.2602 0.3059 -0.0011 0.0444  0.0292  74 ILE A CD1 
634 N N   . TYR A 75 ? 0.1058 0.2080 0.2164 0.0101  0.0613  0.0347  75 TYR A N   
635 C CA  . TYR A 75 ? 0.0949 0.1854 0.1858 0.0078  0.0602  0.0380  75 TYR A CA  
636 C C   . TYR A 75 ? 0.1435 0.2327 0.2394 0.0018  0.0626  0.0430  75 TYR A C   
637 O O   . TYR A 75 ? 0.1414 0.2353 0.2428 -0.0016 0.0716  0.0458  75 TYR A O   
638 C CB  . TYR A 75 ? 0.1473 0.2321 0.2203 0.0093  0.0662  0.0375  75 TYR A CB  
639 C CG  . TYR A 75 ? 0.1700 0.2442 0.2227 0.0063  0.0640  0.0420  75 TYR A CG  
640 C CD1 . TYR A 75 ? 0.1603 0.2290 0.2097 0.0068  0.0542  0.0433  75 TYR A CD1 
641 C CD2 . TYR A 75 ? 0.2464 0.3176 0.2833 0.0030  0.0713  0.0453  75 TYR A CD2 
642 C CE1 . TYR A 75 ? 0.2093 0.2696 0.2446 0.0046  0.0502  0.0483  75 TYR A CE1 
643 C CE2 . TYR A 75 ? 0.2926 0.3541 0.3098 0.0001  0.0665  0.0510  75 TYR A CE2 
644 C CZ  . TYR A 75 ? 0.2593 0.3155 0.2778 0.0014  0.0550  0.0525  75 TYR A CZ  
645 O OH  . TYR A 75 ? 0.3223 0.3707 0.3261 -0.0008 0.0482  0.0589  75 TYR A OH  
646 N N   . PHE A 76 ? 0.1356 0.2191 0.2324 0.0004  0.0553  0.0440  76 PHE A N   
647 C CA  . PHE A 76 ? 0.1266 0.2066 0.2333 -0.0054 0.0559  0.0485  76 PHE A CA  
648 C C   . PHE A 76 ? 0.1380 0.2065 0.2394 -0.0050 0.0491  0.0508  76 PHE A C   
649 O O   . PHE A 76 ? 0.1347 0.2013 0.2283 -0.0008 0.0441  0.0473  76 PHE A O   
650 C CB  . PHE A 76 ? 0.1255 0.2140 0.2552 -0.0077 0.0535  0.0434  76 PHE A CB  
651 C CG  . PHE A 76 ? 0.1165 0.2059 0.2484 -0.0047 0.0438  0.0353  76 PHE A CG  
652 C CD1 . PHE A 76 ? 0.1316 0.2279 0.2582 0.0000  0.0404  0.0311  76 PHE A CD1 
653 C CD2 . PHE A 76 ? 0.1398 0.2232 0.2797 -0.0072 0.0386  0.0315  76 PHE A CD2 
654 C CE1 . PHE A 76 ? 0.1325 0.2309 0.2573 0.0016  0.0326  0.0247  76 PHE A CE1 
655 C CE2 . PHE A 76 ? 0.1032 0.1890 0.2422 -0.0049 0.0315  0.0221  76 PHE A CE2 
656 C CZ  . PHE A 76 ? 0.1050 0.1991 0.2344 -0.0010 0.0289  0.0194  76 PHE A CZ  
657 N N   . TYR A 77 ? 0.1492 0.2102 0.2575 -0.0098 0.0495  0.0573  77 TYR A N   
658 C CA  . TYR A 77 ? 0.1674 0.2172 0.2784 -0.0088 0.0424  0.0593  77 TYR A CA  
659 C C   . TYR A 77 ? 0.1853 0.2324 0.3182 -0.0110 0.0391  0.0538  77 TYR A C   
660 O O   . TYR A 77 ? 0.1695 0.2197 0.3156 -0.0165 0.0423  0.0544  77 TYR A O   
661 C CB  . TYR A 77 ? 0.1918 0.2310 0.2929 -0.0122 0.0431  0.0731  77 TYR A CB  
662 C CG  . TYR A 77 ? 0.2256 0.2637 0.3028 -0.0095 0.0419  0.0771  77 TYR A CG  
663 C CD1 . TYR A 77 ? 0.2729 0.3038 0.3468 -0.0061 0.0327  0.0800  77 TYR A CD1 
664 C CD2 . TYR A 77 ? 0.3381 0.3825 0.3983 -0.0105 0.0495  0.0769  77 TYR A CD2 
665 C CE1 . TYR A 77 ? 0.2825 0.3124 0.3357 -0.0048 0.0295  0.0833  77 TYR A CE1 
666 C CE2 . TYR A 77 ? 0.3469 0.3888 0.3841 -0.0088 0.0472  0.0785  77 TYR A CE2 
667 C CZ  . TYR A 77 ? 0.3379 0.3725 0.3716 -0.0065 0.0363  0.0819  77 TYR A CZ  
668 O OH  . TYR A 77 ? 0.3887 0.4211 0.4015 -0.0057 0.0316  0.0831  77 TYR A OH  
669 N N   . LEU A 78 ? 0.1351 0.1769 0.2736 -0.0069 0.0327  0.0473  78 LEU A N   
670 C CA  A LEU A 78 ? 0.1760 0.2105 0.3346 -0.0086 0.0291  0.0411  78 LEU A CA  
671 C CA  B LEU A 78 ? 0.1611 0.1954 0.3200 -0.0086 0.0290  0.0412  78 LEU A CA  
672 C C   . LEU A 78 ? 0.2025 0.2230 0.3658 -0.0057 0.0247  0.0476  78 LEU A C   
673 O O   . LEU A 78 ? 0.2293 0.2510 0.3883 0.0006  0.0221  0.0440  78 LEU A O   
674 C CB  A LEU A 78 ? 0.2185 0.2611 0.3795 -0.0054 0.0266  0.0247  78 LEU A CB  
675 C CB  B LEU A 78 ? 0.1791 0.2202 0.3414 -0.0053 0.0262  0.0245  78 LEU A CB  
676 C CG  A LEU A 78 ? 0.1669 0.2079 0.3446 -0.0085 0.0231  0.0121  78 LEU A CG  
677 C CG  B LEU A 78 ? 0.0418 0.0960 0.2031 -0.0079 0.0265  0.0174  78 LEU A CG  
678 C CD1 A LEU A 78 ? 0.0735 0.1151 0.2652 -0.0168 0.0240  0.0168  78 LEU A CD1 
679 C CD1 B LEU A 78 ? 0.1327 0.1922 0.2923 -0.0055 0.0226  0.0019  78 LEU A CD1 
680 C CD2 A LEU A 78 ? 0.2374 0.2904 0.4055 -0.0060 0.0213  -0.0014 78 LEU A CD2 
681 C CD2 B LEU A 78 ? 0.1324 0.1859 0.3111 -0.0155 0.0271  0.0202  78 LEU A CD2 
682 N N   . GLY A 79 ? 0.2029 0.2110 0.3765 -0.0106 0.0239  0.0586  79 GLY A N   
683 C CA  . GLY A 79 ? 0.2152 0.2096 0.3914 -0.0080 0.0182  0.0699  79 GLY A CA  
684 C C   . GLY A 79 ? 0.2462 0.2460 0.3975 -0.0058 0.0181  0.0790  79 GLY A C   
685 O O   . GLY A 79 ? 0.2429 0.2488 0.3759 -0.0101 0.0240  0.0852  79 GLY A O   
686 N N   . GLN A 80 ? 0.2355 0.2338 0.3878 0.0010  0.0115  0.0783  80 GLN A N   
687 C CA  . GLN A 80 ? 0.2438 0.2466 0.3747 0.0027  0.0088  0.0855  80 GLN A CA  
688 C C   . GLN A 80 ? 0.2241 0.2416 0.3455 0.0062  0.0121  0.0731  80 GLN A C   
689 O O   . GLN A 80 ? 0.2637 0.2852 0.3695 0.0073  0.0096  0.0764  80 GLN A O   
690 C CB  . GLN A 80 ? 0.3045 0.2988 0.4451 0.0075  -0.0023 0.0937  80 GLN A CB  
691 C CG  . GLN A 80 ? 0.4135 0.3911 0.5586 0.0037  -0.0080 0.1116  80 GLN A CG  
692 C CD  . GLN A 80 ? 0.6858 0.6614 0.7998 -0.0025 -0.0088 0.1284  80 GLN A CD  
693 O OE1 . GLN A 80 ? 0.7874 0.7678 0.8833 -0.0090 0.0014  0.1293  80 GLN A OE1 
694 N NE2 . GLN A 80 ? 0.8145 0.7838 0.9227 -0.0005 -0.0209 0.1413  80 GLN A NE2 
695 N N   . VAL A 81 ? 0.1605 0.1852 0.2906 0.0073  0.0168  0.0595  81 VAL A N   
696 C CA  . VAL A 81 ? 0.1494 0.1867 0.2715 0.0100  0.0196  0.0496  81 VAL A CA  
697 C C   . VAL A 81 ? 0.1657 0.2092 0.2717 0.0063  0.0252  0.0505  81 VAL A C   
698 O O   . VAL A 81 ? 0.1707 0.2157 0.2818 0.0030  0.0289  0.0485  81 VAL A O   
699 C CB  . VAL A 81 ? 0.1614 0.2037 0.2967 0.0124  0.0215  0.0352  81 VAL A CB  
700 C CG1 . VAL A 81 ? 0.1692 0.2241 0.2937 0.0140  0.0247  0.0279  81 VAL A CG1 
701 C CG2 . VAL A 81 ? 0.2227 0.2591 0.3783 0.0171  0.0181  0.0312  81 VAL A CG2 
702 N N   . ALA A 82 ? 0.1345 0.1822 0.2250 0.0072  0.0255  0.0522  82 ALA A N   
703 C CA  . ALA A 82 ? 0.1210 0.1742 0.1997 0.0055  0.0309  0.0513  82 ALA A CA  
704 C C   . ALA A 82 ? 0.1304 0.1922 0.2107 0.0081  0.0317  0.0425  82 ALA A C   
705 O O   . ALA A 82 ? 0.1409 0.2052 0.2224 0.0105  0.0291  0.0393  82 ALA A O   
706 C CB  . ALA A 82 ? 0.1889 0.2391 0.2490 0.0049  0.0304  0.0566  82 ALA A CB  
707 N N   . ILE A 83 ? 0.1049 0.1722 0.1865 0.0071  0.0354  0.0400  83 ILE A N   
708 C CA  . ILE A 83 ? 0.1225 0.1976 0.2050 0.0089  0.0346  0.0342  83 ILE A CA  
709 C C   . ILE A 83 ? 0.0992 0.1775 0.1777 0.0096  0.0377  0.0355  83 ILE A C   
710 O O   . ILE A 83 ? 0.1221 0.2023 0.2056 0.0080  0.0420  0.0369  83 ILE A O   
711 C CB  . ILE A 83 ? 0.1553 0.2349 0.2491 0.0075  0.0329  0.0282  83 ILE A CB  
712 C CG1 . ILE A 83 ? 0.1688 0.2443 0.2684 0.0080  0.0308  0.0238  83 ILE A CG1 
713 C CG2 . ILE A 83 ? 0.1383 0.2262 0.2287 0.0088  0.0303  0.0242  83 ILE A CG2 
714 C CD1 . ILE A 83 ? 0.2643 0.3356 0.3776 0.0051  0.0298  0.0212  83 ILE A CD1 
715 N N   . LEU A 84 ? 0.1130 0.1921 0.1851 0.0120  0.0362  0.0349  84 LEU A N   
716 C CA  . LEU A 84 ? 0.1032 0.1842 0.1756 0.0143  0.0381  0.0347  84 LEU A CA  
717 C C   . LEU A 84 ? 0.1152 0.2020 0.1917 0.0158  0.0334  0.0339  84 LEU A C   
718 O O   . LEU A 84 ? 0.1127 0.1993 0.1834 0.0153  0.0303  0.0344  84 LEU A O   
719 C CB  . LEU A 84 ? 0.1069 0.1804 0.1682 0.0153  0.0389  0.0353  84 LEU A CB  
720 C CG  . LEU A 84 ? 0.1256 0.1983 0.1894 0.0187  0.0396  0.0337  84 LEU A CG  
721 C CD1 . LEU A 84 ? 0.1534 0.2305 0.2253 0.0205  0.0464  0.0313  84 LEU A CD1 
722 C CD2 . LEU A 84 ? 0.1821 0.2451 0.2354 0.0187  0.0385  0.0326  84 LEU A CD2 
723 N N   . LEU A 85 ? 0.0877 0.1811 0.1750 0.0173  0.0326  0.0334  85 LEU A N   
724 C CA  . LEU A 85 ? 0.1057 0.2050 0.1958 0.0184  0.0255  0.0344  85 LEU A CA  
725 C C   . LEU A 85 ? 0.1016 0.2037 0.2035 0.0227  0.0247  0.0361  85 LEU A C   
726 O O   . LEU A 85 ? 0.0989 0.2064 0.2148 0.0235  0.0287  0.0340  85 LEU A O   
727 C CB  . LEU A 85 ? 0.1038 0.2106 0.1995 0.0154  0.0218  0.0307  85 LEU A CB  
728 C CG  . LEU A 85 ? 0.1227 0.2373 0.2186 0.0152  0.0126  0.0306  85 LEU A CG  
729 C CD1 . LEU A 85 ? 0.1171 0.2292 0.1943 0.0147  0.0102  0.0331  85 LEU A CD1 
730 C CD2 . LEU A 85 ? 0.1175 0.2382 0.2210 0.0111  0.0091  0.0239  85 LEU A CD2 
731 N N   . PHE A 86 ? 0.1164 0.2149 0.2151 0.0254  0.0199  0.0404  86 PHE A N   
732 C CA  . PHE A 86 ? 0.0828 0.1816 0.1965 0.0311  0.0187  0.0420  86 PHE A CA  
733 C C   . PHE A 86 ? 0.1235 0.2197 0.2359 0.0331  0.0091  0.0497  86 PHE A C   
734 O O   . PHE A 86 ? 0.1407 0.2331 0.2368 0.0294  0.0063  0.0540  86 PHE A O   
735 C CB  . PHE A 86 ? 0.1333 0.2231 0.2470 0.0336  0.0276  0.0379  86 PHE A CB  
736 C CG  . PHE A 86 ? 0.1291 0.2059 0.2288 0.0326  0.0267  0.0397  86 PHE A CG  
737 C CD1 . PHE A 86 ? 0.1551 0.2287 0.2391 0.0274  0.0279  0.0397  86 PHE A CD1 
738 C CD2 . PHE A 86 ? 0.1717 0.2395 0.2777 0.0367  0.0238  0.0417  86 PHE A CD2 
739 C CE1 . PHE A 86 ? 0.1788 0.2427 0.2543 0.0255  0.0265  0.0415  86 PHE A CE1 
740 C CE2 . PHE A 86 ? 0.1461 0.2016 0.2424 0.0343  0.0224  0.0436  86 PHE A CE2 
741 C CZ  . PHE A 86 ? 0.1365 0.1912 0.2176 0.0283  0.0238  0.0434  86 PHE A CZ  
742 N N   . LYS A 87 ? 0.1207 0.2192 0.2518 0.0389  0.0045  0.0521  87 LYS A N   
743 C CA  . LYS A 87 ? 0.1226 0.2141 0.2562 0.0422  -0.0044 0.0613  87 LYS A CA  
744 C C   . LYS A 87 ? 0.1516 0.2306 0.2960 0.0477  0.0012  0.0584  87 LYS A C   
745 O O   . LYS A 87 ? 0.1763 0.2577 0.3338 0.0515  0.0100  0.0492  87 LYS A O   
746 C CB  . LYS A 87 ? 0.1630 0.2652 0.3144 0.0462  -0.0160 0.0666  87 LYS A CB  
747 C CG  . LYS A 87 ? 0.1970 0.3111 0.3371 0.0407  -0.0247 0.0687  87 LYS A CG  
748 C CD  . LYS A 87 ? 0.2763 0.3981 0.4319 0.0448  -0.0404 0.0771  87 LYS A CD  
749 C CE  . LYS A 87 ? 0.3186 0.4492 0.4546 0.0385  -0.0519 0.0806  87 LYS A CE  
750 N NZ  . LYS A 87 ? 0.3105 0.4469 0.4555 0.0418  -0.0706 0.0920  87 LYS A NZ  
751 N N   . SER A 88 ? 0.1821 0.2477 0.3213 0.0477  -0.0033 0.0657  88 SER A N   
752 C CA  . SER A 88 ? 0.1517 0.2021 0.3009 0.0522  0.0007  0.0615  88 SER A CA  
753 C C   . SER A 88 ? 0.2145 0.2648 0.3928 0.0622  -0.0031 0.0614  88 SER A C   
754 O O   . SER A 88 ? 0.2295 0.2864 0.4187 0.0648  -0.0144 0.0714  88 SER A O   
755 C CB  . SER A 88 ? 0.2037 0.2388 0.3418 0.0479  -0.0039 0.0705  88 SER A CB  
756 O OG  . SER A 88 ? 0.2204 0.2387 0.3700 0.0517  -0.0016 0.0652  88 SER A OG  
757 N N   . GLY A 89 ? 0.2075 0.2508 0.3986 0.0678  0.0060  0.0495  89 GLY A N   
758 C CA  . GLY A 89 ? 0.2572 0.2973 0.4802 0.0787  0.0039  0.0474  89 GLY A CA  
759 C C   . GLY A 89 ? 0.6247 0.6415 0.8512 0.0805  -0.0018 0.0518  89 GLY A C   
760 O O   . GLY A 89 ? 0.4731 0.4799 0.6792 0.0726  -0.0068 0.0609  89 GLY A O   
761 O OXT . GLY A 89 ? 0.7206 0.7274 0.9722 0.0897  -0.0009 0.0459  89 GLY A OXT 
# 
